data_1E5B
# 
_entry.id   1E5B 
# 
_audit_conform.dict_name       mmcif_pdbx.dic 
_audit_conform.dict_version    5.398 
_audit_conform.dict_location   http://mmcif.pdb.org/dictionaries/ascii/mmcif_pdbx.dic 
# 
loop_
_database_2.database_id 
_database_2.database_code 
_database_2.pdbx_database_accession 
_database_2.pdbx_DOI 
PDB   1E5B         pdb_00001e5b 10.2210/pdb1e5b/pdb 
PDBE  EBI-5190     ?            ?                   
WWPDB D_1290005190 ?            ?                   
# 
loop_
_pdbx_audit_revision_history.ordinal 
_pdbx_audit_revision_history.data_content_type 
_pdbx_audit_revision_history.major_revision 
_pdbx_audit_revision_history.minor_revision 
_pdbx_audit_revision_history.revision_date 
1 'Structure model' 1 0 2001-05-25 
2 'Structure model' 1 1 2011-05-08 
3 'Structure model' 1 2 2011-07-13 
4 'Structure model' 1 3 2018-10-24 
5 'Structure model' 1 4 2024-11-13 
# 
_pdbx_audit_revision_details.ordinal             1 
_pdbx_audit_revision_details.revision_ordinal    1 
_pdbx_audit_revision_details.data_content_type   'Structure model' 
_pdbx_audit_revision_details.provider            repository 
_pdbx_audit_revision_details.type                'Initial release' 
_pdbx_audit_revision_details.description         ? 
_pdbx_audit_revision_details.details             ? 
# 
loop_
_pdbx_audit_revision_group.ordinal 
_pdbx_audit_revision_group.revision_ordinal 
_pdbx_audit_revision_group.data_content_type 
_pdbx_audit_revision_group.group 
1 2 'Structure model' 'Version format compliance' 
2 3 'Structure model' 'Version format compliance' 
3 4 'Structure model' 'Data collection'           
4 4 'Structure model' 'Source and taxonomy'       
5 5 'Structure model' 'Data collection'           
6 5 'Structure model' 'Database references'       
7 5 'Structure model' Other                       
8 5 'Structure model' 'Structure summary'         
# 
loop_
_pdbx_audit_revision_category.ordinal 
_pdbx_audit_revision_category.revision_ordinal 
_pdbx_audit_revision_category.data_content_type 
_pdbx_audit_revision_category.category 
1 4 'Structure model' entity_src_gen            
2 5 'Structure model' chem_comp_atom            
3 5 'Structure model' chem_comp_bond            
4 5 'Structure model' database_2                
5 5 'Structure model' pdbx_database_status      
6 5 'Structure model' pdbx_entry_details        
7 5 'Structure model' pdbx_modification_feature 
8 5 'Structure model' pdbx_nmr_software         
# 
loop_
_pdbx_audit_revision_item.ordinal 
_pdbx_audit_revision_item.revision_ordinal 
_pdbx_audit_revision_item.data_content_type 
_pdbx_audit_revision_item.item 
1 4 'Structure model' '_entity_src_gen.gene_src_strain'              
2 5 'Structure model' '_database_2.pdbx_DOI'                         
3 5 'Structure model' '_database_2.pdbx_database_accession'          
4 5 'Structure model' '_pdbx_database_status.status_code_mr'         
5 5 'Structure model' '_pdbx_entry_details.has_protein_modification' 
6 5 'Structure model' '_pdbx_nmr_software.name'                      
# 
_pdbx_database_status.status_code                     REL 
_pdbx_database_status.entry_id                        1E5B 
_pdbx_database_status.deposit_site                    PDBE 
_pdbx_database_status.process_site                    PDBE 
_pdbx_database_status.SG_entry                        . 
_pdbx_database_status.recvd_initial_deposition_date   2000-07-24 
_pdbx_database_status.pdb_format_compatible           Y 
_pdbx_database_status.status_code_sf                  ? 
_pdbx_database_status.status_code_mr                  REL 
_pdbx_database_status.status_code_cs                  ? 
_pdbx_database_status.methods_development_category    ? 
_pdbx_database_status.status_code_nmr_data            ? 
# 
loop_
_pdbx_database_related.db_name 
_pdbx_database_related.db_id 
_pdbx_database_related.content_type 
_pdbx_database_related.details 
PDB 2XBD unspecified 'INTERNAL XYLAN BINDING DOMAIN FROM CELLULOMONAS FIMI XYLANASE D, NMR, MINIMIZED AVERAGE STRUCTURE' 
PDB 1XBD unspecified 'INTERNAL XYLAN BINDING DOMAIN FROM CELLULOMONAS FIMI XYLANASE D, NMR, 5 STRUCTURES'                
PDB 1E5C unspecified 'INTERNAL XYLAN BINDING DOMAIN FROM C. FIMI XYN10A, R262G MUTANT'                                   
# 
loop_
_audit_author.name 
_audit_author.pdbx_ordinal 
'Simpson, P.J.'    1 
'Hefang, X.'       2 
'Bolam, D.N.'      3 
'Gilbert, H.J.'    4 
'Williamson, M.P.' 5 
# 
_citation.id                        primary 
_citation.title                     'The Structural Basis for the Ligand Specificity of Family 2 Carbohydrate Binding Nodules' 
_citation.journal_abbrev            J.Biol.Chem. 
_citation.journal_volume            275 
_citation.page_first                41137 
_citation.page_last                 ? 
_citation.year                      2000 
_citation.journal_id_ASTM           JBCHA3 
_citation.country                   US 
_citation.journal_id_ISSN           0021-9258 
_citation.journal_id_CSD            0071 
_citation.book_publisher            ? 
_citation.pdbx_database_id_PubMed   10973978 
_citation.pdbx_database_id_DOI      10.1074/JBC.M006948200 
# 
loop_
_citation_author.citation_id 
_citation_author.name 
_citation_author.ordinal 
_citation_author.identifier_ORCID 
primary 'Simpson, P.J.'    1 ? 
primary 'Hefang, X.'       2 ? 
primary 'Bolam, D.N.'      3 ? 
primary 'Gilbert, H.J.'    4 ? 
primary 'Williamson, M.P.' 5 ? 
# 
_entity.id                         1 
_entity.type                       polymer 
_entity.src_method                 man 
_entity.pdbx_description           'XYLANASE D' 
_entity.formula_weight             8687.275 
_entity.pdbx_number_of_molecules   1 
_entity.pdbx_ec                    3.2.1.8 
_entity.pdbx_mutation              YES 
_entity.pdbx_fragment              'XYLAN BINDING DOMAIN 1' 
_entity.details                    ? 
# 
_entity_name_com.entity_id   1 
_entity_name_com.name        'XBD1,ENDO-1,4-BETA-XYLANASE D' 
# 
_entity_poly.entity_id                      1 
_entity_poly.type                           'polypeptide(L)' 
_entity_poly.nstd_linkage                   no 
_entity_poly.nstd_monomer                   no 
_entity_poly.pdbx_seq_one_letter_code       
;TGCSVTATRAEEWSDGFNVTYSVSGSSAWTVNLALNGSQTIQASWNANVTGSGSTRTVTPNGSGNTFGVTVMKNGSSTTP
AATCAGS
;
_entity_poly.pdbx_seq_one_letter_code_can   
;TGCSVTATRAEEWSDGFNVTYSVSGSSAWTVNLALNGSQTIQASWNANVTGSGSTRTVTPNGSGNTFGVTVMKNGSSTTP
AATCAGS
;
_entity_poly.pdbx_strand_id                 A 
_entity_poly.pdbx_target_identifier         ? 
# 
loop_
_entity_poly_seq.entity_id 
_entity_poly_seq.num 
_entity_poly_seq.mon_id 
_entity_poly_seq.hetero 
1 1  THR n 
1 2  GLY n 
1 3  CYS n 
1 4  SER n 
1 5  VAL n 
1 6  THR n 
1 7  ALA n 
1 8  THR n 
1 9  ARG n 
1 10 ALA n 
1 11 GLU n 
1 12 GLU n 
1 13 TRP n 
1 14 SER n 
1 15 ASP n 
1 16 GLY n 
1 17 PHE n 
1 18 ASN n 
1 19 VAL n 
1 20 THR n 
1 21 TYR n 
1 22 SER n 
1 23 VAL n 
1 24 SER n 
1 25 GLY n 
1 26 SER n 
1 27 SER n 
1 28 ALA n 
1 29 TRP n 
1 30 THR n 
1 31 VAL n 
1 32 ASN n 
1 33 LEU n 
1 34 ALA n 
1 35 LEU n 
1 36 ASN n 
1 37 GLY n 
1 38 SER n 
1 39 GLN n 
1 40 THR n 
1 41 ILE n 
1 42 GLN n 
1 43 ALA n 
1 44 SER n 
1 45 TRP n 
1 46 ASN n 
1 47 ALA n 
1 48 ASN n 
1 49 VAL n 
1 50 THR n 
1 51 GLY n 
1 52 SER n 
1 53 GLY n 
1 54 SER n 
1 55 THR n 
1 56 ARG n 
1 57 THR n 
1 58 VAL n 
1 59 THR n 
1 60 PRO n 
1 61 ASN n 
1 62 GLY n 
1 63 SER n 
1 64 GLY n 
1 65 ASN n 
1 66 THR n 
1 67 PHE n 
1 68 GLY n 
1 69 VAL n 
1 70 THR n 
1 71 VAL n 
1 72 MET n 
1 73 LYS n 
1 74 ASN n 
1 75 GLY n 
1 76 SER n 
1 77 SER n 
1 78 THR n 
1 79 THR n 
1 80 PRO n 
1 81 ALA n 
1 82 ALA n 
1 83 THR n 
1 84 CYS n 
1 85 ALA n 
1 86 GLY n 
1 87 SER n 
# 
_entity_src_gen.entity_id                          1 
_entity_src_gen.pdbx_src_id                        1 
_entity_src_gen.pdbx_alt_source_flag               sample 
_entity_src_gen.pdbx_seq_type                      ? 
_entity_src_gen.pdbx_beg_seq_num                   ? 
_entity_src_gen.pdbx_end_seq_num                   ? 
_entity_src_gen.gene_src_common_name               ? 
_entity_src_gen.gene_src_genus                     ? 
_entity_src_gen.pdbx_gene_src_gene                 ? 
_entity_src_gen.gene_src_species                   ? 
_entity_src_gen.gene_src_strain                    ? 
_entity_src_gen.gene_src_tissue                    ? 
_entity_src_gen.gene_src_tissue_fraction           ? 
_entity_src_gen.gene_src_details                   ? 
_entity_src_gen.pdbx_gene_src_fragment             ? 
_entity_src_gen.pdbx_gene_src_scientific_name      'CELLULOMONAS FIMI' 
_entity_src_gen.pdbx_gene_src_ncbi_taxonomy_id     1708 
_entity_src_gen.pdbx_gene_src_variant              ? 
_entity_src_gen.pdbx_gene_src_cell_line            ? 
_entity_src_gen.pdbx_gene_src_atcc                 ? 
_entity_src_gen.pdbx_gene_src_organ                ? 
_entity_src_gen.pdbx_gene_src_organelle            ? 
_entity_src_gen.pdbx_gene_src_cell                 ? 
_entity_src_gen.pdbx_gene_src_cellular_location    ? 
_entity_src_gen.host_org_common_name               ? 
_entity_src_gen.pdbx_host_org_scientific_name      'ESCHERICHIA COLI' 
_entity_src_gen.pdbx_host_org_ncbi_taxonomy_id     562 
_entity_src_gen.host_org_genus                     ? 
_entity_src_gen.pdbx_host_org_gene                 ? 
_entity_src_gen.pdbx_host_org_organ                ? 
_entity_src_gen.host_org_species                   ? 
_entity_src_gen.pdbx_host_org_tissue               ? 
_entity_src_gen.pdbx_host_org_tissue_fraction      ? 
_entity_src_gen.pdbx_host_org_strain               JM83 
_entity_src_gen.pdbx_host_org_variant              ? 
_entity_src_gen.pdbx_host_org_cell_line            ? 
_entity_src_gen.pdbx_host_org_atcc                 ? 
_entity_src_gen.pdbx_host_org_culture_collection   ? 
_entity_src_gen.pdbx_host_org_cell                 ? 
_entity_src_gen.pdbx_host_org_organelle            ? 
_entity_src_gen.pdbx_host_org_cellular_location    ? 
_entity_src_gen.pdbx_host_org_vector_type          ? 
_entity_src_gen.pdbx_host_org_vector               ? 
_entity_src_gen.host_org_details                   ? 
_entity_src_gen.expression_system_id               ? 
_entity_src_gen.plasmid_name                       ? 
_entity_src_gen.plasmid_details                    ? 
_entity_src_gen.pdbx_description                   ? 
# 
loop_
_chem_comp.id 
_chem_comp.type 
_chem_comp.mon_nstd_flag 
_chem_comp.name 
_chem_comp.pdbx_synonyms 
_chem_comp.formula 
_chem_comp.formula_weight 
ALA 'L-peptide linking' y ALANINE         ? 'C3 H7 N O2'     89.093  
ARG 'L-peptide linking' y ARGININE        ? 'C6 H15 N4 O2 1' 175.209 
ASN 'L-peptide linking' y ASPARAGINE      ? 'C4 H8 N2 O3'    132.118 
ASP 'L-peptide linking' y 'ASPARTIC ACID' ? 'C4 H7 N O4'     133.103 
CYS 'L-peptide linking' y CYSTEINE        ? 'C3 H7 N O2 S'   121.158 
GLN 'L-peptide linking' y GLUTAMINE       ? 'C5 H10 N2 O3'   146.144 
GLU 'L-peptide linking' y 'GLUTAMIC ACID' ? 'C5 H9 N O4'     147.129 
GLY 'peptide linking'   y GLYCINE         ? 'C2 H5 N O2'     75.067  
ILE 'L-peptide linking' y ISOLEUCINE      ? 'C6 H13 N O2'    131.173 
LEU 'L-peptide linking' y LEUCINE         ? 'C6 H13 N O2'    131.173 
LYS 'L-peptide linking' y LYSINE          ? 'C6 H15 N2 O2 1' 147.195 
MET 'L-peptide linking' y METHIONINE      ? 'C5 H11 N O2 S'  149.211 
PHE 'L-peptide linking' y PHENYLALANINE   ? 'C9 H11 N O2'    165.189 
PRO 'L-peptide linking' y PROLINE         ? 'C5 H9 N O2'     115.130 
SER 'L-peptide linking' y SERINE          ? 'C3 H7 N O3'     105.093 
THR 'L-peptide linking' y THREONINE       ? 'C4 H9 N O3'     119.119 
TRP 'L-peptide linking' y TRYPTOPHAN      ? 'C11 H12 N2 O2'  204.225 
TYR 'L-peptide linking' y TYROSINE        ? 'C9 H11 N O3'    181.189 
VAL 'L-peptide linking' y VALINE          ? 'C5 H11 N O2'    117.146 
# 
loop_
_pdbx_poly_seq_scheme.asym_id 
_pdbx_poly_seq_scheme.entity_id 
_pdbx_poly_seq_scheme.seq_id 
_pdbx_poly_seq_scheme.mon_id 
_pdbx_poly_seq_scheme.ndb_seq_num 
_pdbx_poly_seq_scheme.pdb_seq_num 
_pdbx_poly_seq_scheme.auth_seq_num 
_pdbx_poly_seq_scheme.pdb_mon_id 
_pdbx_poly_seq_scheme.auth_mon_id 
_pdbx_poly_seq_scheme.pdb_strand_id 
_pdbx_poly_seq_scheme.pdb_ins_code 
_pdbx_poly_seq_scheme.hetero 
A 1 1  THR 1  247 247 THR THR A . n 
A 1 2  GLY 2  248 248 GLY GLY A . n 
A 1 3  CYS 3  249 249 CYS CYS A . n 
A 1 4  SER 4  250 250 SER SER A . n 
A 1 5  VAL 5  251 251 VAL VAL A . n 
A 1 6  THR 6  252 252 THR THR A . n 
A 1 7  ALA 7  253 253 ALA ALA A . n 
A 1 8  THR 8  254 254 THR THR A . n 
A 1 9  ARG 9  255 255 ARG ARG A . n 
A 1 10 ALA 10 256 256 ALA ALA A . n 
A 1 11 GLU 11 257 257 GLU GLU A . n 
A 1 12 GLU 12 258 258 GLU GLU A . n 
A 1 13 TRP 13 259 259 TRP TRP A . n 
A 1 14 SER 14 260 260 SER SER A . n 
A 1 15 ASP 15 261 261 ASP ASP A . n 
A 1 16 GLY 16 262 262 GLY GLY A . n 
A 1 17 PHE 17 263 263 PHE PHE A . n 
A 1 18 ASN 18 264 264 ASN ASN A . n 
A 1 19 VAL 19 265 265 VAL VAL A . n 
A 1 20 THR 20 266 266 THR THR A . n 
A 1 21 TYR 21 267 267 TYR TYR A . n 
A 1 22 SER 22 268 268 SER SER A . n 
A 1 23 VAL 23 269 269 VAL VAL A . n 
A 1 24 SER 24 270 270 SER SER A . n 
A 1 25 GLY 25 271 271 GLY GLY A . n 
A 1 26 SER 26 272 272 SER SER A . n 
A 1 27 SER 27 273 273 SER SER A . n 
A 1 28 ALA 28 274 274 ALA ALA A . n 
A 1 29 TRP 29 275 275 TRP TRP A . n 
A 1 30 THR 30 276 276 THR THR A . n 
A 1 31 VAL 31 277 277 VAL VAL A . n 
A 1 32 ASN 32 278 278 ASN ASN A . n 
A 1 33 LEU 33 279 279 LEU LEU A . n 
A 1 34 ALA 34 280 280 ALA ALA A . n 
A 1 35 LEU 35 281 281 LEU LEU A . n 
A 1 36 ASN 36 282 282 ASN ASN A . n 
A 1 37 GLY 37 283 283 GLY GLY A . n 
A 1 38 SER 38 284 284 SER SER A . n 
A 1 39 GLN 39 285 285 GLN GLN A . n 
A 1 40 THR 40 286 286 THR THR A . n 
A 1 41 ILE 41 287 287 ILE ILE A . n 
A 1 42 GLN 42 288 288 GLN GLN A . n 
A 1 43 ALA 43 289 289 ALA ALA A . n 
A 1 44 SER 44 290 290 SER SER A . n 
A 1 45 TRP 45 291 291 TRP TRP A . n 
A 1 46 ASN 46 292 292 ASN ASN A . n 
A 1 47 ALA 47 293 293 ALA ALA A . n 
A 1 48 ASN 48 294 294 ASN ASN A . n 
A 1 49 VAL 49 295 295 VAL VAL A . n 
A 1 50 THR 50 296 296 THR THR A . n 
A 1 51 GLY 51 297 297 GLY GLY A . n 
A 1 52 SER 52 298 298 SER SER A . n 
A 1 53 GLY 53 299 299 GLY GLY A . n 
A 1 54 SER 54 300 300 SER SER A . n 
A 1 55 THR 55 301 301 THR THR A . n 
A 1 56 ARG 56 302 302 ARG ARG A . n 
A 1 57 THR 57 303 303 THR THR A . n 
A 1 58 VAL 58 304 304 VAL VAL A . n 
A 1 59 THR 59 305 305 THR THR A . n 
A 1 60 PRO 60 306 306 PRO PRO A . n 
A 1 61 ASN 61 307 307 ASN ASN A . n 
A 1 62 GLY 62 308 308 GLY GLY A . n 
A 1 63 SER 63 309 309 SER SER A . n 
A 1 64 GLY 64 310 310 GLY GLY A . n 
A 1 65 ASN 65 311 311 ASN ASN A . n 
A 1 66 THR 66 312 312 THR THR A . n 
A 1 67 PHE 67 313 313 PHE PHE A . n 
A 1 68 GLY 68 314 314 GLY GLY A . n 
A 1 69 VAL 69 315 315 VAL VAL A . n 
A 1 70 THR 70 316 316 THR THR A . n 
A 1 71 VAL 71 317 317 VAL VAL A . n 
A 1 72 MET 72 318 318 MET MET A . n 
A 1 73 LYS 73 319 319 LYS LYS A . n 
A 1 74 ASN 74 320 320 ASN ASN A . n 
A 1 75 GLY 75 321 321 GLY GLY A . n 
A 1 76 SER 76 322 322 SER SER A . n 
A 1 77 SER 77 323 323 SER SER A . n 
A 1 78 THR 78 324 324 THR THR A . n 
A 1 79 THR 79 325 325 THR THR A . n 
A 1 80 PRO 80 326 326 PRO PRO A . n 
A 1 81 ALA 81 327 327 ALA ALA A . n 
A 1 82 ALA 82 328 328 ALA ALA A . n 
A 1 83 THR 83 329 329 THR THR A . n 
A 1 84 CYS 84 330 330 CYS CYS A . n 
A 1 85 ALA 85 331 331 ALA ALA A . n 
A 1 86 GLY 86 332 332 GLY GLY A . n 
A 1 87 SER 87 333 333 SER SER A . n 
# 
_cell.entry_id           1E5B 
_cell.length_a           1.000 
_cell.length_b           1.000 
_cell.length_c           1.000 
_cell.angle_alpha        90.00 
_cell.angle_beta         90.00 
_cell.angle_gamma        90.00 
_cell.Z_PDB              1 
_cell.pdbx_unique_axis   ? 
# 
_symmetry.entry_id                         1E5B 
_symmetry.space_group_name_H-M             'P 1' 
_symmetry.pdbx_full_space_group_name_H-M   ? 
_symmetry.cell_setting                     ? 
_symmetry.Int_Tables_number                1 
# 
_exptl.entry_id          1E5B 
_exptl.method            'SOLUTION NMR' 
_exptl.crystals_number   ? 
# 
_struct.entry_id                  1E5B 
_struct.title                     'Internal xylan binding domain from C. fimi Xyn10A, R262G mutant' 
_struct.pdbx_model_details        ? 
_struct.pdbx_CASP_flag            ? 
_struct.pdbx_model_type_details   'MINIMIZED AVERAGE' 
# 
_struct_keywords.entry_id        1E5B 
_struct_keywords.pdbx_keywords   HYDROLASE 
_struct_keywords.text            'HYDROLASE, XYLAN BINDING DOMAIN, XYLANASE, BETA-SHEET' 
# 
_struct_asym.id                            A 
_struct_asym.pdbx_blank_PDB_chainid_flag   N 
_struct_asym.pdbx_modified                 N 
_struct_asym.entity_id                     1 
_struct_asym.details                       ? 
# 
_struct_ref.id                         1 
_struct_ref.db_name                    UNP 
_struct_ref.db_code                    XYND_CELFI 
_struct_ref.entity_id                  1 
_struct_ref.pdbx_seq_one_letter_code   ? 
_struct_ref.pdbx_align_begin           ? 
_struct_ref.pdbx_db_accession          P54865 
_struct_ref.pdbx_db_isoform            ? 
# 
_struct_ref_seq.align_id                      1 
_struct_ref_seq.ref_id                        1 
_struct_ref_seq.pdbx_PDB_id_code              1E5B 
_struct_ref_seq.pdbx_strand_id                A 
_struct_ref_seq.seq_align_beg                 1 
_struct_ref_seq.pdbx_seq_align_beg_ins_code   ? 
_struct_ref_seq.seq_align_end                 87 
_struct_ref_seq.pdbx_seq_align_end_ins_code   ? 
_struct_ref_seq.pdbx_db_accession             P54865 
_struct_ref_seq.db_align_beg                  247 
_struct_ref_seq.pdbx_db_align_beg_ins_code    ? 
_struct_ref_seq.db_align_end                  333 
_struct_ref_seq.pdbx_db_align_end_ins_code    ? 
_struct_ref_seq.pdbx_auth_seq_align_beg       247 
_struct_ref_seq.pdbx_auth_seq_align_end       333 
# 
_struct_ref_seq_dif.align_id                     1 
_struct_ref_seq_dif.pdbx_pdb_id_code             1E5B 
_struct_ref_seq_dif.mon_id                       GLY 
_struct_ref_seq_dif.pdbx_pdb_strand_id           A 
_struct_ref_seq_dif.seq_num                      16 
_struct_ref_seq_dif.pdbx_pdb_ins_code            ? 
_struct_ref_seq_dif.pdbx_seq_db_name             UNP 
_struct_ref_seq_dif.pdbx_seq_db_accession_code   P54865 
_struct_ref_seq_dif.db_mon_id                    ARG 
_struct_ref_seq_dif.pdbx_seq_db_seq_num          262 
_struct_ref_seq_dif.details                      'engineered mutation' 
_struct_ref_seq_dif.pdbx_auth_seq_num            262 
_struct_ref_seq_dif.pdbx_ordinal                 1 
# 
_pdbx_struct_assembly.id                   1 
_pdbx_struct_assembly.details              author_defined_assembly 
_pdbx_struct_assembly.method_details       ? 
_pdbx_struct_assembly.oligomeric_details   monomeric 
_pdbx_struct_assembly.oligomeric_count     1 
# 
_pdbx_struct_assembly_gen.assembly_id       1 
_pdbx_struct_assembly_gen.oper_expression   1 
_pdbx_struct_assembly_gen.asym_id_list      A 
# 
_pdbx_struct_oper_list.id                   1 
_pdbx_struct_oper_list.type                 'identity operation' 
_pdbx_struct_oper_list.name                 1_555 
_pdbx_struct_oper_list.symmetry_operation   x,y,z 
_pdbx_struct_oper_list.matrix[1][1]         1.0000000000 
_pdbx_struct_oper_list.matrix[1][2]         0.0000000000 
_pdbx_struct_oper_list.matrix[1][3]         0.0000000000 
_pdbx_struct_oper_list.vector[1]            0.0000000000 
_pdbx_struct_oper_list.matrix[2][1]         0.0000000000 
_pdbx_struct_oper_list.matrix[2][2]         1.0000000000 
_pdbx_struct_oper_list.matrix[2][3]         0.0000000000 
_pdbx_struct_oper_list.vector[2]            0.0000000000 
_pdbx_struct_oper_list.matrix[3][1]         0.0000000000 
_pdbx_struct_oper_list.matrix[3][2]         0.0000000000 
_pdbx_struct_oper_list.matrix[3][3]         1.0000000000 
_pdbx_struct_oper_list.vector[3]            0.0000000000 
# 
_struct_conn.id                            disulf1 
_struct_conn.conn_type_id                  disulf 
_struct_conn.pdbx_leaving_atom_flag        ? 
_struct_conn.pdbx_PDB_id                   ? 
_struct_conn.ptnr1_label_asym_id           A 
_struct_conn.ptnr1_label_comp_id           CYS 
_struct_conn.ptnr1_label_seq_id            3 
_struct_conn.ptnr1_label_atom_id           SG 
_struct_conn.pdbx_ptnr1_label_alt_id       ? 
_struct_conn.pdbx_ptnr1_PDB_ins_code       ? 
_struct_conn.pdbx_ptnr1_standard_comp_id   ? 
_struct_conn.ptnr1_symmetry                1_555 
_struct_conn.ptnr2_label_asym_id           A 
_struct_conn.ptnr2_label_comp_id           CYS 
_struct_conn.ptnr2_label_seq_id            84 
_struct_conn.ptnr2_label_atom_id           SG 
_struct_conn.pdbx_ptnr2_label_alt_id       ? 
_struct_conn.pdbx_ptnr2_PDB_ins_code       ? 
_struct_conn.ptnr1_auth_asym_id            A 
_struct_conn.ptnr1_auth_comp_id            CYS 
_struct_conn.ptnr1_auth_seq_id             249 
_struct_conn.ptnr2_auth_asym_id            A 
_struct_conn.ptnr2_auth_comp_id            CYS 
_struct_conn.ptnr2_auth_seq_id             330 
_struct_conn.ptnr2_symmetry                1_555 
_struct_conn.pdbx_ptnr3_label_atom_id      ? 
_struct_conn.pdbx_ptnr3_label_seq_id       ? 
_struct_conn.pdbx_ptnr3_label_comp_id      ? 
_struct_conn.pdbx_ptnr3_label_asym_id      ? 
_struct_conn.pdbx_ptnr3_label_alt_id       ? 
_struct_conn.pdbx_ptnr3_PDB_ins_code       ? 
_struct_conn.details                       ? 
_struct_conn.pdbx_dist_value               2.020 
_struct_conn.pdbx_value_order              ? 
_struct_conn.pdbx_role                     ? 
# 
_struct_conn_type.id          disulf 
_struct_conn_type.criteria    ? 
_struct_conn_type.reference   ? 
# 
_pdbx_modification_feature.ordinal                            1 
_pdbx_modification_feature.label_comp_id                      CYS 
_pdbx_modification_feature.label_asym_id                      A 
_pdbx_modification_feature.label_seq_id                       3 
_pdbx_modification_feature.label_alt_id                       ? 
_pdbx_modification_feature.modified_residue_label_comp_id     CYS 
_pdbx_modification_feature.modified_residue_label_asym_id     A 
_pdbx_modification_feature.modified_residue_label_seq_id      84 
_pdbx_modification_feature.modified_residue_label_alt_id      ? 
_pdbx_modification_feature.auth_comp_id                       CYS 
_pdbx_modification_feature.auth_asym_id                       A 
_pdbx_modification_feature.auth_seq_id                        249 
_pdbx_modification_feature.PDB_ins_code                       ? 
_pdbx_modification_feature.symmetry                           1_555 
_pdbx_modification_feature.modified_residue_auth_comp_id      CYS 
_pdbx_modification_feature.modified_residue_auth_asym_id      A 
_pdbx_modification_feature.modified_residue_auth_seq_id       330 
_pdbx_modification_feature.modified_residue_PDB_ins_code      ? 
_pdbx_modification_feature.modified_residue_symmetry          1_555 
_pdbx_modification_feature.comp_id_linking_atom               SG 
_pdbx_modification_feature.modified_residue_id_linking_atom   SG 
_pdbx_modification_feature.modified_residue_id                . 
_pdbx_modification_feature.ref_pcm_id                         . 
_pdbx_modification_feature.ref_comp_id                        . 
_pdbx_modification_feature.type                               None 
_pdbx_modification_feature.category                           'Disulfide bridge' 
# 
loop_
_struct_sheet.id 
_struct_sheet.type 
_struct_sheet.number_strands 
_struct_sheet.details 
A ? 4 ? 
B ? 4 ? 
# 
loop_
_struct_sheet_order.sheet_id 
_struct_sheet_order.range_id_1 
_struct_sheet_order.range_id_2 
_struct_sheet_order.offset 
_struct_sheet_order.sense 
A 1 2 ? anti-parallel 
A 2 3 ? anti-parallel 
A 3 4 ? anti-parallel 
B 1 2 ? anti-parallel 
B 2 3 ? anti-parallel 
B 3 4 ? anti-parallel 
# 
loop_
_struct_sheet_range.sheet_id 
_struct_sheet_range.id 
_struct_sheet_range.beg_label_comp_id 
_struct_sheet_range.beg_label_asym_id 
_struct_sheet_range.beg_label_seq_id 
_struct_sheet_range.pdbx_beg_PDB_ins_code 
_struct_sheet_range.end_label_comp_id 
_struct_sheet_range.end_label_asym_id 
_struct_sheet_range.end_label_seq_id 
_struct_sheet_range.pdbx_end_PDB_ins_code 
_struct_sheet_range.beg_auth_comp_id 
_struct_sheet_range.beg_auth_asym_id 
_struct_sheet_range.beg_auth_seq_id 
_struct_sheet_range.end_auth_comp_id 
_struct_sheet_range.end_auth_asym_id 
_struct_sheet_range.end_auth_seq_id 
A 1 CYS A 3  ? TRP A 13 ? CYS A 249 TRP A 259 
A 2 GLY A 16 ? VAL A 23 ? GLY A 262 VAL A 269 
A 3 ASN A 65 ? MET A 72 ? ASN A 311 MET A 318 
A 4 THR A 40 ? TRP A 45 ? THR A 286 TRP A 291 
B 1 ASN A 48 ? GLY A 51 ? ASN A 294 GLY A 297 
B 2 THR A 55 ? PRO A 60 ? THR A 301 PRO A 306 
B 3 TRP A 29 ? LEU A 35 ? TRP A 275 LEU A 281 
B 4 PRO A 80 ? CYS A 84 ? PRO A 326 CYS A 330 
# 
loop_
_pdbx_struct_sheet_hbond.sheet_id 
_pdbx_struct_sheet_hbond.range_id_1 
_pdbx_struct_sheet_hbond.range_id_2 
_pdbx_struct_sheet_hbond.range_1_label_atom_id 
_pdbx_struct_sheet_hbond.range_1_label_comp_id 
_pdbx_struct_sheet_hbond.range_1_label_asym_id 
_pdbx_struct_sheet_hbond.range_1_label_seq_id 
_pdbx_struct_sheet_hbond.range_1_PDB_ins_code 
_pdbx_struct_sheet_hbond.range_1_auth_atom_id 
_pdbx_struct_sheet_hbond.range_1_auth_comp_id 
_pdbx_struct_sheet_hbond.range_1_auth_asym_id 
_pdbx_struct_sheet_hbond.range_1_auth_seq_id 
_pdbx_struct_sheet_hbond.range_2_label_atom_id 
_pdbx_struct_sheet_hbond.range_2_label_comp_id 
_pdbx_struct_sheet_hbond.range_2_label_asym_id 
_pdbx_struct_sheet_hbond.range_2_label_seq_id 
_pdbx_struct_sheet_hbond.range_2_PDB_ins_code 
_pdbx_struct_sheet_hbond.range_2_auth_atom_id 
_pdbx_struct_sheet_hbond.range_2_auth_comp_id 
_pdbx_struct_sheet_hbond.range_2_auth_asym_id 
_pdbx_struct_sheet_hbond.range_2_auth_seq_id 
A 1 2 O THR A 8  ? O THR A 254 N THR A 20 ? N THR A 266 
A 2 3 N TYR A 21 ? N TYR A 267 O PHE A 67 ? O PHE A 313 
A 3 4 O THR A 70 ? O THR A 316 N GLN A 42 ? N GLN A 288 
B 1 2 N THR A 50 ? N THR A 296 O THR A 57 ? O THR A 303 
B 2 3 N ARG A 56 ? N ARG A 302 O LEU A 33 ? O LEU A 279 
B 3 4 N ALA A 34 ? N ALA A 280 O ALA A 81 ? O ALA A 327 
# 
_pdbx_entry_details.entry_id                   1E5B 
_pdbx_entry_details.compound_details           'CHAIN A MUTATION: R262G' 
_pdbx_entry_details.source_details             ? 
_pdbx_entry_details.nonpolymer_details         ? 
_pdbx_entry_details.sequence_details           ? 
_pdbx_entry_details.has_ligand_of_interest     ? 
_pdbx_entry_details.has_protein_modification   Y 
# 
loop_
_pdbx_validate_torsion.id 
_pdbx_validate_torsion.PDB_model_num 
_pdbx_validate_torsion.auth_comp_id 
_pdbx_validate_torsion.auth_asym_id 
_pdbx_validate_torsion.auth_seq_id 
_pdbx_validate_torsion.PDB_ins_code 
_pdbx_validate_torsion.label_alt_id 
_pdbx_validate_torsion.phi 
_pdbx_validate_torsion.psi 
1  1 THR A 254 ? ? -167.91 105.30 
2  1 ALA A 256 ? ? -101.37 -86.01 
3  1 GLU A 258 ? ? -170.43 146.90 
4  1 SER A 260 ? ? -82.98  41.95  
5  1 ASP A 261 ? ? -156.84 -37.79 
6  1 GLN A 285 ? ? -49.43  171.33 
7  1 ALA A 293 ? ? -176.32 147.06 
8  1 SER A 298 ? ? -170.46 68.87  
9  1 SER A 309 ? ? -155.83 23.06  
10 1 MET A 318 ? ? -61.56  88.36  
11 1 ASN A 320 ? ? 38.57   45.77  
# 
loop_
_pdbx_validate_planes.id 
_pdbx_validate_planes.PDB_model_num 
_pdbx_validate_planes.auth_comp_id 
_pdbx_validate_planes.auth_asym_id 
_pdbx_validate_planes.auth_seq_id 
_pdbx_validate_planes.PDB_ins_code 
_pdbx_validate_planes.label_alt_id 
_pdbx_validate_planes.rmsd 
_pdbx_validate_planes.type 
1 1 ARG A 255 ? ? 0.148 'SIDE CHAIN' 
2 1 ARG A 302 ? ? 0.238 'SIDE CHAIN' 
# 
_pdbx_nmr_ensemble.entry_id                             1E5B 
_pdbx_nmr_ensemble.conformers_calculated_total_number   50 
_pdbx_nmr_ensemble.conformers_submitted_total_number    1 
_pdbx_nmr_ensemble.conformer_selection_criteria         'MINIMISED AVERAGE STRUCTURE' 
# 
_pdbx_nmr_sample_details.solution_id   1 
_pdbx_nmr_sample_details.contents      '50MM SODIUM PHOSPHATE, 10MM AZIDE' 
# 
_pdbx_nmr_exptl_sample_conditions.conditions_id          1 
_pdbx_nmr_exptl_sample_conditions.temperature            310 
_pdbx_nmr_exptl_sample_conditions.pressure_units         ? 
_pdbx_nmr_exptl_sample_conditions.pressure               ? 
_pdbx_nmr_exptl_sample_conditions.pH                     5.0 
_pdbx_nmr_exptl_sample_conditions.ionic_strength         ? 
_pdbx_nmr_exptl_sample_conditions.ionic_strength_units   ? 
_pdbx_nmr_exptl_sample_conditions.pH_units               pH 
_pdbx_nmr_exptl_sample_conditions.temperature_units      K 
# 
loop_
_pdbx_nmr_exptl.experiment_id 
_pdbx_nmr_exptl.conditions_id 
_pdbx_nmr_exptl.type 
_pdbx_nmr_exptl.solution_id 
1 1 TOCSY      1 
2 1 DQF-COSY   1 
3 1 NOESY      1 
4 1 E.COSY     1 
5 1 HSQC       1 
6 1 NOESY-HMQC 1 
7 1 TOCSY-HMQC 1 
8 1 HNHA       1 
9 1 HNHB       1 
# 
_pdbx_nmr_details.entry_id   1E5B 
_pdbx_nmr_details.text       
'THE STRUCTURE WAS DETERMINED USING HETERONUCLEAR NMR SPECTROSCOPY ON A UNIFORMLY 15N-LABELLED SAMPLE OF XBD1 (R262G)' 
# 
_pdbx_nmr_refine.entry_id           1E5B 
_pdbx_nmr_refine.method             'HYBRID DISTANCE GEOMETRY/ SIMULATED ANNEALING' 
_pdbx_nmr_refine.details            YASAP 
_pdbx_nmr_refine.software_ordinal   1 
# 
loop_
_pdbx_nmr_software.classification 
_pdbx_nmr_software.name 
_pdbx_nmr_software.version 
_pdbx_nmr_software.authors 
_pdbx_nmr_software.ordinal 
refinement           X-PLOR 3.1  BRUNGER 1 
'structure solution' Felix  97.0 ?       2 
# 
loop_
_chem_comp_atom.comp_id 
_chem_comp_atom.atom_id 
_chem_comp_atom.type_symbol 
_chem_comp_atom.pdbx_aromatic_flag 
_chem_comp_atom.pdbx_stereo_config 
_chem_comp_atom.pdbx_ordinal 
ALA N    N N N 1   
ALA CA   C N S 2   
ALA C    C N N 3   
ALA O    O N N 4   
ALA CB   C N N 5   
ALA OXT  O N N 6   
ALA H    H N N 7   
ALA H2   H N N 8   
ALA HA   H N N 9   
ALA HB1  H N N 10  
ALA HB2  H N N 11  
ALA HB3  H N N 12  
ALA HXT  H N N 13  
ARG N    N N N 14  
ARG CA   C N S 15  
ARG C    C N N 16  
ARG O    O N N 17  
ARG CB   C N N 18  
ARG CG   C N N 19  
ARG CD   C N N 20  
ARG NE   N N N 21  
ARG CZ   C N N 22  
ARG NH1  N N N 23  
ARG NH2  N N N 24  
ARG OXT  O N N 25  
ARG H    H N N 26  
ARG H2   H N N 27  
ARG HA   H N N 28  
ARG HB2  H N N 29  
ARG HB3  H N N 30  
ARG HG2  H N N 31  
ARG HG3  H N N 32  
ARG HD2  H N N 33  
ARG HD3  H N N 34  
ARG HE   H N N 35  
ARG HH11 H N N 36  
ARG HH12 H N N 37  
ARG HH21 H N N 38  
ARG HH22 H N N 39  
ARG HXT  H N N 40  
ASN N    N N N 41  
ASN CA   C N S 42  
ASN C    C N N 43  
ASN O    O N N 44  
ASN CB   C N N 45  
ASN CG   C N N 46  
ASN OD1  O N N 47  
ASN ND2  N N N 48  
ASN OXT  O N N 49  
ASN H    H N N 50  
ASN H2   H N N 51  
ASN HA   H N N 52  
ASN HB2  H N N 53  
ASN HB3  H N N 54  
ASN HD21 H N N 55  
ASN HD22 H N N 56  
ASN HXT  H N N 57  
ASP N    N N N 58  
ASP CA   C N S 59  
ASP C    C N N 60  
ASP O    O N N 61  
ASP CB   C N N 62  
ASP CG   C N N 63  
ASP OD1  O N N 64  
ASP OD2  O N N 65  
ASP OXT  O N N 66  
ASP H    H N N 67  
ASP H2   H N N 68  
ASP HA   H N N 69  
ASP HB2  H N N 70  
ASP HB3  H N N 71  
ASP HD2  H N N 72  
ASP HXT  H N N 73  
CYS N    N N N 74  
CYS CA   C N R 75  
CYS C    C N N 76  
CYS O    O N N 77  
CYS CB   C N N 78  
CYS SG   S N N 79  
CYS OXT  O N N 80  
CYS H    H N N 81  
CYS H2   H N N 82  
CYS HA   H N N 83  
CYS HB2  H N N 84  
CYS HB3  H N N 85  
CYS HG   H N N 86  
CYS HXT  H N N 87  
GLN N    N N N 88  
GLN CA   C N S 89  
GLN C    C N N 90  
GLN O    O N N 91  
GLN CB   C N N 92  
GLN CG   C N N 93  
GLN CD   C N N 94  
GLN OE1  O N N 95  
GLN NE2  N N N 96  
GLN OXT  O N N 97  
GLN H    H N N 98  
GLN H2   H N N 99  
GLN HA   H N N 100 
GLN HB2  H N N 101 
GLN HB3  H N N 102 
GLN HG2  H N N 103 
GLN HG3  H N N 104 
GLN HE21 H N N 105 
GLN HE22 H N N 106 
GLN HXT  H N N 107 
GLU N    N N N 108 
GLU CA   C N S 109 
GLU C    C N N 110 
GLU O    O N N 111 
GLU CB   C N N 112 
GLU CG   C N N 113 
GLU CD   C N N 114 
GLU OE1  O N N 115 
GLU OE2  O N N 116 
GLU OXT  O N N 117 
GLU H    H N N 118 
GLU H2   H N N 119 
GLU HA   H N N 120 
GLU HB2  H N N 121 
GLU HB3  H N N 122 
GLU HG2  H N N 123 
GLU HG3  H N N 124 
GLU HE2  H N N 125 
GLU HXT  H N N 126 
GLY N    N N N 127 
GLY CA   C N N 128 
GLY C    C N N 129 
GLY O    O N N 130 
GLY OXT  O N N 131 
GLY H    H N N 132 
GLY H2   H N N 133 
GLY HA2  H N N 134 
GLY HA3  H N N 135 
GLY HXT  H N N 136 
ILE N    N N N 137 
ILE CA   C N S 138 
ILE C    C N N 139 
ILE O    O N N 140 
ILE CB   C N S 141 
ILE CG1  C N N 142 
ILE CG2  C N N 143 
ILE CD1  C N N 144 
ILE OXT  O N N 145 
ILE H    H N N 146 
ILE H2   H N N 147 
ILE HA   H N N 148 
ILE HB   H N N 149 
ILE HG12 H N N 150 
ILE HG13 H N N 151 
ILE HG21 H N N 152 
ILE HG22 H N N 153 
ILE HG23 H N N 154 
ILE HD11 H N N 155 
ILE HD12 H N N 156 
ILE HD13 H N N 157 
ILE HXT  H N N 158 
LEU N    N N N 159 
LEU CA   C N S 160 
LEU C    C N N 161 
LEU O    O N N 162 
LEU CB   C N N 163 
LEU CG   C N N 164 
LEU CD1  C N N 165 
LEU CD2  C N N 166 
LEU OXT  O N N 167 
LEU H    H N N 168 
LEU H2   H N N 169 
LEU HA   H N N 170 
LEU HB2  H N N 171 
LEU HB3  H N N 172 
LEU HG   H N N 173 
LEU HD11 H N N 174 
LEU HD12 H N N 175 
LEU HD13 H N N 176 
LEU HD21 H N N 177 
LEU HD22 H N N 178 
LEU HD23 H N N 179 
LEU HXT  H N N 180 
LYS N    N N N 181 
LYS CA   C N S 182 
LYS C    C N N 183 
LYS O    O N N 184 
LYS CB   C N N 185 
LYS CG   C N N 186 
LYS CD   C N N 187 
LYS CE   C N N 188 
LYS NZ   N N N 189 
LYS OXT  O N N 190 
LYS H    H N N 191 
LYS H2   H N N 192 
LYS HA   H N N 193 
LYS HB2  H N N 194 
LYS HB3  H N N 195 
LYS HG2  H N N 196 
LYS HG3  H N N 197 
LYS HD2  H N N 198 
LYS HD3  H N N 199 
LYS HE2  H N N 200 
LYS HE3  H N N 201 
LYS HZ1  H N N 202 
LYS HZ2  H N N 203 
LYS HZ3  H N N 204 
LYS HXT  H N N 205 
MET N    N N N 206 
MET CA   C N S 207 
MET C    C N N 208 
MET O    O N N 209 
MET CB   C N N 210 
MET CG   C N N 211 
MET SD   S N N 212 
MET CE   C N N 213 
MET OXT  O N N 214 
MET H    H N N 215 
MET H2   H N N 216 
MET HA   H N N 217 
MET HB2  H N N 218 
MET HB3  H N N 219 
MET HG2  H N N 220 
MET HG3  H N N 221 
MET HE1  H N N 222 
MET HE2  H N N 223 
MET HE3  H N N 224 
MET HXT  H N N 225 
PHE N    N N N 226 
PHE CA   C N S 227 
PHE C    C N N 228 
PHE O    O N N 229 
PHE CB   C N N 230 
PHE CG   C Y N 231 
PHE CD1  C Y N 232 
PHE CD2  C Y N 233 
PHE CE1  C Y N 234 
PHE CE2  C Y N 235 
PHE CZ   C Y N 236 
PHE OXT  O N N 237 
PHE H    H N N 238 
PHE H2   H N N 239 
PHE HA   H N N 240 
PHE HB2  H N N 241 
PHE HB3  H N N 242 
PHE HD1  H N N 243 
PHE HD2  H N N 244 
PHE HE1  H N N 245 
PHE HE2  H N N 246 
PHE HZ   H N N 247 
PHE HXT  H N N 248 
PRO N    N N N 249 
PRO CA   C N S 250 
PRO C    C N N 251 
PRO O    O N N 252 
PRO CB   C N N 253 
PRO CG   C N N 254 
PRO CD   C N N 255 
PRO OXT  O N N 256 
PRO H    H N N 257 
PRO HA   H N N 258 
PRO HB2  H N N 259 
PRO HB3  H N N 260 
PRO HG2  H N N 261 
PRO HG3  H N N 262 
PRO HD2  H N N 263 
PRO HD3  H N N 264 
PRO HXT  H N N 265 
SER N    N N N 266 
SER CA   C N S 267 
SER C    C N N 268 
SER O    O N N 269 
SER CB   C N N 270 
SER OG   O N N 271 
SER OXT  O N N 272 
SER H    H N N 273 
SER H2   H N N 274 
SER HA   H N N 275 
SER HB2  H N N 276 
SER HB3  H N N 277 
SER HG   H N N 278 
SER HXT  H N N 279 
THR N    N N N 280 
THR CA   C N S 281 
THR C    C N N 282 
THR O    O N N 283 
THR CB   C N R 284 
THR OG1  O N N 285 
THR CG2  C N N 286 
THR OXT  O N N 287 
THR H    H N N 288 
THR H2   H N N 289 
THR HA   H N N 290 
THR HB   H N N 291 
THR HG1  H N N 292 
THR HG21 H N N 293 
THR HG22 H N N 294 
THR HG23 H N N 295 
THR HXT  H N N 296 
TRP N    N N N 297 
TRP CA   C N S 298 
TRP C    C N N 299 
TRP O    O N N 300 
TRP CB   C N N 301 
TRP CG   C Y N 302 
TRP CD1  C Y N 303 
TRP CD2  C Y N 304 
TRP NE1  N Y N 305 
TRP CE2  C Y N 306 
TRP CE3  C Y N 307 
TRP CZ2  C Y N 308 
TRP CZ3  C Y N 309 
TRP CH2  C Y N 310 
TRP OXT  O N N 311 
TRP H    H N N 312 
TRP H2   H N N 313 
TRP HA   H N N 314 
TRP HB2  H N N 315 
TRP HB3  H N N 316 
TRP HD1  H N N 317 
TRP HE1  H N N 318 
TRP HE3  H N N 319 
TRP HZ2  H N N 320 
TRP HZ3  H N N 321 
TRP HH2  H N N 322 
TRP HXT  H N N 323 
TYR N    N N N 324 
TYR CA   C N S 325 
TYR C    C N N 326 
TYR O    O N N 327 
TYR CB   C N N 328 
TYR CG   C Y N 329 
TYR CD1  C Y N 330 
TYR CD2  C Y N 331 
TYR CE1  C Y N 332 
TYR CE2  C Y N 333 
TYR CZ   C Y N 334 
TYR OH   O N N 335 
TYR OXT  O N N 336 
TYR H    H N N 337 
TYR H2   H N N 338 
TYR HA   H N N 339 
TYR HB2  H N N 340 
TYR HB3  H N N 341 
TYR HD1  H N N 342 
TYR HD2  H N N 343 
TYR HE1  H N N 344 
TYR HE2  H N N 345 
TYR HH   H N N 346 
TYR HXT  H N N 347 
VAL N    N N N 348 
VAL CA   C N S 349 
VAL C    C N N 350 
VAL O    O N N 351 
VAL CB   C N N 352 
VAL CG1  C N N 353 
VAL CG2  C N N 354 
VAL OXT  O N N 355 
VAL H    H N N 356 
VAL H2   H N N 357 
VAL HA   H N N 358 
VAL HB   H N N 359 
VAL HG11 H N N 360 
VAL HG12 H N N 361 
VAL HG13 H N N 362 
VAL HG21 H N N 363 
VAL HG22 H N N 364 
VAL HG23 H N N 365 
VAL HXT  H N N 366 
# 
loop_
_chem_comp_bond.comp_id 
_chem_comp_bond.atom_id_1 
_chem_comp_bond.atom_id_2 
_chem_comp_bond.value_order 
_chem_comp_bond.pdbx_aromatic_flag 
_chem_comp_bond.pdbx_stereo_config 
_chem_comp_bond.pdbx_ordinal 
ALA N   CA   sing N N 1   
ALA N   H    sing N N 2   
ALA N   H2   sing N N 3   
ALA CA  C    sing N N 4   
ALA CA  CB   sing N N 5   
ALA CA  HA   sing N N 6   
ALA C   O    doub N N 7   
ALA C   OXT  sing N N 8   
ALA CB  HB1  sing N N 9   
ALA CB  HB2  sing N N 10  
ALA CB  HB3  sing N N 11  
ALA OXT HXT  sing N N 12  
ARG N   CA   sing N N 13  
ARG N   H    sing N N 14  
ARG N   H2   sing N N 15  
ARG CA  C    sing N N 16  
ARG CA  CB   sing N N 17  
ARG CA  HA   sing N N 18  
ARG C   O    doub N N 19  
ARG C   OXT  sing N N 20  
ARG CB  CG   sing N N 21  
ARG CB  HB2  sing N N 22  
ARG CB  HB3  sing N N 23  
ARG CG  CD   sing N N 24  
ARG CG  HG2  sing N N 25  
ARG CG  HG3  sing N N 26  
ARG CD  NE   sing N N 27  
ARG CD  HD2  sing N N 28  
ARG CD  HD3  sing N N 29  
ARG NE  CZ   sing N N 30  
ARG NE  HE   sing N N 31  
ARG CZ  NH1  sing N N 32  
ARG CZ  NH2  doub N N 33  
ARG NH1 HH11 sing N N 34  
ARG NH1 HH12 sing N N 35  
ARG NH2 HH21 sing N N 36  
ARG NH2 HH22 sing N N 37  
ARG OXT HXT  sing N N 38  
ASN N   CA   sing N N 39  
ASN N   H    sing N N 40  
ASN N   H2   sing N N 41  
ASN CA  C    sing N N 42  
ASN CA  CB   sing N N 43  
ASN CA  HA   sing N N 44  
ASN C   O    doub N N 45  
ASN C   OXT  sing N N 46  
ASN CB  CG   sing N N 47  
ASN CB  HB2  sing N N 48  
ASN CB  HB3  sing N N 49  
ASN CG  OD1  doub N N 50  
ASN CG  ND2  sing N N 51  
ASN ND2 HD21 sing N N 52  
ASN ND2 HD22 sing N N 53  
ASN OXT HXT  sing N N 54  
ASP N   CA   sing N N 55  
ASP N   H    sing N N 56  
ASP N   H2   sing N N 57  
ASP CA  C    sing N N 58  
ASP CA  CB   sing N N 59  
ASP CA  HA   sing N N 60  
ASP C   O    doub N N 61  
ASP C   OXT  sing N N 62  
ASP CB  CG   sing N N 63  
ASP CB  HB2  sing N N 64  
ASP CB  HB3  sing N N 65  
ASP CG  OD1  doub N N 66  
ASP CG  OD2  sing N N 67  
ASP OD2 HD2  sing N N 68  
ASP OXT HXT  sing N N 69  
CYS N   CA   sing N N 70  
CYS N   H    sing N N 71  
CYS N   H2   sing N N 72  
CYS CA  C    sing N N 73  
CYS CA  CB   sing N N 74  
CYS CA  HA   sing N N 75  
CYS C   O    doub N N 76  
CYS C   OXT  sing N N 77  
CYS CB  SG   sing N N 78  
CYS CB  HB2  sing N N 79  
CYS CB  HB3  sing N N 80  
CYS SG  HG   sing N N 81  
CYS OXT HXT  sing N N 82  
GLN N   CA   sing N N 83  
GLN N   H    sing N N 84  
GLN N   H2   sing N N 85  
GLN CA  C    sing N N 86  
GLN CA  CB   sing N N 87  
GLN CA  HA   sing N N 88  
GLN C   O    doub N N 89  
GLN C   OXT  sing N N 90  
GLN CB  CG   sing N N 91  
GLN CB  HB2  sing N N 92  
GLN CB  HB3  sing N N 93  
GLN CG  CD   sing N N 94  
GLN CG  HG2  sing N N 95  
GLN CG  HG3  sing N N 96  
GLN CD  OE1  doub N N 97  
GLN CD  NE2  sing N N 98  
GLN NE2 HE21 sing N N 99  
GLN NE2 HE22 sing N N 100 
GLN OXT HXT  sing N N 101 
GLU N   CA   sing N N 102 
GLU N   H    sing N N 103 
GLU N   H2   sing N N 104 
GLU CA  C    sing N N 105 
GLU CA  CB   sing N N 106 
GLU CA  HA   sing N N 107 
GLU C   O    doub N N 108 
GLU C   OXT  sing N N 109 
GLU CB  CG   sing N N 110 
GLU CB  HB2  sing N N 111 
GLU CB  HB3  sing N N 112 
GLU CG  CD   sing N N 113 
GLU CG  HG2  sing N N 114 
GLU CG  HG3  sing N N 115 
GLU CD  OE1  doub N N 116 
GLU CD  OE2  sing N N 117 
GLU OE2 HE2  sing N N 118 
GLU OXT HXT  sing N N 119 
GLY N   CA   sing N N 120 
GLY N   H    sing N N 121 
GLY N   H2   sing N N 122 
GLY CA  C    sing N N 123 
GLY CA  HA2  sing N N 124 
GLY CA  HA3  sing N N 125 
GLY C   O    doub N N 126 
GLY C   OXT  sing N N 127 
GLY OXT HXT  sing N N 128 
ILE N   CA   sing N N 129 
ILE N   H    sing N N 130 
ILE N   H2   sing N N 131 
ILE CA  C    sing N N 132 
ILE CA  CB   sing N N 133 
ILE CA  HA   sing N N 134 
ILE C   O    doub N N 135 
ILE C   OXT  sing N N 136 
ILE CB  CG1  sing N N 137 
ILE CB  CG2  sing N N 138 
ILE CB  HB   sing N N 139 
ILE CG1 CD1  sing N N 140 
ILE CG1 HG12 sing N N 141 
ILE CG1 HG13 sing N N 142 
ILE CG2 HG21 sing N N 143 
ILE CG2 HG22 sing N N 144 
ILE CG2 HG23 sing N N 145 
ILE CD1 HD11 sing N N 146 
ILE CD1 HD12 sing N N 147 
ILE CD1 HD13 sing N N 148 
ILE OXT HXT  sing N N 149 
LEU N   CA   sing N N 150 
LEU N   H    sing N N 151 
LEU N   H2   sing N N 152 
LEU CA  C    sing N N 153 
LEU CA  CB   sing N N 154 
LEU CA  HA   sing N N 155 
LEU C   O    doub N N 156 
LEU C   OXT  sing N N 157 
LEU CB  CG   sing N N 158 
LEU CB  HB2  sing N N 159 
LEU CB  HB3  sing N N 160 
LEU CG  CD1  sing N N 161 
LEU CG  CD2  sing N N 162 
LEU CG  HG   sing N N 163 
LEU CD1 HD11 sing N N 164 
LEU CD1 HD12 sing N N 165 
LEU CD1 HD13 sing N N 166 
LEU CD2 HD21 sing N N 167 
LEU CD2 HD22 sing N N 168 
LEU CD2 HD23 sing N N 169 
LEU OXT HXT  sing N N 170 
LYS N   CA   sing N N 171 
LYS N   H    sing N N 172 
LYS N   H2   sing N N 173 
LYS CA  C    sing N N 174 
LYS CA  CB   sing N N 175 
LYS CA  HA   sing N N 176 
LYS C   O    doub N N 177 
LYS C   OXT  sing N N 178 
LYS CB  CG   sing N N 179 
LYS CB  HB2  sing N N 180 
LYS CB  HB3  sing N N 181 
LYS CG  CD   sing N N 182 
LYS CG  HG2  sing N N 183 
LYS CG  HG3  sing N N 184 
LYS CD  CE   sing N N 185 
LYS CD  HD2  sing N N 186 
LYS CD  HD3  sing N N 187 
LYS CE  NZ   sing N N 188 
LYS CE  HE2  sing N N 189 
LYS CE  HE3  sing N N 190 
LYS NZ  HZ1  sing N N 191 
LYS NZ  HZ2  sing N N 192 
LYS NZ  HZ3  sing N N 193 
LYS OXT HXT  sing N N 194 
MET N   CA   sing N N 195 
MET N   H    sing N N 196 
MET N   H2   sing N N 197 
MET CA  C    sing N N 198 
MET CA  CB   sing N N 199 
MET CA  HA   sing N N 200 
MET C   O    doub N N 201 
MET C   OXT  sing N N 202 
MET CB  CG   sing N N 203 
MET CB  HB2  sing N N 204 
MET CB  HB3  sing N N 205 
MET CG  SD   sing N N 206 
MET CG  HG2  sing N N 207 
MET CG  HG3  sing N N 208 
MET SD  CE   sing N N 209 
MET CE  HE1  sing N N 210 
MET CE  HE2  sing N N 211 
MET CE  HE3  sing N N 212 
MET OXT HXT  sing N N 213 
PHE N   CA   sing N N 214 
PHE N   H    sing N N 215 
PHE N   H2   sing N N 216 
PHE CA  C    sing N N 217 
PHE CA  CB   sing N N 218 
PHE CA  HA   sing N N 219 
PHE C   O    doub N N 220 
PHE C   OXT  sing N N 221 
PHE CB  CG   sing N N 222 
PHE CB  HB2  sing N N 223 
PHE CB  HB3  sing N N 224 
PHE CG  CD1  doub Y N 225 
PHE CG  CD2  sing Y N 226 
PHE CD1 CE1  sing Y N 227 
PHE CD1 HD1  sing N N 228 
PHE CD2 CE2  doub Y N 229 
PHE CD2 HD2  sing N N 230 
PHE CE1 CZ   doub Y N 231 
PHE CE1 HE1  sing N N 232 
PHE CE2 CZ   sing Y N 233 
PHE CE2 HE2  sing N N 234 
PHE CZ  HZ   sing N N 235 
PHE OXT HXT  sing N N 236 
PRO N   CA   sing N N 237 
PRO N   CD   sing N N 238 
PRO N   H    sing N N 239 
PRO CA  C    sing N N 240 
PRO CA  CB   sing N N 241 
PRO CA  HA   sing N N 242 
PRO C   O    doub N N 243 
PRO C   OXT  sing N N 244 
PRO CB  CG   sing N N 245 
PRO CB  HB2  sing N N 246 
PRO CB  HB3  sing N N 247 
PRO CG  CD   sing N N 248 
PRO CG  HG2  sing N N 249 
PRO CG  HG3  sing N N 250 
PRO CD  HD2  sing N N 251 
PRO CD  HD3  sing N N 252 
PRO OXT HXT  sing N N 253 
SER N   CA   sing N N 254 
SER N   H    sing N N 255 
SER N   H2   sing N N 256 
SER CA  C    sing N N 257 
SER CA  CB   sing N N 258 
SER CA  HA   sing N N 259 
SER C   O    doub N N 260 
SER C   OXT  sing N N 261 
SER CB  OG   sing N N 262 
SER CB  HB2  sing N N 263 
SER CB  HB3  sing N N 264 
SER OG  HG   sing N N 265 
SER OXT HXT  sing N N 266 
THR N   CA   sing N N 267 
THR N   H    sing N N 268 
THR N   H2   sing N N 269 
THR CA  C    sing N N 270 
THR CA  CB   sing N N 271 
THR CA  HA   sing N N 272 
THR C   O    doub N N 273 
THR C   OXT  sing N N 274 
THR CB  OG1  sing N N 275 
THR CB  CG2  sing N N 276 
THR CB  HB   sing N N 277 
THR OG1 HG1  sing N N 278 
THR CG2 HG21 sing N N 279 
THR CG2 HG22 sing N N 280 
THR CG2 HG23 sing N N 281 
THR OXT HXT  sing N N 282 
TRP N   CA   sing N N 283 
TRP N   H    sing N N 284 
TRP N   H2   sing N N 285 
TRP CA  C    sing N N 286 
TRP CA  CB   sing N N 287 
TRP CA  HA   sing N N 288 
TRP C   O    doub N N 289 
TRP C   OXT  sing N N 290 
TRP CB  CG   sing N N 291 
TRP CB  HB2  sing N N 292 
TRP CB  HB3  sing N N 293 
TRP CG  CD1  doub Y N 294 
TRP CG  CD2  sing Y N 295 
TRP CD1 NE1  sing Y N 296 
TRP CD1 HD1  sing N N 297 
TRP CD2 CE2  doub Y N 298 
TRP CD2 CE3  sing Y N 299 
TRP NE1 CE2  sing Y N 300 
TRP NE1 HE1  sing N N 301 
TRP CE2 CZ2  sing Y N 302 
TRP CE3 CZ3  doub Y N 303 
TRP CE3 HE3  sing N N 304 
TRP CZ2 CH2  doub Y N 305 
TRP CZ2 HZ2  sing N N 306 
TRP CZ3 CH2  sing Y N 307 
TRP CZ3 HZ3  sing N N 308 
TRP CH2 HH2  sing N N 309 
TRP OXT HXT  sing N N 310 
TYR N   CA   sing N N 311 
TYR N   H    sing N N 312 
TYR N   H2   sing N N 313 
TYR CA  C    sing N N 314 
TYR CA  CB   sing N N 315 
TYR CA  HA   sing N N 316 
TYR C   O    doub N N 317 
TYR C   OXT  sing N N 318 
TYR CB  CG   sing N N 319 
TYR CB  HB2  sing N N 320 
TYR CB  HB3  sing N N 321 
TYR CG  CD1  doub Y N 322 
TYR CG  CD2  sing Y N 323 
TYR CD1 CE1  sing Y N 324 
TYR CD1 HD1  sing N N 325 
TYR CD2 CE2  doub Y N 326 
TYR CD2 HD2  sing N N 327 
TYR CE1 CZ   doub Y N 328 
TYR CE1 HE1  sing N N 329 
TYR CE2 CZ   sing Y N 330 
TYR CE2 HE2  sing N N 331 
TYR CZ  OH   sing N N 332 
TYR OH  HH   sing N N 333 
TYR OXT HXT  sing N N 334 
VAL N   CA   sing N N 335 
VAL N   H    sing N N 336 
VAL N   H2   sing N N 337 
VAL CA  C    sing N N 338 
VAL CA  CB   sing N N 339 
VAL CA  HA   sing N N 340 
VAL C   O    doub N N 341 
VAL C   OXT  sing N N 342 
VAL CB  CG1  sing N N 343 
VAL CB  CG2  sing N N 344 
VAL CB  HB   sing N N 345 
VAL CG1 HG11 sing N N 346 
VAL CG1 HG12 sing N N 347 
VAL CG1 HG13 sing N N 348 
VAL CG2 HG21 sing N N 349 
VAL CG2 HG22 sing N N 350 
VAL CG2 HG23 sing N N 351 
VAL OXT HXT  sing N N 352 
# 
loop_
_pdbx_nmr_spectrometer.spectrometer_id 
_pdbx_nmr_spectrometer.model 
_pdbx_nmr_spectrometer.manufacturer 
_pdbx_nmr_spectrometer.field_strength 
1 DRX Bruker 500 
2 DRX Bruker 600 
3 DRX Bruker 750 
# 
_atom_sites.entry_id                    1E5B 
_atom_sites.fract_transf_matrix[1][1]   1.000000 
_atom_sites.fract_transf_matrix[1][2]   0.000000 
_atom_sites.fract_transf_matrix[1][3]   0.000000 
_atom_sites.fract_transf_matrix[2][1]   0.000000 
_atom_sites.fract_transf_matrix[2][2]   1.000000 
_atom_sites.fract_transf_matrix[2][3]   0.000000 
_atom_sites.fract_transf_matrix[3][1]   0.000000 
_atom_sites.fract_transf_matrix[3][2]   0.000000 
_atom_sites.fract_transf_matrix[3][3]   1.000000 
_atom_sites.fract_transf_vector[1]      0.00000 
_atom_sites.fract_transf_vector[2]      0.00000 
_atom_sites.fract_transf_vector[3]      0.00000 
# 
loop_
_atom_type.symbol 
C 
H 
N 
O 
S 
# 
loop_
_atom_site.group_PDB 
_atom_site.id 
_atom_site.type_symbol 
_atom_site.label_atom_id 
_atom_site.label_alt_id 
_atom_site.label_comp_id 
_atom_site.label_asym_id 
_atom_site.label_entity_id 
_atom_site.label_seq_id 
_atom_site.pdbx_PDB_ins_code 
_atom_site.Cartn_x 
_atom_site.Cartn_y 
_atom_site.Cartn_z 
_atom_site.occupancy 
_atom_site.B_iso_or_equiv 
_atom_site.pdbx_formal_charge 
_atom_site.auth_seq_id 
_atom_site.auth_comp_id 
_atom_site.auth_asym_id 
_atom_site.auth_atom_id 
_atom_site.pdbx_PDB_model_num 
ATOM 1    N N    . THR A 1 1  ? 7.799   -17.360 7.573   1.00 4.11 ? 247 THR A N    1 
ATOM 2    C CA   . THR A 1 1  ? 8.793   -17.573 6.484   1.00 3.28 ? 247 THR A CA   1 
ATOM 3    C C    . THR A 1 1  ? 8.353   -16.805 5.237   1.00 2.30 ? 247 THR A C    1 
ATOM 4    O O    . THR A 1 1  ? 8.308   -17.342 4.148   1.00 2.40 ? 247 THR A O    1 
ATOM 5    C CB   . THR A 1 1  ? 8.883   -19.066 6.158   1.00 3.56 ? 247 THR A CB   1 
ATOM 6    O OG1  . THR A 1 1  ? 7.899   -19.397 5.189   1.00 4.02 ? 247 THR A OG1  1 
ATOM 7    C CG2  . THR A 1 1  ? 8.646   -19.883 7.429   1.00 4.18 ? 247 THR A CG2  1 
ATOM 8    H H1   . THR A 1 1  ? 7.355   -16.427 7.461   1.00 4.53 ? 247 THR A H1   1 
ATOM 9    H H2   . THR A 1 1  ? 7.069   -18.101 7.525   1.00 4.30 ? 247 THR A H2   1 
ATOM 10   H H3   . THR A 1 1  ? 8.278   -17.406 8.494   1.00 4.52 ? 247 THR A H3   1 
ATOM 11   H HA   . THR A 1 1  ? 9.760   -17.215 6.804   1.00 3.68 ? 247 THR A HA   1 
ATOM 12   H HB   . THR A 1 1  ? 9.864   -19.291 5.768   1.00 3.62 ? 247 THR A HB   1 
ATOM 13   H HG1  . THR A 1 1  ? 8.348   -19.764 4.423   1.00 4.10 ? 247 THR A HG1  1 
ATOM 14   H HG21 . THR A 1 1  ? 8.696   -19.233 8.290   1.00 4.59 ? 247 THR A HG21 1 
ATOM 15   H HG22 . THR A 1 1  ? 7.672   -20.347 7.382   1.00 4.47 ? 247 THR A HG22 1 
ATOM 16   H HG23 . THR A 1 1  ? 9.405   -20.648 7.511   1.00 4.44 ? 247 THR A HG23 1 
ATOM 17   N N    . GLY A 1 2  ? 8.028   -15.550 5.385   1.00 1.92 ? 248 GLY A N    1 
ATOM 18   C CA   . GLY A 1 2  ? 7.590   -14.750 4.208   1.00 1.43 ? 248 GLY A CA   1 
ATOM 19   C C    . GLY A 1 2  ? 7.907   -13.272 4.446   1.00 1.03 ? 248 GLY A C    1 
ATOM 20   O O    . GLY A 1 2  ? 8.318   -12.880 5.521   1.00 1.34 ? 248 GLY A O    1 
ATOM 21   H H    . GLY A 1 2  ? 8.070   -15.135 6.272   1.00 2.44 ? 248 GLY A H    1 
ATOM 22   H HA2  . GLY A 1 2  ? 8.111   -15.093 3.326   1.00 1.57 ? 248 GLY A HA2  1 
ATOM 23   H HA3  . GLY A 1 2  ? 6.526   -14.867 4.067   1.00 2.03 ? 248 GLY A HA3  1 
ATOM 24   N N    . CYS A 1 3  ? 7.722   -12.448 3.451   1.00 0.61 ? 249 CYS A N    1 
ATOM 25   C CA   . CYS A 1 3  ? 8.016   -10.996 3.621   1.00 0.23 ? 249 CYS A CA   1 
ATOM 26   C C    . CYS A 1 3  ? 7.148   -10.425 4.744   1.00 0.25 ? 249 CYS A C    1 
ATOM 27   O O    . CYS A 1 3  ? 6.004   -10.796 4.909   1.00 0.38 ? 249 CYS A O    1 
ATOM 28   C CB   . CYS A 1 3  ? 7.712   -10.248 2.320   1.00 0.50 ? 249 CYS A CB   1 
ATOM 29   S SG   . CYS A 1 3  ? 6.241   -10.955 1.536   1.00 1.32 ? 249 CYS A SG   1 
ATOM 30   H H    . CYS A 1 3  ? 7.394   -12.787 2.593   1.00 0.86 ? 249 CYS A H    1 
ATOM 31   H HA   . CYS A 1 3  ? 9.058   -10.868 3.873   1.00 0.38 ? 249 CYS A HA   1 
ATOM 32   H HB2  . CYS A 1 3  ? 7.535   -9.205  2.539   1.00 0.87 ? 249 CYS A HB2  1 
ATOM 33   H HB3  . CYS A 1 3  ? 8.552   -10.335 1.650   1.00 0.29 ? 249 CYS A HB3  1 
ATOM 34   N N    . SER A 1 4  ? 7.686   -9.520  5.515   1.00 0.22 ? 250 SER A N    1 
ATOM 35   C CA   . SER A 1 4  ? 6.894   -8.917  6.624   1.00 0.24 ? 250 SER A CA   1 
ATOM 36   C C    . SER A 1 4  ? 6.653   -7.439  6.318   1.00 0.19 ? 250 SER A C    1 
ATOM 37   O O    . SER A 1 4  ? 7.380   -6.575  6.768   1.00 0.25 ? 250 SER A O    1 
ATOM 38   C CB   . SER A 1 4  ? 7.670   -9.049  7.935   1.00 0.32 ? 250 SER A CB   1 
ATOM 39   O OG   . SER A 1 4  ? 6.881   -9.764  8.876   1.00 1.17 ? 250 SER A OG   1 
ATOM 40   H H    . SER A 1 4  ? 8.610   -9.232  5.362   1.00 0.28 ? 250 SER A H    1 
ATOM 41   H HA   . SER A 1 4  ? 5.947   -9.429  6.711   1.00 0.25 ? 250 SER A HA   1 
ATOM 42   H HB2  . SER A 1 4  ? 8.587   -9.585  7.761   1.00 0.94 ? 250 SER A HB2  1 
ATOM 43   H HB3  . SER A 1 4  ? 7.898   -8.063  8.317   1.00 0.85 ? 250 SER A HB3  1 
ATOM 44   H HG   . SER A 1 4  ? 7.370   -9.807  9.702   1.00 1.61 ? 250 SER A HG   1 
ATOM 45   N N    . VAL A 1 5  ? 5.640   -7.140  5.550   1.00 0.16 ? 251 VAL A N    1 
ATOM 46   C CA   . VAL A 1 5  ? 5.361   -5.717  5.211   1.00 0.15 ? 251 VAL A CA   1 
ATOM 47   C C    . VAL A 1 5  ? 4.633   -5.042  6.373   1.00 0.16 ? 251 VAL A C    1 
ATOM 48   O O    . VAL A 1 5  ? 3.931   -5.675  7.137   1.00 0.22 ? 251 VAL A O    1 
ATOM 49   C CB   . VAL A 1 5  ? 4.490   -5.644  3.955   1.00 0.20 ? 251 VAL A CB   1 
ATOM 50   C CG1  . VAL A 1 5  ? 3.198   -6.434  4.176   1.00 0.26 ? 251 VAL A CG1  1 
ATOM 51   C CG2  . VAL A 1 5  ? 4.146   -4.182  3.661   1.00 0.28 ? 251 VAL A CG2  1 
ATOM 52   H H    . VAL A 1 5  ? 5.071   -7.852  5.194   1.00 0.19 ? 251 VAL A H    1 
ATOM 53   H HA   . VAL A 1 5  ? 6.292   -5.204  5.030   1.00 0.18 ? 251 VAL A HA   1 
ATOM 54   H HB   . VAL A 1 5  ? 5.031   -6.062  3.118   1.00 0.22 ? 251 VAL A HB   1 
ATOM 55   H HG11 . VAL A 1 5  ? 2.691   -6.055  5.051   1.00 1.08 ? 251 VAL A HG11 1 
ATOM 56   H HG12 . VAL A 1 5  ? 2.558   -6.326  3.314   1.00 1.06 ? 251 VAL A HG12 1 
ATOM 57   H HG13 . VAL A 1 5  ? 3.434   -7.477  4.322   1.00 0.98 ? 251 VAL A HG13 1 
ATOM 58   H HG21 . VAL A 1 5  ? 3.795   -3.707  4.564   1.00 0.97 ? 251 VAL A HG21 1 
ATOM 59   H HG22 . VAL A 1 5  ? 5.027   -3.670  3.304   1.00 1.12 ? 251 VAL A HG22 1 
ATOM 60   H HG23 . VAL A 1 5  ? 3.373   -4.139  2.907   1.00 1.07 ? 251 VAL A HG23 1 
ATOM 61   N N    . THR A 1 6  ? 4.804   -3.757  6.510   1.00 0.15 ? 252 THR A N    1 
ATOM 62   C CA   . THR A 1 6  ? 4.146   -3.021  7.604   1.00 0.19 ? 252 THR A CA   1 
ATOM 63   C C    . THR A 1 6  ? 3.472   -1.781  7.023   1.00 0.20 ? 252 THR A C    1 
ATOM 64   O O    . THR A 1 6  ? 3.673   -1.430  5.878   1.00 0.20 ? 252 THR A O    1 
ATOM 65   C CB   . THR A 1 6  ? 5.206   -2.599  8.615   1.00 0.24 ? 252 THR A CB   1 
ATOM 66   O OG1  . THR A 1 6  ? 6.494   -2.923  8.108   1.00 1.06 ? 252 THR A OG1  1 
ATOM 67   C CG2  . THR A 1 6  ? 4.974   -3.333  9.931   1.00 1.05 ? 252 THR A CG2  1 
ATOM 68   H H    . THR A 1 6  ? 5.371   -3.273  5.892   1.00 0.17 ? 252 THR A H    1 
ATOM 69   H HA   . THR A 1 6  ? 3.412   -3.650  8.083   1.00 0.22 ? 252 THR A HA   1 
ATOM 70   H HB   . THR A 1 6  ? 5.141   -1.537  8.778   1.00 0.81 ? 252 THR A HB   1 
ATOM 71   H HG1  . THR A 1 6  ? 7.148   -2.491  8.662   1.00 1.44 ? 252 THR A HG1  1 
ATOM 72   H HG21 . THR A 1 6  ? 4.822   -4.383  9.729   1.00 1.64 ? 252 THR A HG21 1 
ATOM 73   H HG22 . THR A 1 6  ? 5.836   -3.209  10.569  1.00 1.64 ? 252 THR A HG22 1 
ATOM 74   H HG23 . THR A 1 6  ? 4.100   -2.930  10.419  1.00 1.65 ? 252 THR A HG23 1 
ATOM 75   N N    . ALA A 1 7  ? 2.679   -1.116  7.805   1.00 0.26 ? 253 ALA A N    1 
ATOM 76   C CA   . ALA A 1 7  ? 1.985   0.104   7.305   1.00 0.31 ? 253 ALA A CA   1 
ATOM 77   C C    . ALA A 1 7  ? 2.349   1.303   8.183   1.00 0.30 ? 253 ALA A C    1 
ATOM 78   O O    . ALA A 1 7  ? 2.806   1.153   9.299   1.00 0.33 ? 253 ALA A O    1 
ATOM 79   C CB   . ALA A 1 7  ? 0.473   -0.118  7.348   1.00 0.39 ? 253 ALA A CB   1 
ATOM 80   H H    . ALA A 1 7  ? 2.540   -1.422  8.720   1.00 0.28 ? 253 ALA A H    1 
ATOM 81   H HA   . ALA A 1 7  ? 2.289   0.299   6.288   1.00 0.36 ? 253 ALA A HA   1 
ATOM 82   H HB1  . ALA A 1 7  ? 0.265   -1.178  7.337   1.00 1.09 ? 253 ALA A HB1  1 
ATOM 83   H HB2  . ALA A 1 7  ? 0.070   0.319   8.250   1.00 1.15 ? 253 ALA A HB2  1 
ATOM 84   H HB3  . ALA A 1 7  ? 0.016   0.348   6.487   1.00 0.99 ? 253 ALA A HB3  1 
ATOM 85   N N    . THR A 1 8  ? 2.148   2.493   7.686   1.00 0.33 ? 254 THR A N    1 
ATOM 86   C CA   . THR A 1 8  ? 2.479   3.705   8.488   1.00 0.37 ? 254 THR A CA   1 
ATOM 87   C C    . THR A 1 8  ? 1.878   4.940   7.813   1.00 0.39 ? 254 THR A C    1 
ATOM 88   O O    . THR A 1 8  ? 2.369   5.409   6.806   1.00 0.67 ? 254 THR A O    1 
ATOM 89   C CB   . THR A 1 8  ? 3.999   3.859   8.575   1.00 0.42 ? 254 THR A CB   1 
ATOM 90   O OG1  . THR A 1 8  ? 4.527   2.856   9.432   1.00 0.45 ? 254 THR A OG1  1 
ATOM 91   C CG2  . THR A 1 8  ? 4.344   5.241   9.131   1.00 0.49 ? 254 THR A CG2  1 
ATOM 92   H H    . THR A 1 8  ? 1.778   2.591   6.784   1.00 0.36 ? 254 THR A H    1 
ATOM 93   H HA   . THR A 1 8  ? 2.070   3.602   9.482   1.00 0.40 ? 254 THR A HA   1 
ATOM 94   H HB   . THR A 1 8  ? 4.429   3.754   7.591   1.00 0.44 ? 254 THR A HB   1 
ATOM 95   H HG1  . THR A 1 8  ? 5.467   2.779   9.254   1.00 0.96 ? 254 THR A HG1  1 
ATOM 96   H HG21 . THR A 1 8  ? 3.439   5.731   9.461   1.00 1.12 ? 254 THR A HG21 1 
ATOM 97   H HG22 . THR A 1 8  ? 5.021   5.135   9.965   1.00 1.18 ? 254 THR A HG22 1 
ATOM 98   H HG23 . THR A 1 8  ? 4.813   5.833   8.359   1.00 1.09 ? 254 THR A HG23 1 
ATOM 99   N N    . ARG A 1 9  ? 0.817   5.470   8.358   1.00 0.34 ? 255 ARG A N    1 
ATOM 100  C CA   . ARG A 1 9  ? 0.185   6.672   7.746   1.00 0.35 ? 255 ARG A CA   1 
ATOM 101  C C    . ARG A 1 9  ? 1.197   7.819   7.702   1.00 0.32 ? 255 ARG A C    1 
ATOM 102  O O    . ARG A 1 9  ? 1.745   8.214   8.712   1.00 0.35 ? 255 ARG A O    1 
ATOM 103  C CB   . ARG A 1 9  ? -1.025  7.094   8.583   1.00 0.42 ? 255 ARG A CB   1 
ATOM 104  C CG   . ARG A 1 9  ? -2.181  6.123   8.337   1.00 0.54 ? 255 ARG A CG   1 
ATOM 105  C CD   . ARG A 1 9  ? -3.506  6.888   8.367   1.00 1.06 ? 255 ARG A CD   1 
ATOM 106  N NE   . ARG A 1 9  ? -3.545  7.766   9.571   1.00 1.00 ? 255 ARG A NE   1 
ATOM 107  C CZ   . ARG A 1 9  ? -4.545  7.682   10.407  1.00 1.44 ? 255 ARG A CZ   1 
ATOM 108  N NH1  . ARG A 1 9  ? -5.720  7.307   9.982   1.00 2.20 ? 255 ARG A NH1  1 
ATOM 109  N NH2  . ARG A 1 9  ? -4.368  7.975   11.665  1.00 2.01 ? 255 ARG A NH2  1 
ATOM 110  H H    . ARG A 1 9  ? 0.436   5.074   9.170   1.00 0.51 ? 255 ARG A H    1 
ATOM 111  H HA   . ARG A 1 9  ? -0.137  6.438   6.742   1.00 0.36 ? 255 ARG A HA   1 
ATOM 112  H HB2  . ARG A 1 9  ? -0.759  7.081   9.631   1.00 0.49 ? 255 ARG A HB2  1 
ATOM 113  H HB3  . ARG A 1 9  ? -1.329  8.091   8.301   1.00 0.46 ? 255 ARG A HB3  1 
ATOM 114  H HG2  . ARG A 1 9  ? -2.057  5.653   7.372   1.00 0.86 ? 255 ARG A HG2  1 
ATOM 115  H HG3  . ARG A 1 9  ? -2.187  5.366   9.108   1.00 0.94 ? 255 ARG A HG3  1 
ATOM 116  H HD2  . ARG A 1 9  ? -3.592  7.493   7.477   1.00 1.80 ? 255 ARG A HD2  1 
ATOM 117  H HD3  . ARG A 1 9  ? -4.326  6.186   8.407   1.00 1.68 ? 255 ARG A HD3  1 
ATOM 118  H HE   . ARG A 1 9  ? -2.821  8.405   9.735   1.00 1.36 ? 255 ARG A HE   1 
ATOM 119  H HH11 . ARG A 1 9  ? -5.856  7.083   9.017   1.00 2.59 ? 255 ARG A HH11 1 
ATOM 120  H HH12 . ARG A 1 9  ? -6.486  7.244   10.622  1.00 2.72 ? 255 ARG A HH12 1 
ATOM 121  H HH21 . ARG A 1 9  ? -3.468  8.263   11.991  1.00 2.38 ? 255 ARG A HH21 1 
ATOM 122  H HH22 . ARG A 1 9  ? -5.134  7.912   12.306  1.00 2.50 ? 255 ARG A HH22 1 
ATOM 123  N N    . ALA A 1 10 ? 1.451   8.356   6.540   1.00 0.32 ? 256 ALA A N    1 
ATOM 124  C CA   . ALA A 1 10 ? 2.429   9.476   6.436   1.00 0.33 ? 256 ALA A CA   1 
ATOM 125  C C    . ALA A 1 10 ? 1.675   10.805  6.321   1.00 0.31 ? 256 ALA A C    1 
ATOM 126  O O    . ALA A 1 10 ? 1.435   11.479  7.304   1.00 0.42 ? 256 ALA A O    1 
ATOM 127  C CB   . ALA A 1 10 ? 3.305   9.277   5.197   1.00 0.37 ? 256 ALA A CB   1 
ATOM 128  H H    . ALA A 1 10 ? 0.999   8.022   5.736   1.00 0.36 ? 256 ALA A H    1 
ATOM 129  H HA   . ALA A 1 10 ? 3.051   9.492   7.318   1.00 0.37 ? 256 ALA A HA   1 
ATOM 130  H HB1  . ALA A 1 10 ? 2.849   8.545   4.548   1.00 1.06 ? 256 ALA A HB1  1 
ATOM 131  H HB2  . ALA A 1 10 ? 4.282   8.930   5.501   1.00 1.02 ? 256 ALA A HB2  1 
ATOM 132  H HB3  . ALA A 1 10 ? 3.404   10.214  4.671   1.00 1.10 ? 256 ALA A HB3  1 
ATOM 133  N N    . GLU A 1 11 ? 1.302   11.189  5.131   1.00 0.30 ? 257 GLU A N    1 
ATOM 134  C CA   . GLU A 1 11 ? 0.567   12.475  4.958   1.00 0.27 ? 257 GLU A CA   1 
ATOM 135  C C    . GLU A 1 11 ? -0.938  12.223  5.070   1.00 0.24 ? 257 GLU A C    1 
ATOM 136  O O    . GLU A 1 11 ? -1.392  11.096  5.039   1.00 0.24 ? 257 GLU A O    1 
ATOM 137  C CB   . GLU A 1 11 ? 0.886   13.060  3.582   1.00 0.28 ? 257 GLU A CB   1 
ATOM 138  C CG   . GLU A 1 11 ? 2.394   12.998  3.337   1.00 0.34 ? 257 GLU A CG   1 
ATOM 139  C CD   . GLU A 1 11 ? 3.133   13.567  4.548   1.00 0.92 ? 257 GLU A CD   1 
ATOM 140  O OE1  . GLU A 1 11 ? 2.999   14.755  4.795   1.00 1.63 ? 257 GLU A OE1  1 
ATOM 141  O OE2  . GLU A 1 11 ? 3.820   12.807  5.210   1.00 1.59 ? 257 GLU A OE2  1 
ATOM 142  H H    . GLU A 1 11 ? 1.505   10.633  4.349   1.00 0.41 ? 257 GLU A H    1 
ATOM 143  H HA   . GLU A 1 11 ? 0.874   13.171  5.726   1.00 0.30 ? 257 GLU A HA   1 
ATOM 144  H HB2  . GLU A 1 11 ? 0.371   12.489  2.822   1.00 0.27 ? 257 GLU A HB2  1 
ATOM 145  H HB3  . GLU A 1 11 ? 0.559   14.089  3.544   1.00 0.29 ? 257 GLU A HB3  1 
ATOM 146  H HG2  . GLU A 1 11 ? 2.691   11.970  3.183   1.00 0.69 ? 257 GLU A HG2  1 
ATOM 147  H HG3  . GLU A 1 11 ? 2.641   13.579  2.461   1.00 0.64 ? 257 GLU A HG3  1 
ATOM 148  N N    . GLU A 1 12 ? -1.719  13.263  5.203   1.00 0.25 ? 258 GLU A N    1 
ATOM 149  C CA   . GLU A 1 12 ? -3.193  13.072  5.318   1.00 0.26 ? 258 GLU A CA   1 
ATOM 150  C C    . GLU A 1 12 ? -3.908  14.424  5.223   1.00 0.28 ? 258 GLU A C    1 
ATOM 151  O O    . GLU A 1 12 ? -3.406  15.438  5.665   1.00 0.35 ? 258 GLU A O    1 
ATOM 152  C CB   . GLU A 1 12 ? -3.516  12.419  6.663   1.00 0.30 ? 258 GLU A CB   1 
ATOM 153  C CG   . GLU A 1 12 ? -5.034  12.321  6.832   1.00 0.77 ? 258 GLU A CG   1 
ATOM 154  C CD   . GLU A 1 12 ? -5.375  12.186  8.318   1.00 1.24 ? 258 GLU A CD   1 
ATOM 155  O OE1  . GLU A 1 12 ? -4.603  11.562  9.027   1.00 1.83 ? 258 GLU A OE1  1 
ATOM 156  O OE2  . GLU A 1 12 ? -6.401  12.708  8.719   1.00 1.90 ? 258 GLU A OE2  1 
ATOM 157  H H    . GLU A 1 12 ? -1.335  14.165  5.226   1.00 0.27 ? 258 GLU A H    1 
ATOM 158  H HA   . GLU A 1 12 ? -3.534  12.431  4.519   1.00 0.25 ? 258 GLU A HA   1 
ATOM 159  H HB2  . GLU A 1 12 ? -3.085  11.430  6.695   1.00 0.66 ? 258 GLU A HB2  1 
ATOM 160  H HB3  . GLU A 1 12 ? -3.105  13.018  7.461   1.00 0.67 ? 258 GLU A HB3  1 
ATOM 161  H HG2  . GLU A 1 12 ? -5.499  13.212  6.434   1.00 1.27 ? 258 GLU A HG2  1 
ATOM 162  H HG3  . GLU A 1 12 ? -5.401  11.456  6.300   1.00 1.24 ? 258 GLU A HG3  1 
ATOM 163  N N    . TRP A 1 13 ? -5.086  14.437  4.659   1.00 0.26 ? 259 TRP A N    1 
ATOM 164  C CA   . TRP A 1 13 ? -5.853  15.710  4.539   1.00 0.30 ? 259 TRP A CA   1 
ATOM 165  C C    . TRP A 1 13 ? -7.346  15.383  4.433   1.00 0.35 ? 259 TRP A C    1 
ATOM 166  O O    . TRP A 1 13 ? -7.761  14.264  4.664   1.00 0.36 ? 259 TRP A O    1 
ATOM 167  C CB   . TRP A 1 13 ? -5.401  16.474  3.291   1.00 0.31 ? 259 TRP A CB   1 
ATOM 168  C CG   . TRP A 1 13 ? -5.208  15.516  2.162   1.00 0.30 ? 259 TRP A CG   1 
ATOM 169  C CD1  . TRP A 1 13 ? -6.156  15.175  1.262   1.00 0.33 ? 259 TRP A CD1  1 
ATOM 170  C CD2  . TRP A 1 13 ? -4.010  14.778  1.795   1.00 0.26 ? 259 TRP A CD2  1 
ATOM 171  N NE1  . TRP A 1 13 ? -5.618  14.265  0.369   1.00 0.32 ? 259 TRP A NE1  1 
ATOM 172  C CE2  . TRP A 1 13 ? -4.296  13.990  0.656   1.00 0.28 ? 259 TRP A CE2  1 
ATOM 173  C CE3  . TRP A 1 13 ? -2.716  14.716  2.337   1.00 0.24 ? 259 TRP A CE3  1 
ATOM 174  C CZ2  . TRP A 1 13 ? -3.329  13.168  0.075   1.00 0.27 ? 259 TRP A CZ2  1 
ATOM 175  C CZ3  . TRP A 1 13 ? -1.741  13.892  1.756   1.00 0.23 ? 259 TRP A CZ3  1 
ATOM 176  C CH2  . TRP A 1 13 ? -2.046  13.119  0.628   1.00 0.25 ? 259 TRP A CH2  1 
ATOM 177  H H    . TRP A 1 13 ? -5.470  13.602  4.318   1.00 0.26 ? 259 TRP A H    1 
ATOM 178  H HA   . TRP A 1 13 ? -5.682  16.318  5.415   1.00 0.31 ? 259 TRP A HA   1 
ATOM 179  H HB2  . TRP A 1 13 ? -6.152  17.202  3.020   1.00 0.36 ? 259 TRP A HB2  1 
ATOM 180  H HB3  . TRP A 1 13 ? -4.469  16.979  3.497   1.00 0.31 ? 259 TRP A HB3  1 
ATOM 181  H HD1  . TRP A 1 13 ? -7.170  15.546  1.247   1.00 0.37 ? 259 TRP A HD1  1 
ATOM 182  H HE1  . TRP A 1 13 ? -6.099  13.856  -0.381  1.00 0.35 ? 259 TRP A HE1  1 
ATOM 183  H HE3  . TRP A 1 13 ? -2.470  15.307  3.207   1.00 0.24 ? 259 TRP A HE3  1 
ATOM 184  H HZ2  . TRP A 1 13 ? -3.570  12.573  -0.793  1.00 0.29 ? 259 TRP A HZ2  1 
ATOM 185  H HZ3  . TRP A 1 13 ? -0.751  13.854  2.179   1.00 0.24 ? 259 TRP A HZ3  1 
ATOM 186  H HH2  . TRP A 1 13 ? -1.291  12.485  0.187   1.00 0.26 ? 259 TRP A HH2  1 
ATOM 187  N N    . SER A 1 14 ? -8.157  16.347  4.097   1.00 0.40 ? 260 SER A N    1 
ATOM 188  C CA   . SER A 1 14 ? -9.621  16.084  3.988   1.00 0.46 ? 260 SER A CA   1 
ATOM 189  C C    . SER A 1 14 ? -9.947  15.482  2.617   1.00 0.49 ? 260 SER A C    1 
ATOM 190  O O    . SER A 1 14 ? -10.924 15.839  1.990   1.00 0.78 ? 260 SER A O    1 
ATOM 191  C CB   . SER A 1 14 ? -10.386 17.398  4.159   1.00 0.51 ? 260 SER A CB   1 
ATOM 192  O OG   . SER A 1 14 ? -10.493 17.702  5.543   1.00 1.02 ? 260 SER A OG   1 
ATOM 193  H H    . SER A 1 14 ? -7.806  17.245  3.922   1.00 0.40 ? 260 SER A H    1 
ATOM 194  H HA   . SER A 1 14 ? -9.920  15.394  4.763   1.00 0.47 ? 260 SER A HA   1 
ATOM 195  H HB2  . SER A 1 14 ? -9.858  18.192  3.660   1.00 0.81 ? 260 SER A HB2  1 
ATOM 196  H HB3  . SER A 1 14 ? -11.372 17.297  3.724   1.00 0.88 ? 260 SER A HB3  1 
ATOM 197  H HG   . SER A 1 14 ? -11.139 18.406  5.643   1.00 1.41 ? 260 SER A HG   1 
ATOM 198  N N    . ASP A 1 15 ? -9.139  14.571  2.145   1.00 0.39 ? 261 ASP A N    1 
ATOM 199  C CA   . ASP A 1 15 ? -9.410  13.952  0.817   1.00 0.40 ? 261 ASP A CA   1 
ATOM 200  C C    . ASP A 1 15 ? -8.727  12.582  0.733   1.00 0.34 ? 261 ASP A C    1 
ATOM 201  O O    . ASP A 1 15 ? -9.260  11.647  0.169   1.00 0.42 ? 261 ASP A O    1 
ATOM 202  C CB   . ASP A 1 15 ? -8.862  14.861  -0.281  1.00 0.47 ? 261 ASP A CB   1 
ATOM 203  C CG   . ASP A 1 15 ? -9.786  14.808  -1.499  1.00 0.63 ? 261 ASP A CG   1 
ATOM 204  O OD1  . ASP A 1 15 ? -10.990 14.758  -1.302  1.00 1.14 ? 261 ASP A OD1  1 
ATOM 205  O OD2  . ASP A 1 15 ? -9.276  14.818  -2.606  1.00 1.45 ? 261 ASP A OD2  1 
ATOM 206  H H    . ASP A 1 15 ? -8.356  14.296  2.662   1.00 0.53 ? 261 ASP A H    1 
ATOM 207  H HA   . ASP A 1 15 ? -10.474 13.832  0.687   1.00 0.45 ? 261 ASP A HA   1 
ATOM 208  H HB2  . ASP A 1 15 ? -8.809  15.874  0.089   1.00 0.65 ? 261 ASP A HB2  1 
ATOM 209  H HB3  . ASP A 1 15 ? -7.876  14.528  -0.564  1.00 0.58 ? 261 ASP A HB3  1 
ATOM 210  N N    . GLY A 1 16 ? -7.552  12.457  1.286   1.00 0.40 ? 262 GLY A N    1 
ATOM 211  C CA   . GLY A 1 16 ? -6.835  11.151  1.235   1.00 0.34 ? 262 GLY A CA   1 
ATOM 212  C C    . GLY A 1 16 ? -5.556  11.244  2.067   1.00 0.35 ? 262 GLY A C    1 
ATOM 213  O O    . GLY A 1 16 ? -5.155  12.311  2.487   1.00 0.49 ? 262 GLY A O    1 
ATOM 214  H H    . GLY A 1 16 ? -7.139  13.221  1.734   1.00 0.56 ? 262 GLY A H    1 
ATOM 215  H HA2  . GLY A 1 16 ? -7.471  10.376  1.634   1.00 0.35 ? 262 GLY A HA2  1 
ATOM 216  H HA3  . GLY A 1 16 ? -6.577  10.919  0.213   1.00 0.34 ? 262 GLY A HA3  1 
ATOM 217  N N    . PHE A 1 17 ? -4.910  10.138  2.309   1.00 0.28 ? 263 PHE A N    1 
ATOM 218  C CA   . PHE A 1 17 ? -3.658  10.175  3.114   1.00 0.29 ? 263 PHE A CA   1 
ATOM 219  C C    . PHE A 1 17 ? -2.573  9.347   2.422   1.00 0.30 ? 263 PHE A C    1 
ATOM 220  O O    . PHE A 1 17 ? -2.830  8.285   1.895   1.00 0.34 ? 263 PHE A O    1 
ATOM 221  C CB   . PHE A 1 17 ? -3.925  9.611   4.511   1.00 0.32 ? 263 PHE A CB   1 
ATOM 222  C CG   . PHE A 1 17 ? -4.749  8.347   4.414   1.00 0.24 ? 263 PHE A CG   1 
ATOM 223  C CD1  . PHE A 1 17 ? -6.113  8.416   4.096   1.00 1.21 ? 263 PHE A CD1  1 
ATOM 224  C CD2  . PHE A 1 17 ? -4.151  7.104   4.657   1.00 1.17 ? 263 PHE A CD2  1 
ATOM 225  C CE1  . PHE A 1 17 ? -6.874  7.243   4.024   1.00 1.18 ? 263 PHE A CE1  1 
ATOM 226  C CE2  . PHE A 1 17 ? -4.913  5.934   4.581   1.00 1.18 ? 263 PHE A CE2  1 
ATOM 227  C CZ   . PHE A 1 17 ? -6.273  6.001   4.267   1.00 0.22 ? 263 PHE A CZ   1 
ATOM 228  H H    . PHE A 1 17 ? -5.247  9.285   1.962   1.00 0.32 ? 263 PHE A H    1 
ATOM 229  H HA   . PHE A 1 17 ? -3.322  11.198  3.200   1.00 0.28 ? 263 PHE A HA   1 
ATOM 230  H HB2  . PHE A 1 17 ? -2.985  9.389   4.993   1.00 0.38 ? 263 PHE A HB2  1 
ATOM 231  H HB3  . PHE A 1 17 ? -4.462  10.344  5.096   1.00 0.38 ? 263 PHE A HB3  1 
ATOM 232  H HD1  . PHE A 1 17 ? -6.577  9.374   3.907   1.00 2.11 ? 263 PHE A HD1  1 
ATOM 233  H HD2  . PHE A 1 17 ? -3.099  7.047   4.897   1.00 2.06 ? 263 PHE A HD2  1 
ATOM 234  H HE1  . PHE A 1 17 ? -7.925  7.295   3.779   1.00 2.07 ? 263 PHE A HE1  1 
ATOM 235  H HE2  . PHE A 1 17 ? -4.452  4.977   4.770   1.00 2.08 ? 263 PHE A HE2  1 
ATOM 236  H HZ   . PHE A 1 17 ? -6.860  5.096   4.213   1.00 0.26 ? 263 PHE A HZ   1 
ATOM 237  N N    . ASN A 1 18 ? -1.360  9.830   2.421   1.00 0.29 ? 264 ASN A N    1 
ATOM 238  C CA   . ASN A 1 18 ? -0.259  9.075   1.763   1.00 0.32 ? 264 ASN A CA   1 
ATOM 239  C C    . ASN A 1 18 ? 0.217   7.957   2.690   1.00 0.36 ? 264 ASN A C    1 
ATOM 240  O O    . ASN A 1 18 ? 1.080   8.151   3.522   1.00 0.73 ? 264 ASN A O    1 
ATOM 241  C CB   . ASN A 1 18 ? 0.908   10.021  1.473   1.00 0.32 ? 264 ASN A CB   1 
ATOM 242  C CG   . ASN A 1 18 ? 0.501   11.017  0.386   1.00 0.99 ? 264 ASN A CG   1 
ATOM 243  O OD1  . ASN A 1 18 ? -0.155  10.657  -0.571  1.00 1.38 ? 264 ASN A OD1  1 
ATOM 244  N ND2  . ASN A 1 18 ? 0.868   12.265  0.494   1.00 1.41 ? 264 ASN A ND2  1 
ATOM 245  H H    . ASN A 1 18 ? -1.175  10.691  2.853   1.00 0.28 ? 264 ASN A H    1 
ATOM 246  H HA   . ASN A 1 18 ? -0.616  8.649   0.837   1.00 0.33 ? 264 ASN A HA   1 
ATOM 247  H HB2  . ASN A 1 18 ? 1.169   10.556  2.374   1.00 0.84 ? 264 ASN A HB2  1 
ATOM 248  H HB3  . ASN A 1 18 ? 1.759   9.450   1.134   1.00 0.83 ? 264 ASN A HB3  1 
ATOM 249  H HD21 . ASN A 1 18 ? 1.398   12.554  1.266   1.00 1.11 ? 264 ASN A HD21 1 
ATOM 250  H HD22 . ASN A 1 18 ? 0.614   12.912  -0.196  1.00 2.05 ? 264 ASN A HD22 1 
ATOM 251  N N    . VAL A 1 19 ? -0.337  6.785   2.550   1.00 0.23 ? 265 VAL A N    1 
ATOM 252  C CA   . VAL A 1 19 ? 0.085   5.654   3.419   1.00 0.25 ? 265 VAL A CA   1 
ATOM 253  C C    . VAL A 1 19 ? 1.491   5.210   3.014   1.00 0.20 ? 265 VAL A C    1 
ATOM 254  O O    . VAL A 1 19 ? 1.867   5.286   1.862   1.00 0.21 ? 265 VAL A O    1 
ATOM 255  C CB   . VAL A 1 19 ? -0.897  4.490   3.244   1.00 0.36 ? 265 VAL A CB   1 
ATOM 256  C CG1  . VAL A 1 19 ? -0.178  3.158   3.467   1.00 0.38 ? 265 VAL A CG1  1 
ATOM 257  C CG2  . VAL A 1 19 ? -2.027  4.625   4.263   1.00 0.46 ? 265 VAL A CG2  1 
ATOM 258  H H    . VAL A 1 19 ? -1.030  6.649   1.870   1.00 0.45 ? 265 VAL A H    1 
ATOM 259  H HA   . VAL A 1 19 ? 0.089   5.972   4.450   1.00 0.29 ? 265 VAL A HA   1 
ATOM 260  H HB   . VAL A 1 19 ? -1.308  4.516   2.246   1.00 0.39 ? 265 VAL A HB   1 
ATOM 261  H HG11 . VAL A 1 19 ? 0.690   3.316   4.089   1.00 1.08 ? 265 VAL A HG11 1 
ATOM 262  H HG12 . VAL A 1 19 ? -0.848  2.468   3.954   1.00 1.13 ? 265 VAL A HG12 1 
ATOM 263  H HG13 . VAL A 1 19 ? 0.131   2.750   2.513   1.00 0.96 ? 265 VAL A HG13 1 
ATOM 264  H HG21 . VAL A 1 19 ? -1.616  4.898   5.224   1.00 1.10 ? 265 VAL A HG21 1 
ATOM 265  H HG22 . VAL A 1 19 ? -2.716  5.387   3.934   1.00 1.22 ? 265 VAL A HG22 1 
ATOM 266  H HG23 . VAL A 1 19 ? -2.545  3.680   4.347   1.00 1.07 ? 265 VAL A HG23 1 
ATOM 267  N N    . THR A 1 20 ? 2.267   4.742   3.950   1.00 0.26 ? 266 THR A N    1 
ATOM 268  C CA   . THR A 1 20 ? 3.643   4.289   3.612   1.00 0.22 ? 266 THR A CA   1 
ATOM 269  C C    . THR A 1 20 ? 3.876   2.893   4.188   1.00 0.17 ? 266 THR A C    1 
ATOM 270  O O    . THR A 1 20 ? 4.229   2.736   5.340   1.00 0.19 ? 266 THR A O    1 
ATOM 271  C CB   . THR A 1 20 ? 4.666   5.257   4.202   1.00 0.28 ? 266 THR A CB   1 
ATOM 272  O OG1  . THR A 1 20 ? 4.386   5.463   5.579   1.00 0.32 ? 266 THR A OG1  1 
ATOM 273  C CG2  . THR A 1 20 ? 4.599   6.592   3.459   1.00 0.34 ? 266 THR A CG2  1 
ATOM 274  H H    . THR A 1 20 ? 1.945   4.686   4.873   1.00 0.35 ? 266 THR A H    1 
ATOM 275  H HA   . THR A 1 20 ? 3.756   4.257   2.538   1.00 0.24 ? 266 THR A HA   1 
ATOM 276  H HB   . THR A 1 20 ? 5.654   4.839   4.092   1.00 0.29 ? 266 THR A HB   1 
ATOM 277  H HG1  . THR A 1 20 ? 5.143   5.899   5.975   1.00 0.86 ? 266 THR A HG1  1 
ATOM 278  H HG21 . THR A 1 20 ? 3.621   6.708   3.015   1.00 1.06 ? 266 THR A HG21 1 
ATOM 279  H HG22 . THR A 1 20 ? 4.777   7.400   4.153   1.00 1.06 ? 266 THR A HG22 1 
ATOM 280  H HG23 . THR A 1 20 ? 5.350   6.611   2.683   1.00 1.10 ? 266 THR A HG23 1 
ATOM 281  N N    . TYR A 1 21 ? 3.690   1.880   3.393   1.00 0.16 ? 267 TYR A N    1 
ATOM 282  C CA   . TYR A 1 21 ? 3.911   0.493   3.889   1.00 0.17 ? 267 TYR A CA   1 
ATOM 283  C C    . TYR A 1 21 ? 5.406   0.174   3.796   1.00 0.22 ? 267 TYR A C    1 
ATOM 284  O O    . TYR A 1 21 ? 6.017   0.330   2.757   1.00 0.33 ? 267 TYR A O    1 
ATOM 285  C CB   . TYR A 1 21 ? 3.115   -0.494  3.030   1.00 0.23 ? 267 TYR A CB   1 
ATOM 286  C CG   . TYR A 1 21 ? 1.664   -0.504  3.464   1.00 0.14 ? 267 TYR A CG   1 
ATOM 287  C CD1  . TYR A 1 21 ? 1.246   -1.348  4.500   1.00 1.20 ? 267 TYR A CD1  1 
ATOM 288  C CD2  . TYR A 1 21 ? 0.733   0.328   2.826   1.00 1.19 ? 267 TYR A CD2  1 
ATOM 289  C CE1  . TYR A 1 21 ? -0.097  -1.362  4.897   1.00 1.25 ? 267 TYR A CE1  1 
ATOM 290  C CE2  . TYR A 1 21 ? -0.611  0.314   3.224   1.00 1.19 ? 267 TYR A CE2  1 
ATOM 291  C CZ   . TYR A 1 21 ? -1.027  -0.532  4.260   1.00 0.37 ? 267 TYR A CZ   1 
ATOM 292  O OH   . TYR A 1 21 ? -2.351  -0.547  4.656   1.00 0.53 ? 267 TYR A OH   1 
ATOM 293  H H    . TYR A 1 21 ? 3.414   2.032   2.467   1.00 0.20 ? 267 TYR A H    1 
ATOM 294  H HA   . TYR A 1 21 ? 3.590   0.422   4.918   1.00 0.17 ? 267 TYR A HA   1 
ATOM 295  H HB2  . TYR A 1 21 ? 3.178   -0.198  1.994   1.00 0.33 ? 267 TYR A HB2  1 
ATOM 296  H HB3  . TYR A 1 21 ? 3.529   -1.485  3.145   1.00 0.33 ? 267 TYR A HB3  1 
ATOM 297  H HD1  . TYR A 1 21 ? 1.960   -1.990  4.995   1.00 2.10 ? 267 TYR A HD1  1 
ATOM 298  H HD2  . TYR A 1 21 ? 1.051   0.981   2.028   1.00 2.11 ? 267 TYR A HD2  1 
ATOM 299  H HE1  . TYR A 1 21 ? -0.417  -2.014  5.697   1.00 2.16 ? 267 TYR A HE1  1 
ATOM 300  H HE2  . TYR A 1 21 ? -1.328  0.955   2.731   1.00 2.09 ? 267 TYR A HE2  1 
ATOM 301  H HH   . TYR A 1 21 ? -2.876  -0.109  3.981   1.00 0.13 ? 267 TYR A HH   1 
ATOM 302  N N    . SER A 1 22 ? 6.005   -0.254  4.873   1.00 0.21 ? 268 SER A N    1 
ATOM 303  C CA   . SER A 1 22 ? 7.465   -0.559  4.838   1.00 0.24 ? 268 SER A CA   1 
ATOM 304  C C    . SER A 1 22 ? 7.688   -2.071  4.764   1.00 0.22 ? 268 SER A C    1 
ATOM 305  O O    . SER A 1 22 ? 7.327   -2.807  5.660   1.00 0.23 ? 268 SER A O    1 
ATOM 306  C CB   . SER A 1 22 ? 8.129   -0.011  6.101   1.00 0.31 ? 268 SER A CB   1 
ATOM 307  O OG   . SER A 1 22 ? 9.529   0.104   5.885   1.00 1.24 ? 268 SER A OG   1 
ATOM 308  H H    . SER A 1 22 ? 5.500   -0.363  5.706   1.00 0.25 ? 268 SER A H    1 
ATOM 309  H HA   . SER A 1 22 ? 7.908   -0.090  3.971   1.00 0.26 ? 268 SER A HA   1 
ATOM 310  H HB2  . SER A 1 22 ? 7.724   0.962   6.330   1.00 1.08 ? 268 SER A HB2  1 
ATOM 311  H HB3  . SER A 1 22 ? 7.936   -0.681  6.928   1.00 0.95 ? 268 SER A HB3  1 
ATOM 312  H HG   . SER A 1 22 ? 9.943   0.313   6.726   1.00 1.61 ? 268 SER A HG   1 
ATOM 313  N N    . VAL A 1 23 ? 8.293   -2.538  3.706   1.00 0.23 ? 269 VAL A N    1 
ATOM 314  C CA   . VAL A 1 23 ? 8.548   -4.000  3.576   1.00 0.24 ? 269 VAL A CA   1 
ATOM 315  C C    . VAL A 1 23 ? 9.903   -4.335  4.203   1.00 0.25 ? 269 VAL A C    1 
ATOM 316  O O    . VAL A 1 23 ? 10.853  -3.585  4.089   1.00 0.26 ? 269 VAL A O    1 
ATOM 317  C CB   . VAL A 1 23 ? 8.561   -4.390  2.097   1.00 0.25 ? 269 VAL A CB   1 
ATOM 318  C CG1  . VAL A 1 23 ? 8.950   -5.862  1.960   1.00 0.28 ? 269 VAL A CG1  1 
ATOM 319  C CG2  . VAL A 1 23 ? 7.167   -4.174  1.503   1.00 0.31 ? 269 VAL A CG2  1 
ATOM 320  H H    . VAL A 1 23 ? 8.583   -1.926  2.997   1.00 0.25 ? 269 VAL A H    1 
ATOM 321  H HA   . VAL A 1 23 ? 7.771   -4.548  4.086   1.00 0.27 ? 269 VAL A HA   1 
ATOM 322  H HB   . VAL A 1 23 ? 9.278   -3.777  1.571   1.00 0.26 ? 269 VAL A HB   1 
ATOM 323  H HG11 . VAL A 1 23 ? 9.420   -6.197  2.872   1.00 1.06 ? 269 VAL A HG11 1 
ATOM 324  H HG12 . VAL A 1 23 ? 8.066   -6.453  1.772   1.00 0.98 ? 269 VAL A HG12 1 
ATOM 325  H HG13 . VAL A 1 23 ? 9.641   -5.976  1.137   1.00 1.02 ? 269 VAL A HG13 1 
ATOM 326  H HG21 . VAL A 1 23 ? 6.420   -4.501  2.212   1.00 1.02 ? 269 VAL A HG21 1 
ATOM 327  H HG22 . VAL A 1 23 ? 7.025   -3.126  1.287   1.00 1.10 ? 269 VAL A HG22 1 
ATOM 328  H HG23 . VAL A 1 23 ? 7.074   -4.746  0.592   1.00 1.01 ? 269 VAL A HG23 1 
ATOM 329  N N    . SER A 1 24 ? 10.002  -5.455  4.866   1.00 0.31 ? 270 SER A N    1 
ATOM 330  C CA   . SER A 1 24 ? 11.296  -5.834  5.499   1.00 0.33 ? 270 SER A CA   1 
ATOM 331  C C    . SER A 1 24 ? 11.390  -7.358  5.595   1.00 0.36 ? 270 SER A C    1 
ATOM 332  O O    . SER A 1 24 ? 10.481  -8.017  6.057   1.00 0.51 ? 270 SER A O    1 
ATOM 333  C CB   . SER A 1 24 ? 11.374  -5.229  6.902   1.00 0.37 ? 270 SER A CB   1 
ATOM 334  O OG   . SER A 1 24 ? 10.614  -6.027  7.799   1.00 1.35 ? 270 SER A OG   1 
ATOM 335  H H    . SER A 1 24 ? 9.224   -6.047  4.948   1.00 0.36 ? 270 SER A H    1 
ATOM 336  H HA   . SER A 1 24 ? 12.113  -5.459  4.901   1.00 0.33 ? 270 SER A HA   1 
ATOM 337  H HB2  . SER A 1 24 ? 12.399  -5.205  7.229   1.00 1.11 ? 270 SER A HB2  1 
ATOM 338  H HB3  . SER A 1 24 ? 10.981  -4.221  6.880   1.00 1.07 ? 270 SER A HB3  1 
ATOM 339  H HG   . SER A 1 24 ? 10.783  -5.713  8.691   1.00 1.72 ? 270 SER A HG   1 
ATOM 340  N N    . GLY A 1 25 ? 12.484  -7.921  5.162   1.00 0.32 ? 271 GLY A N    1 
ATOM 341  C CA   . GLY A 1 25 ? 12.635  -9.403  5.229   1.00 0.35 ? 271 GLY A CA   1 
ATOM 342  C C    . GLY A 1 25 ? 13.181  -9.921  3.898   1.00 0.33 ? 271 GLY A C    1 
ATOM 343  O O    . GLY A 1 25 ? 13.997  -10.821 3.860   1.00 0.36 ? 271 GLY A O    1 
ATOM 344  H H    . GLY A 1 25 ? 13.207  -7.371  4.793   1.00 0.36 ? 271 GLY A H    1 
ATOM 345  H HA2  . GLY A 1 25 ? 13.319  -9.659  6.026   1.00 0.39 ? 271 GLY A HA2  1 
ATOM 346  H HA3  . GLY A 1 25 ? 11.673  -9.853  5.419   1.00 0.37 ? 271 GLY A HA3  1 
ATOM 347  N N    . SER A 1 26 ? 12.737  -9.362  2.808   1.00 0.29 ? 272 SER A N    1 
ATOM 348  C CA   . SER A 1 26 ? 13.228  -9.825  1.479   1.00 0.32 ? 272 SER A CA   1 
ATOM 349  C C    . SER A 1 26 ? 12.954  -8.750  0.427   1.00 0.28 ? 272 SER A C    1 
ATOM 350  O O    . SER A 1 26 ? 12.276  -7.775  0.684   1.00 0.24 ? 272 SER A O    1 
ATOM 351  C CB   . SER A 1 26 ? 12.500  -11.110 1.087   1.00 0.37 ? 272 SER A CB   1 
ATOM 352  O OG   . SER A 1 26 ? 13.425  -12.016 0.502   1.00 1.06 ? 272 SER A OG   1 
ATOM 353  H H    . SER A 1 26 ? 12.078  -8.639  2.861   1.00 0.27 ? 272 SER A H    1 
ATOM 354  H HA   . SER A 1 26 ? 14.291  -10.015 1.533   1.00 0.36 ? 272 SER A HA   1 
ATOM 355  H HB2  . SER A 1 26 ? 12.065  -11.562 1.964   1.00 0.71 ? 272 SER A HB2  1 
ATOM 356  H HB3  . SER A 1 26 ? 11.714  -10.874 0.380   1.00 0.77 ? 272 SER A HB3  1 
ATOM 357  H HG   . SER A 1 26 ? 13.057  -12.900 0.566   1.00 1.46 ? 272 SER A HG   1 
ATOM 358  N N    . SER A 1 27 ? 13.471  -8.925  -0.757  1.00 0.29 ? 273 SER A N    1 
ATOM 359  C CA   . SER A 1 27 ? 13.234  -7.919  -1.829  1.00 0.28 ? 273 SER A CA   1 
ATOM 360  C C    . SER A 1 27 ? 12.105  -8.409  -2.736  1.00 0.26 ? 273 SER A C    1 
ATOM 361  O O    . SER A 1 27 ? 11.223  -7.660  -3.104  1.00 0.25 ? 273 SER A O    1 
ATOM 362  C CB   . SER A 1 27 ? 14.511  -7.737  -2.652  1.00 0.33 ? 273 SER A CB   1 
ATOM 363  O OG   . SER A 1 27 ? 15.580  -7.380  -1.786  1.00 1.34 ? 273 SER A OG   1 
ATOM 364  H H    . SER A 1 27 ? 14.011  -9.721  -0.943  1.00 0.33 ? 273 SER A H    1 
ATOM 365  H HA   . SER A 1 27 ? 12.954  -6.977  -1.383  1.00 0.26 ? 273 SER A HA   1 
ATOM 366  H HB2  . SER A 1 27 ? 14.753  -8.659  -3.153  1.00 1.07 ? 273 SER A HB2  1 
ATOM 367  H HB3  . SER A 1 27 ? 14.354  -6.960  -3.389  1.00 1.06 ? 273 SER A HB3  1 
ATOM 368  H HG   . SER A 1 27 ? 16.395  -7.714  -2.169  1.00 1.77 ? 273 SER A HG   1 
ATOM 369  N N    . ALA A 1 28 ? 12.121  -9.665  -3.092  1.00 0.29 ? 274 ALA A N    1 
ATOM 370  C CA   . ALA A 1 28 ? 11.044  -10.203 -3.967  1.00 0.30 ? 274 ALA A CA   1 
ATOM 371  C C    . ALA A 1 28 ? 9.809   -10.493 -3.113  1.00 0.28 ? 274 ALA A C    1 
ATOM 372  O O    . ALA A 1 28 ? 9.520   -11.626 -2.782  1.00 0.38 ? 274 ALA A O    1 
ATOM 373  C CB   . ALA A 1 28 ? 11.521  -11.495 -4.635  1.00 0.35 ? 274 ALA A CB   1 
ATOM 374  H H    . ALA A 1 28 ? 12.840  -10.254 -2.780  1.00 0.31 ? 274 ALA A H    1 
ATOM 375  H HA   . ALA A 1 28 ? 10.795  -9.474  -4.723  1.00 0.29 ? 274 ALA A HA   1 
ATOM 376  H HB1  . ALA A 1 28 ? 12.278  -11.262 -5.369  1.00 1.02 ? 274 ALA A HB1  1 
ATOM 377  H HB2  . ALA A 1 28 ? 10.686  -11.979 -5.120  1.00 1.10 ? 274 ALA A HB2  1 
ATOM 378  H HB3  . ALA A 1 28 ? 11.936  -12.155 -3.887  1.00 1.03 ? 274 ALA A HB3  1 
ATOM 379  N N    . TRP A 1 29 ? 9.087   -9.473  -2.745  1.00 0.21 ? 275 TRP A N    1 
ATOM 380  C CA   . TRP A 1 29 ? 7.876   -9.675  -1.903  1.00 0.19 ? 275 TRP A CA   1 
ATOM 381  C C    . TRP A 1 29 ? 6.658   -9.073  -2.603  1.00 0.19 ? 275 TRP A C    1 
ATOM 382  O O    . TRP A 1 29 ? 6.780   -8.374  -3.589  1.00 0.24 ? 275 TRP A O    1 
ATOM 383  C CB   . TRP A 1 29 ? 8.083   -8.973  -0.562  1.00 0.18 ? 275 TRP A CB   1 
ATOM 384  C CG   . TRP A 1 29 ? 8.556   -7.580  -0.813  1.00 0.17 ? 275 TRP A CG   1 
ATOM 385  C CD1  . TRP A 1 29 ? 9.853   -7.207  -0.846  1.00 0.19 ? 275 TRP A CD1  1 
ATOM 386  C CD2  . TRP A 1 29 ? 7.773   -6.377  -1.074  1.00 0.15 ? 275 TRP A CD2  1 
ATOM 387  N NE1  . TRP A 1 29 ? 9.921   -5.850  -1.107  1.00 0.18 ? 275 TRP A NE1  1 
ATOM 388  C CE2  . TRP A 1 29 ? 8.665   -5.293  -1.257  1.00 0.16 ? 275 TRP A CE2  1 
ATOM 389  C CE3  . TRP A 1 29 ? 6.391   -6.121  -1.168  1.00 0.14 ? 275 TRP A CE3  1 
ATOM 390  C CZ2  . TRP A 1 29 ? 8.206   -4.004  -1.524  1.00 0.16 ? 275 TRP A CZ2  1 
ATOM 391  C CZ3  . TRP A 1 29 ? 5.925   -4.823  -1.438  1.00 0.14 ? 275 TRP A CZ3  1 
ATOM 392  C CH2  . TRP A 1 29 ? 6.832   -3.767  -1.616  1.00 0.15 ? 275 TRP A CH2  1 
ATOM 393  H H    . TRP A 1 29 ? 9.344   -8.568  -3.018  1.00 0.21 ? 275 TRP A H    1 
ATOM 394  H HA   . TRP A 1 29 ? 7.718   -10.731 -1.738  1.00 0.21 ? 275 TRP A HA   1 
ATOM 395  H HB2  . TRP A 1 29 ? 7.153   -8.947  -0.017  1.00 0.18 ? 275 TRP A HB2  1 
ATOM 396  H HB3  . TRP A 1 29 ? 8.828   -9.503  0.013   1.00 0.19 ? 275 TRP A HB3  1 
ATOM 397  H HD1  . TRP A 1 29 ? 10.697  -7.864  -0.690  1.00 0.21 ? 275 TRP A HD1  1 
ATOM 398  H HE1  . TRP A 1 29 ? 10.749  -5.330  -1.182  1.00 0.20 ? 275 TRP A HE1  1 
ATOM 399  H HE3  . TRP A 1 29 ? 5.682   -6.926  -1.031  1.00 0.15 ? 275 TRP A HE3  1 
ATOM 400  H HZ2  . TRP A 1 29 ? 8.906   -3.193  -1.661  1.00 0.18 ? 275 TRP A HZ2  1 
ATOM 401  H HZ3  . TRP A 1 29 ? 4.864   -4.637  -1.509  1.00 0.15 ? 275 TRP A HZ3  1 
ATOM 402  H HH2  . TRP A 1 29 ? 6.467   -2.771  -1.824  1.00 0.16 ? 275 TRP A HH2  1 
ATOM 403  N N    . THR A 1 30 ? 5.484   -9.333  -2.098  1.00 0.20 ? 276 THR A N    1 
ATOM 404  C CA   . THR A 1 30 ? 4.263   -8.768  -2.734  1.00 0.20 ? 276 THR A CA   1 
ATOM 405  C C    . THR A 1 30 ? 3.300   -8.291  -1.647  1.00 0.21 ? 276 THR A C    1 
ATOM 406  O O    . THR A 1 30 ? 2.802   -9.070  -0.860  1.00 0.30 ? 276 THR A O    1 
ATOM 407  C CB   . THR A 1 30 ? 3.584   -9.841  -3.589  1.00 0.23 ? 276 THR A CB   1 
ATOM 408  O OG1  . THR A 1 30 ? 4.504   -10.324 -4.558  1.00 0.33 ? 276 THR A OG1  1 
ATOM 409  C CG2  . THR A 1 30 ? 2.365   -9.241  -4.292  1.00 0.35 ? 276 THR A CG2  1 
ATOM 410  H H    . THR A 1 30 ? 5.406   -9.897  -1.299  1.00 0.24 ? 276 THR A H    1 
ATOM 411  H HA   . THR A 1 30 ? 4.541   -7.931  -3.357  1.00 0.19 ? 276 THR A HA   1 
ATOM 412  H HB   . THR A 1 30 ? 3.265   -10.655 -2.957  1.00 0.31 ? 276 THR A HB   1 
ATOM 413  H HG1  . THR A 1 30 ? 4.104   -11.079 -4.995  1.00 1.01 ? 276 THR A HG1  1 
ATOM 414  H HG21 . THR A 1 30 ? 2.322   -8.180  -4.093  1.00 1.13 ? 276 THR A HG21 1 
ATOM 415  H HG22 . THR A 1 30 ? 2.447   -9.405  -5.355  1.00 1.04 ? 276 THR A HG22 1 
ATOM 416  H HG23 . THR A 1 30 ? 1.467   -9.713  -3.921  1.00 1.09 ? 276 THR A HG23 1 
ATOM 417  N N    . VAL A 1 31 ? 3.036   -7.014  -1.596  1.00 0.20 ? 277 VAL A N    1 
ATOM 418  C CA   . VAL A 1 31 ? 2.110   -6.486  -0.558  1.00 0.22 ? 277 VAL A CA   1 
ATOM 419  C C    . VAL A 1 31 ? 0.745   -6.193  -1.187  1.00 0.21 ? 277 VAL A C    1 
ATOM 420  O O    . VAL A 1 31 ? 0.545   -5.170  -1.812  1.00 0.23 ? 277 VAL A O    1 
ATOM 421  C CB   . VAL A 1 31 ? 2.690   -5.198  0.030   1.00 0.24 ? 277 VAL A CB   1 
ATOM 422  C CG1  . VAL A 1 31 ? 1.614   -4.475  0.842   1.00 0.30 ? 277 VAL A CG1  1 
ATOM 423  C CG2  . VAL A 1 31 ? 3.869   -5.543  0.941   1.00 0.28 ? 277 VAL A CG2  1 
ATOM 424  H H    . VAL A 1 31 ? 3.451   -6.403  -2.240  1.00 0.26 ? 277 VAL A H    1 
ATOM 425  H HA   . VAL A 1 31 ? 1.994   -7.218  0.227   1.00 0.26 ? 277 VAL A HA   1 
ATOM 426  H HB   . VAL A 1 31 ? 3.028   -4.558  -0.772  1.00 0.23 ? 277 VAL A HB   1 
ATOM 427  H HG11 . VAL A 1 31 ? 0.980   -5.202  1.327   1.00 1.07 ? 277 VAL A HG11 1 
ATOM 428  H HG12 . VAL A 1 31 ? 2.084   -3.852  1.587   1.00 1.02 ? 277 VAL A HG12 1 
ATOM 429  H HG13 . VAL A 1 31 ? 1.018   -3.860  0.183   1.00 1.06 ? 277 VAL A HG13 1 
ATOM 430  H HG21 . VAL A 1 31 ? 4.629   -6.056  0.370   1.00 1.00 ? 277 VAL A HG21 1 
ATOM 431  H HG22 . VAL A 1 31 ? 4.282   -4.635  1.356   1.00 1.04 ? 277 VAL A HG22 1 
ATOM 432  H HG23 . VAL A 1 31 ? 3.530   -6.183  1.743   1.00 1.01 ? 277 VAL A HG23 1 
ATOM 433  N N    . ASN A 1 32 ? -0.198  -7.080  -1.024  1.00 0.21 ? 278 ASN A N    1 
ATOM 434  C CA   . ASN A 1 32 ? -1.548  -6.848  -1.610  1.00 0.23 ? 278 ASN A CA   1 
ATOM 435  C C    . ASN A 1 32 ? -2.247  -5.725  -0.840  1.00 0.22 ? 278 ASN A C    1 
ATOM 436  O O    . ASN A 1 32 ? -2.663  -5.898  0.288   1.00 0.29 ? 278 ASN A O    1 
ATOM 437  C CB   . ASN A 1 32 ? -2.376  -8.131  -1.507  1.00 0.28 ? 278 ASN A CB   1 
ATOM 438  C CG   . ASN A 1 32 ? -3.489  -8.105  -2.555  1.00 0.54 ? 278 ASN A CG   1 
ATOM 439  O OD1  . ASN A 1 32 ? -3.235  -7.881  -3.722  1.00 1.42 ? 278 ASN A OD1  1 
ATOM 440  N ND2  . ASN A 1 32 ? -4.722  -8.325  -2.186  1.00 0.93 ? 278 ASN A ND2  1 
ATOM 441  H H    . ASN A 1 32 ? -0.019  -7.897  -0.514  1.00 0.24 ? 278 ASN A H    1 
ATOM 442  H HA   . ASN A 1 32 ? -1.447  -6.565  -2.646  1.00 0.26 ? 278 ASN A HA   1 
ATOM 443  H HB2  . ASN A 1 32 ? -1.738  -8.985  -1.678  1.00 0.43 ? 278 ASN A HB2  1 
ATOM 444  H HB3  . ASN A 1 32 ? -2.813  -8.198  -0.522  1.00 0.49 ? 278 ASN A HB3  1 
ATOM 445  H HD21 . ASN A 1 32 ? -4.927  -8.506  -1.245  1.00 1.59 ? 278 ASN A HD21 1 
ATOM 446  H HD22 . ASN A 1 32 ? -5.442  -8.311  -2.851  1.00 1.03 ? 278 ASN A HD22 1 
ATOM 447  N N    . LEU A 1 33 ? -2.378  -4.573  -1.440  1.00 0.27 ? 279 LEU A N    1 
ATOM 448  C CA   . LEU A 1 33 ? -3.048  -3.441  -0.742  1.00 0.26 ? 279 LEU A CA   1 
ATOM 449  C C    . LEU A 1 33 ? -4.565  -3.616  -0.823  1.00 0.23 ? 279 LEU A C    1 
ATOM 450  O O    . LEU A 1 33 ? -5.093  -4.093  -1.808  1.00 0.34 ? 279 LEU A O    1 
ATOM 451  C CB   . LEU A 1 33 ? -2.650  -2.123  -1.409  1.00 0.36 ? 279 LEU A CB   1 
ATOM 452  C CG   . LEU A 1 33 ? -1.333  -1.625  -0.812  1.00 0.40 ? 279 LEU A CG   1 
ATOM 453  C CD1  . LEU A 1 33 ? -0.984  -0.261  -1.409  1.00 1.17 ? 279 LEU A CD1  1 
ATOM 454  C CD2  . LEU A 1 33 ? -1.481  -1.492  0.706   1.00 1.10 ? 279 LEU A CD2  1 
ATOM 455  H H    . LEU A 1 33 ? -2.034  -4.453  -2.349  1.00 0.38 ? 279 LEU A H    1 
ATOM 456  H HA   . LEU A 1 33 ? -2.742  -3.427  0.294   1.00 0.27 ? 279 LEU A HA   1 
ATOM 457  H HB2  . LEU A 1 33 ? -2.527  -2.281  -2.472  1.00 0.44 ? 279 LEU A HB2  1 
ATOM 458  H HB3  . LEU A 1 33 ? -3.421  -1.386  -1.241  1.00 0.43 ? 279 LEU A HB3  1 
ATOM 459  H HG   . LEU A 1 33 ? -0.545  -2.329  -1.038  1.00 0.94 ? 279 LEU A HG   1 
ATOM 460  H HD11 . LEU A 1 33 ? -1.688  -0.021  -2.193  1.00 1.67 ? 279 LEU A HD11 1 
ATOM 461  H HD12 . LEU A 1 33 ? -1.032  0.493   -0.638  1.00 1.74 ? 279 LEU A HD12 1 
ATOM 462  H HD13 . LEU A 1 33 ? 0.014   -0.293  -1.820  1.00 1.79 ? 279 LEU A HD13 1 
ATOM 463  H HD21 . LEU A 1 33 ? -2.522  -1.595  0.976   1.00 1.69 ? 279 LEU A HD21 1 
ATOM 464  H HD22 . LEU A 1 33 ? -0.905  -2.264  1.194   1.00 1.68 ? 279 LEU A HD22 1 
ATOM 465  H HD23 . LEU A 1 33 ? -1.123  -0.523  1.020   1.00 1.68 ? 279 LEU A HD23 1 
ATOM 466  N N    . ALA A 1 34 ? -5.269  -3.233  0.205   1.00 0.23 ? 280 ALA A N    1 
ATOM 467  C CA   . ALA A 1 34 ? -6.751  -3.374  0.190   1.00 0.22 ? 280 ALA A CA   1 
ATOM 468  C C    . ALA A 1 34 ? -7.388  -2.114  0.782   1.00 0.21 ? 280 ALA A C    1 
ATOM 469  O O    . ALA A 1 34 ? -7.464  -1.952  1.983   1.00 0.25 ? 280 ALA A O    1 
ATOM 470  C CB   . ALA A 1 34 ? -7.155  -4.590  1.027   1.00 0.26 ? 280 ALA A CB   1 
ATOM 471  H H    . ALA A 1 34 ? -4.821  -2.850  0.988   1.00 0.33 ? 280 ALA A H    1 
ATOM 472  H HA   . ALA A 1 34 ? -7.091  -3.506  -0.826  1.00 0.24 ? 280 ALA A HA   1 
ATOM 473  H HB1  . ALA A 1 34 ? -6.377  -4.807  1.744   1.00 1.06 ? 280 ALA A HB1  1 
ATOM 474  H HB2  . ALA A 1 34 ? -7.295  -5.442  0.378   1.00 1.04 ? 280 ALA A HB2  1 
ATOM 475  H HB3  . ALA A 1 34 ? -8.076  -4.378  1.548   1.00 1.05 ? 280 ALA A HB3  1 
ATOM 476  N N    . LEU A 1 35 ? -7.841  -1.220  -0.053  1.00 0.20 ? 281 LEU A N    1 
ATOM 477  C CA   . LEU A 1 35 ? -8.470  0.028   0.464   1.00 0.22 ? 281 LEU A CA   1 
ATOM 478  C C    . LEU A 1 35 ? -9.694  -0.327  1.310   1.00 0.19 ? 281 LEU A C    1 
ATOM 479  O O    . LEU A 1 35 ? -10.125 -1.463  1.350   1.00 0.24 ? 281 LEU A O    1 
ATOM 480  C CB   . LEU A 1 35 ? -8.899  0.910   -0.712  1.00 0.30 ? 281 LEU A CB   1 
ATOM 481  C CG   . LEU A 1 35 ? -7.689  1.685   -1.238  1.00 0.40 ? 281 LEU A CG   1 
ATOM 482  C CD1  . LEU A 1 35 ? -7.017  2.430   -0.083  1.00 1.04 ? 281 LEU A CD1  1 
ATOM 483  C CD2  . LEU A 1 35 ? -6.690  0.708   -1.863  1.00 1.27 ? 281 LEU A CD2  1 
ATOM 484  H H    . LEU A 1 35 ? -7.768  -1.369  -1.018  1.00 0.24 ? 281 LEU A H    1 
ATOM 485  H HA   . LEU A 1 35 ? -7.758  0.564   1.073   1.00 0.25 ? 281 LEU A HA   1 
ATOM 486  H HB2  . LEU A 1 35 ? -9.299  0.288   -1.500  1.00 0.34 ? 281 LEU A HB2  1 
ATOM 487  H HB3  . LEU A 1 35 ? -9.655  1.606   -0.382  1.00 0.30 ? 281 LEU A HB3  1 
ATOM 488  H HG   . LEU A 1 35 ? -8.014  2.396   -1.984  1.00 1.25 ? 281 LEU A HG   1 
ATOM 489  H HD11 . LEU A 1 35 ? -7.771  2.807   0.591   1.00 1.70 ? 281 LEU A HD11 1 
ATOM 490  H HD12 . LEU A 1 35 ? -6.362  1.755   0.449   1.00 1.58 ? 281 LEU A HD12 1 
ATOM 491  H HD13 . LEU A 1 35 ? -6.440  3.255   -0.475  1.00 1.63 ? 281 LEU A HD13 1 
ATOM 492  H HD21 . LEU A 1 35 ? -7.200  0.081   -2.580  1.00 1.83 ? 281 LEU A HD21 1 
ATOM 493  H HD22 . LEU A 1 35 ? -5.908  1.262   -2.359  1.00 1.84 ? 281 LEU A HD22 1 
ATOM 494  H HD23 . LEU A 1 35 ? -6.259  0.091   -1.089  1.00 1.88 ? 281 LEU A HD23 1 
ATOM 495  N N    . ASN A 1 36 ? -10.255 0.635   1.990   1.00 0.25 ? 282 ASN A N    1 
ATOM 496  C CA   . ASN A 1 36 ? -11.449 0.350   2.836   1.00 0.28 ? 282 ASN A CA   1 
ATOM 497  C C    . ASN A 1 36 ? -12.646 1.148   2.315   1.00 0.32 ? 282 ASN A C    1 
ATOM 498  O O    . ASN A 1 36 ? -12.502 2.242   1.809   1.00 0.40 ? 282 ASN A O    1 
ATOM 499  C CB   . ASN A 1 36 ? -11.158 0.759   4.283   1.00 0.27 ? 282 ASN A CB   1 
ATOM 500  C CG   . ASN A 1 36 ? -9.661  0.609   4.566   1.00 0.27 ? 282 ASN A CG   1 
ATOM 501  O OD1  . ASN A 1 36 ? -9.144  -0.490  4.595   1.00 0.40 ? 282 ASN A OD1  1 
ATOM 502  N ND2  . ASN A 1 36 ? -8.940  1.676   4.777   1.00 0.25 ? 282 ASN A ND2  1 
ATOM 503  H H    . ASN A 1 36 ? -9.890  1.543   1.947   1.00 0.32 ? 282 ASN A H    1 
ATOM 504  H HA   . ASN A 1 36 ? -11.674 -0.704  2.799   1.00 0.31 ? 282 ASN A HA   1 
ATOM 505  H HB2  . ASN A 1 36 ? -11.452 1.789   4.432   1.00 0.26 ? 282 ASN A HB2  1 
ATOM 506  H HB3  . ASN A 1 36 ? -11.714 0.125   4.955   1.00 0.33 ? 282 ASN A HB3  1 
ATOM 507  H HD21 . ASN A 1 36 ? -9.358  2.563   4.753   1.00 0.34 ? 282 ASN A HD21 1 
ATOM 508  H HD22 . ASN A 1 36 ? -7.981  1.592   4.958   1.00 0.25 ? 282 ASN A HD22 1 
ATOM 509  N N    . GLY A 1 37 ? -13.828 0.609   2.438   1.00 0.37 ? 283 GLY A N    1 
ATOM 510  C CA   . GLY A 1 37 ? -15.034 1.337   1.951   1.00 0.43 ? 283 GLY A CA   1 
ATOM 511  C C    . GLY A 1 37 ? -14.891 1.622   0.455   1.00 0.43 ? 283 GLY A C    1 
ATOM 512  O O    . GLY A 1 37 ? -14.434 0.792   -0.305  1.00 0.54 ? 283 GLY A O    1 
ATOM 513  H H    . GLY A 1 37 ? -13.923 -0.275  2.852   1.00 0.43 ? 283 GLY A H    1 
ATOM 514  H HA2  . GLY A 1 37 ? -15.912 0.730   2.121   1.00 0.48 ? 283 GLY A HA2  1 
ATOM 515  H HA3  . GLY A 1 37 ? -15.131 2.269   2.484   1.00 0.44 ? 283 GLY A HA3  1 
ATOM 516  N N    . SER A 1 38 ? -15.280 2.793   0.027   1.00 0.47 ? 284 SER A N    1 
ATOM 517  C CA   . SER A 1 38 ? -15.167 3.131   -1.420  1.00 0.49 ? 284 SER A CA   1 
ATOM 518  C C    . SER A 1 38 ? -13.826 3.820   -1.681  1.00 0.43 ? 284 SER A C    1 
ATOM 519  O O    . SER A 1 38 ? -13.618 4.423   -2.716  1.00 0.46 ? 284 SER A O    1 
ATOM 520  C CB   . SER A 1 38 ? -16.307 4.071   -1.814  1.00 0.61 ? 284 SER A CB   1 
ATOM 521  O OG   . SER A 1 38 ? -17.531 3.571   -1.288  1.00 1.54 ? 284 SER A OG   1 
ATOM 522  H H    . SER A 1 38 ? -15.646 3.449   0.656   1.00 0.57 ? 284 SER A H    1 
ATOM 523  H HA   . SER A 1 38 ? -15.227 2.226   -2.007  1.00 0.52 ? 284 SER A HA   1 
ATOM 524  H HB2  . SER A 1 38 ? -16.123 5.053   -1.411  1.00 0.95 ? 284 SER A HB2  1 
ATOM 525  H HB3  . SER A 1 38 ? -16.367 4.132   -2.892  1.00 1.14 ? 284 SER A HB3  1 
ATOM 526  H HG   . SER A 1 38 ? -18.109 3.366   -2.025  1.00 1.94 ? 284 SER A HG   1 
ATOM 527  N N    . GLN A 1 39 ? -12.914 3.735   -0.752  1.00 0.40 ? 285 GLN A N    1 
ATOM 528  C CA   . GLN A 1 39 ? -11.589 4.384   -0.949  1.00 0.37 ? 285 GLN A CA   1 
ATOM 529  C C    . GLN A 1 39 ? -11.034 3.993   -2.318  1.00 0.38 ? 285 GLN A C    1 
ATOM 530  O O    . GLN A 1 39 ? -11.571 3.143   -2.998  1.00 0.42 ? 285 GLN A O    1 
ATOM 531  C CB   . GLN A 1 39 ? -10.626 3.920   0.145   1.00 0.37 ? 285 GLN A CB   1 
ATOM 532  C CG   . GLN A 1 39 ? -10.854 4.747   1.412   1.00 0.39 ? 285 GLN A CG   1 
ATOM 533  C CD   . GLN A 1 39 ? -9.867  4.307   2.494   1.00 0.55 ? 285 GLN A CD   1 
ATOM 534  O OE1  . GLN A 1 39 ? -9.044  3.442   2.267   1.00 1.39 ? 285 GLN A OE1  1 
ATOM 535  N NE2  . GLN A 1 39 ? -9.915  4.870   3.672   1.00 0.55 ? 285 GLN A NE2  1 
ATOM 536  H H    . GLN A 1 39 ? -13.098 3.245   0.073   1.00 0.46 ? 285 GLN A H    1 
ATOM 537  H HA   . GLN A 1 39 ? -11.702 5.457   -0.899  1.00 0.38 ? 285 GLN A HA   1 
ATOM 538  H HB2  . GLN A 1 39 ? -10.801 2.876   0.360   1.00 0.43 ? 285 GLN A HB2  1 
ATOM 539  H HB3  . GLN A 1 39 ? -9.608  4.052   -0.191  1.00 0.40 ? 285 GLN A HB3  1 
ATOM 540  H HG2  . GLN A 1 39 ? -10.702 5.794   1.190   1.00 0.61 ? 285 GLN A HG2  1 
ATOM 541  H HG3  . GLN A 1 39 ? -11.863 4.596   1.764   1.00 0.55 ? 285 GLN A HG3  1 
ATOM 542  H HE21 . GLN A 1 39 ? -10.578 5.567   3.855   1.00 1.14 ? 285 GLN A HE21 1 
ATOM 543  H HE22 . GLN A 1 39 ? -9.287  4.594   4.372   1.00 0.57 ? 285 GLN A HE22 1 
ATOM 544  N N    . THR A 1 40 ? -9.961  4.610   -2.727  1.00 0.36 ? 286 THR A N    1 
ATOM 545  C CA   . THR A 1 40 ? -9.371  4.277   -4.055  1.00 0.40 ? 286 THR A CA   1 
ATOM 546  C C    . THR A 1 40 ? -7.886  4.647   -4.062  1.00 0.37 ? 286 THR A C    1 
ATOM 547  O O    . THR A 1 40 ? -7.395  5.299   -3.162  1.00 0.40 ? 286 THR A O    1 
ATOM 548  C CB   . THR A 1 40 ? -10.095 5.065   -5.150  1.00 0.45 ? 286 THR A CB   1 
ATOM 549  O OG1  . THR A 1 40 ? -9.437  6.308   -5.348  1.00 0.45 ? 286 THR A OG1  1 
ATOM 550  C CG2  . THR A 1 40 ? -11.545 5.315   -4.733  1.00 0.47 ? 286 THR A CG2  1 
ATOM 551  H H    . THR A 1 40 ? -9.547  5.293   -2.163  1.00 0.36 ? 286 THR A H    1 
ATOM 552  H HA   . THR A 1 40 ? -9.478  3.219   -4.242  1.00 0.43 ? 286 THR A HA   1 
ATOM 553  H HB   . THR A 1 40 ? -10.082 4.500   -6.070  1.00 0.50 ? 286 THR A HB   1 
ATOM 554  H HG1  . THR A 1 40 ? -9.564  6.569   -6.264  1.00 0.85 ? 286 THR A HG1  1 
ATOM 555  H HG21 . THR A 1 40 ? -11.562 5.834   -3.784  1.00 1.16 ? 286 THR A HG21 1 
ATOM 556  H HG22 . THR A 1 40 ? -12.037 5.917   -5.481  1.00 1.12 ? 286 THR A HG22 1 
ATOM 557  H HG23 . THR A 1 40 ? -12.059 4.370   -4.635  1.00 1.07 ? 286 THR A HG23 1 
ATOM 558  N N    . ILE A 1 41 ? -7.168  4.239   -5.072  1.00 0.37 ? 287 ILE A N    1 
ATOM 559  C CA   . ILE A 1 41 ? -5.717  4.571   -5.139  1.00 0.36 ? 287 ILE A CA   1 
ATOM 560  C C    . ILE A 1 41 ? -5.524  5.825   -5.993  1.00 0.34 ? 287 ILE A C    1 
ATOM 561  O O    . ILE A 1 41 ? -5.656  5.791   -7.200  1.00 0.51 ? 287 ILE A O    1 
ATOM 562  C CB   . ILE A 1 41 ? -4.954  3.402   -5.765  1.00 0.39 ? 287 ILE A CB   1 
ATOM 563  C CG1  . ILE A 1 41 ? -4.890  2.243   -4.768  1.00 0.43 ? 287 ILE A CG1  1 
ATOM 564  C CG2  . ILE A 1 41 ? -3.533  3.849   -6.117  1.00 0.38 ? 287 ILE A CG2  1 
ATOM 565  C CD1  . ILE A 1 41 ? -4.153  2.694   -3.506  1.00 0.48 ? 287 ILE A CD1  1 
ATOM 566  H H    . ILE A 1 41 ? -7.585  3.716   -5.790  1.00 0.43 ? 287 ILE A H    1 
ATOM 567  H HA   . ILE A 1 41 ? -5.342  4.753   -4.142  1.00 0.36 ? 287 ILE A HA   1 
ATOM 568  H HB   . ILE A 1 41 ? -5.462  3.081   -6.663  1.00 0.40 ? 287 ILE A HB   1 
ATOM 569  H HG12 . ILE A 1 41 ? -5.894  1.936   -4.510  1.00 0.45 ? 287 ILE A HG12 1 
ATOM 570  H HG13 . ILE A 1 41 ? -4.363  1.414   -5.214  1.00 0.48 ? 287 ILE A HG13 1 
ATOM 571  H HG21 . ILE A 1 41 ? -3.391  4.874   -5.807  1.00 1.07 ? 287 ILE A HG21 1 
ATOM 572  H HG22 . ILE A 1 41 ? -2.821  3.217   -5.608  1.00 1.03 ? 287 ILE A HG22 1 
ATOM 573  H HG23 . ILE A 1 41 ? -3.386  3.772   -7.184  1.00 1.11 ? 287 ILE A HG23 1 
ATOM 574  H HD11 . ILE A 1 41 ? -3.577  3.581   -3.725  1.00 1.15 ? 287 ILE A HD11 1 
ATOM 575  H HD12 . ILE A 1 41 ? -4.871  2.913   -2.729  1.00 1.15 ? 287 ILE A HD12 1 
ATOM 576  H HD13 . ILE A 1 41 ? -3.492  1.908   -3.175  1.00 1.10 ? 287 ILE A HD13 1 
ATOM 577  N N    . GLN A 1 42 ? -5.217  6.933   -5.378  1.00 0.27 ? 288 GLN A N    1 
ATOM 578  C CA   . GLN A 1 42 ? -5.022  8.188   -6.157  1.00 0.28 ? 288 GLN A CA   1 
ATOM 579  C C    . GLN A 1 42 ? -3.599  8.229   -6.721  1.00 0.28 ? 288 GLN A C    1 
ATOM 580  O O    . GLN A 1 42 ? -3.363  8.747   -7.794  1.00 0.31 ? 288 GLN A O    1 
ATOM 581  C CB   . GLN A 1 42 ? -5.244  9.396   -5.244  1.00 0.33 ? 288 GLN A CB   1 
ATOM 582  C CG   . GLN A 1 42 ? -5.009  10.685  -6.035  1.00 0.82 ? 288 GLN A CG   1 
ATOM 583  C CD   . GLN A 1 42 ? -5.662  11.859  -5.303  1.00 1.17 ? 288 GLN A CD   1 
ATOM 584  O OE1  . GLN A 1 42 ? -5.530  11.991  -4.103  1.00 2.01 ? 288 GLN A OE1  1 
ATOM 585  N NE2  . GLN A 1 42 ? -6.365  12.725  -5.982  1.00 1.75 ? 288 GLN A NE2  1 
ATOM 586  H H    . GLN A 1 42 ? -5.119  6.942   -4.403  1.00 0.33 ? 288 GLN A H    1 
ATOM 587  H HA   . GLN A 1 42 ? -5.731  8.220   -6.971  1.00 0.31 ? 288 GLN A HA   1 
ATOM 588  H HB2  . GLN A 1 42 ? -6.256  9.382   -4.869  1.00 0.72 ? 288 GLN A HB2  1 
ATOM 589  H HB3  . GLN A 1 42 ? -4.552  9.354   -4.416  1.00 0.51 ? 288 GLN A HB3  1 
ATOM 590  H HG2  . GLN A 1 42 ? -3.947  10.862  -6.127  1.00 1.53 ? 288 GLN A HG2  1 
ATOM 591  H HG3  . GLN A 1 42 ? -5.444  10.589  -7.017  1.00 1.55 ? 288 GLN A HG3  1 
ATOM 592  H HE21 . GLN A 1 42 ? -6.470  12.618  -6.950  1.00 2.09 ? 288 GLN A HE21 1 
ATOM 593  H HE22 . GLN A 1 42 ? -6.787  13.480  -5.522  1.00 2.34 ? 288 GLN A HE22 1 
ATOM 594  N N    . ALA A 1 43 ? -2.648  7.690   -6.008  1.00 0.25 ? 289 ALA A N    1 
ATOM 595  C CA   . ALA A 1 43 ? -1.245  7.706   -6.511  1.00 0.26 ? 289 ALA A CA   1 
ATOM 596  C C    . ALA A 1 43 ? -0.407  6.686   -5.736  1.00 0.21 ? 289 ALA A C    1 
ATOM 597  O O    . ALA A 1 43 ? -0.835  6.146   -4.737  1.00 0.21 ? 289 ALA A O    1 
ATOM 598  C CB   . ALA A 1 43 ? -0.653  9.103   -6.316  1.00 0.29 ? 289 ALA A CB   1 
ATOM 599  H H    . ALA A 1 43 ? -2.855  7.278   -5.144  1.00 0.25 ? 289 ALA A H    1 
ATOM 600  H HA   . ALA A 1 43 ? -1.236  7.455   -7.561  1.00 0.30 ? 289 ALA A HA   1 
ATOM 601  H HB1  . ALA A 1 43 ? -1.146  9.590   -5.488  1.00 1.04 ? 289 ALA A HB1  1 
ATOM 602  H HB2  . ALA A 1 43 ? -0.798  9.684   -7.214  1.00 1.07 ? 289 ALA A HB2  1 
ATOM 603  H HB3  . ALA A 1 43 ? 0.404   9.020   -6.108  1.00 1.07 ? 289 ALA A HB3  1 
ATOM 604  N N    . SER A 1 44 ? 0.787   6.421   -6.194  1.00 0.21 ? 290 SER A N    1 
ATOM 605  C CA   . SER A 1 44 ? 1.658   5.437   -5.487  1.00 0.18 ? 290 SER A CA   1 
ATOM 606  C C    . SER A 1 44 ? 3.109   5.638   -5.931  1.00 0.18 ? 290 SER A C    1 
ATOM 607  O O    . SER A 1 44 ? 3.384   6.337   -6.886  1.00 0.21 ? 290 SER A O    1 
ATOM 608  C CB   . SER A 1 44 ? 1.210   4.017   -5.834  1.00 0.21 ? 290 SER A CB   1 
ATOM 609  O OG   . SER A 1 44 ? 1.366   3.804   -7.230  1.00 1.08 ? 290 SER A OG   1 
ATOM 610  H H    . SER A 1 44 ? 1.112   6.870   -7.001  1.00 0.26 ? 290 SER A H    1 
ATOM 611  H HA   . SER A 1 44 ? 1.583   5.590   -4.421  1.00 0.18 ? 290 SER A HA   1 
ATOM 612  H HB2  . SER A 1 44 ? 1.814   3.305   -5.297  1.00 0.83 ? 290 SER A HB2  1 
ATOM 613  H HB3  . SER A 1 44 ? 0.172   3.890   -5.554  1.00 0.78 ? 290 SER A HB3  1 
ATOM 614  H HG   . SER A 1 44 ? 2.245   4.101   -7.480  1.00 1.43 ? 290 SER A HG   1 
ATOM 615  N N    . TRP A 1 45 ? 4.041   5.031   -5.247  1.00 0.17 ? 291 TRP A N    1 
ATOM 616  C CA   . TRP A 1 45 ? 5.470   5.194   -5.637  1.00 0.20 ? 291 TRP A CA   1 
ATOM 617  C C    . TRP A 1 45 ? 6.336   4.204   -4.854  1.00 0.19 ? 291 TRP A C    1 
ATOM 618  O O    . TRP A 1 45 ? 5.886   3.580   -3.912  1.00 0.21 ? 291 TRP A O    1 
ATOM 619  C CB   . TRP A 1 45 ? 5.923   6.622   -5.325  1.00 0.23 ? 291 TRP A CB   1 
ATOM 620  C CG   . TRP A 1 45 ? 5.543   6.969   -3.922  1.00 0.21 ? 291 TRP A CG   1 
ATOM 621  C CD1  . TRP A 1 45 ? 6.324   6.770   -2.834  1.00 0.22 ? 291 TRP A CD1  1 
ATOM 622  C CD2  . TRP A 1 45 ? 4.308   7.569   -3.435  1.00 0.23 ? 291 TRP A CD2  1 
ATOM 623  N NE1  . TRP A 1 45 ? 5.645   7.210   -1.711  1.00 0.23 ? 291 TRP A NE1  1 
ATOM 624  C CE2  . TRP A 1 45 ? 4.398   7.711   -2.030  1.00 0.23 ? 291 TRP A CE2  1 
ATOM 625  C CE3  . TRP A 1 45 ? 3.128   7.998   -4.070  1.00 0.28 ? 291 TRP A CE3  1 
ATOM 626  C CZ2  . TRP A 1 45 ? 3.356   8.260   -1.283  1.00 0.27 ? 291 TRP A CZ2  1 
ATOM 627  C CZ3  . TRP A 1 45 ? 2.078   8.552   -3.320  1.00 0.33 ? 291 TRP A CZ3  1 
ATOM 628  C CH2  . TRP A 1 45 ? 2.192   8.682   -1.929  1.00 0.32 ? 291 TRP A CH2  1 
ATOM 629  H H    . TRP A 1 45 ? 3.802   4.471   -4.480  1.00 0.17 ? 291 TRP A H    1 
ATOM 630  H HA   . TRP A 1 45 ? 5.579   5.006   -6.695  1.00 0.22 ? 291 TRP A HA   1 
ATOM 631  H HB2  . TRP A 1 45 ? 6.995   6.692   -5.436  1.00 0.27 ? 291 TRP A HB2  1 
ATOM 632  H HB3  . TRP A 1 45 ? 5.445   7.308   -6.008  1.00 0.26 ? 291 TRP A HB3  1 
ATOM 633  H HD1  . TRP A 1 45 ? 7.314   6.339   -2.842  1.00 0.25 ? 291 TRP A HD1  1 
ATOM 634  H HE1  . TRP A 1 45 ? 5.990   7.179   -0.795  1.00 0.26 ? 291 TRP A HE1  1 
ATOM 635  H HE3  . TRP A 1 45 ? 3.030   7.902   -5.142  1.00 0.31 ? 291 TRP A HE3  1 
ATOM 636  H HZ2  . TRP A 1 45 ? 3.449   8.358   -0.210  1.00 0.29 ? 291 TRP A HZ2  1 
ATOM 637  H HZ3  . TRP A 1 45 ? 1.177   8.878   -3.818  1.00 0.39 ? 291 TRP A HZ3  1 
ATOM 638  H HH2  . TRP A 1 45 ? 1.381   9.108   -1.358  1.00 0.36 ? 291 TRP A HH2  1 
ATOM 639  N N    . ASN A 1 46 ? 7.575   4.056   -5.235  1.00 0.19 ? 292 ASN A N    1 
ATOM 640  C CA   . ASN A 1 46 ? 8.475   3.109   -4.516  1.00 0.19 ? 292 ASN A CA   1 
ATOM 641  C C    . ASN A 1 46 ? 8.035   1.669   -4.791  1.00 0.19 ? 292 ASN A C    1 
ATOM 642  O O    . ASN A 1 46 ? 8.581   0.730   -4.247  1.00 0.22 ? 292 ASN A O    1 
ATOM 643  C CB   . ASN A 1 46 ? 8.408   3.385   -3.012  1.00 0.20 ? 292 ASN A CB   1 
ATOM 644  C CG   . ASN A 1 46 ? 9.721   4.022   -2.551  1.00 0.41 ? 292 ASN A CG   1 
ATOM 645  O OD1  . ASN A 1 46 ? 10.672  4.094   -3.303  1.00 0.96 ? 292 ASN A OD1  1 
ATOM 646  N ND2  . ASN A 1 46 ? 9.812   4.492   -1.337  1.00 0.78 ? 292 ASN A ND2  1 
ATOM 647  H H    . ASN A 1 46 ? 7.916   4.570   -5.997  1.00 0.20 ? 292 ASN A H    1 
ATOM 648  H HA   . ASN A 1 46 ? 9.490   3.247   -4.861  1.00 0.21 ? 292 ASN A HA   1 
ATOM 649  H HB2  . ASN A 1 46 ? 7.588   4.056   -2.805  1.00 0.27 ? 292 ASN A HB2  1 
ATOM 650  H HB3  . ASN A 1 46 ? 8.257   2.456   -2.483  1.00 0.30 ? 292 ASN A HB3  1 
ATOM 651  H HD21 . ASN A 1 46 ? 9.044   4.435   -0.730  1.00 1.24 ? 292 ASN A HD21 1 
ATOM 652  H HD22 . ASN A 1 46 ? 10.649  4.902   -1.032  1.00 0.88 ? 292 ASN A HD22 1 
ATOM 653  N N    . ALA A 1 47 ? 7.055   1.487   -5.632  1.00 0.18 ? 293 ALA A N    1 
ATOM 654  C CA   . ALA A 1 47 ? 6.584   0.114   -5.939  1.00 0.19 ? 293 ALA A CA   1 
ATOM 655  C C    . ALA A 1 47 ? 5.497   0.176   -7.014  1.00 0.20 ? 293 ALA A C    1 
ATOM 656  O O    . ALA A 1 47 ? 4.729   1.114   -7.080  1.00 0.32 ? 293 ALA A O    1 
ATOM 657  C CB   . ALA A 1 47 ? 6.012   -0.514  -4.671  1.00 0.21 ? 293 ALA A CB   1 
ATOM 658  H H    . ALA A 1 47 ? 6.628   2.249   -6.059  1.00 0.18 ? 293 ALA A H    1 
ATOM 659  H HA   . ALA A 1 47 ? 7.411   -0.474  -6.295  1.00 0.22 ? 293 ALA A HA   1 
ATOM 660  H HB1  . ALA A 1 47 ? 5.578   0.260   -4.057  1.00 1.00 ? 293 ALA A HB1  1 
ATOM 661  H HB2  . ALA A 1 47 ? 5.253   -1.234  -4.935  1.00 1.02 ? 293 ALA A HB2  1 
ATOM 662  H HB3  . ALA A 1 47 ? 6.803   -1.006  -4.123  1.00 1.09 ? 293 ALA A HB3  1 
ATOM 663  N N    . ASN A 1 48 ? 5.425   -0.818  -7.856  1.00 0.25 ? 294 ASN A N    1 
ATOM 664  C CA   . ASN A 1 48 ? 4.386   -0.814  -8.924  1.00 0.27 ? 294 ASN A CA   1 
ATOM 665  C C    . ASN A 1 48 ? 3.049   -1.266  -8.334  1.00 0.31 ? 294 ASN A C    1 
ATOM 666  O O    . ASN A 1 48 ? 2.812   -2.441  -8.135  1.00 0.47 ? 294 ASN A O    1 
ATOM 667  C CB   . ASN A 1 48 ? 4.800   -1.772  -10.043 1.00 0.34 ? 294 ASN A CB   1 
ATOM 668  C CG   . ASN A 1 48 ? 6.001   -1.194  -10.793 1.00 0.48 ? 294 ASN A CG   1 
ATOM 669  O OD1  . ASN A 1 48 ? 5.845   -0.368  -11.670 1.00 0.82 ? 294 ASN A OD1  1 
ATOM 670  N ND2  . ASN A 1 48 ? 7.203   -1.597  -10.481 1.00 0.86 ? 294 ASN A ND2  1 
ATOM 671  H H    . ASN A 1 48 ? 6.053   -1.567  -7.786  1.00 0.35 ? 294 ASN A H    1 
ATOM 672  H HA   . ASN A 1 48 ? 4.284   0.184   -9.324  1.00 0.28 ? 294 ASN A HA   1 
ATOM 673  H HB2  . ASN A 1 48 ? 5.065   -2.729  -9.617  1.00 0.45 ? 294 ASN A HB2  1 
ATOM 674  H HB3  . ASN A 1 48 ? 3.977   -1.899  -10.730 1.00 0.44 ? 294 ASN A HB3  1 
ATOM 675  H HD21 . ASN A 1 48 ? 7.329   -2.263  -9.774  1.00 1.20 ? 294 ASN A HD21 1 
ATOM 676  H HD22 . ASN A 1 48 ? 7.980   -1.233  -10.956 1.00 1.01 ? 294 ASN A HD22 1 
ATOM 677  N N    . VAL A 1 49 ? 2.172   -0.341  -8.052  1.00 0.33 ? 295 VAL A N    1 
ATOM 678  C CA   . VAL A 1 49 ? 0.851   -0.717  -7.474  1.00 0.42 ? 295 VAL A CA   1 
ATOM 679  C C    . VAL A 1 49 ? -0.230  -0.591  -8.548  1.00 0.36 ? 295 VAL A C    1 
ATOM 680  O O    . VAL A 1 49 ? -0.252  0.354   -9.312  1.00 0.48 ? 295 VAL A O    1 
ATOM 681  C CB   . VAL A 1 49 ? 0.522   0.213   -6.306  1.00 0.59 ? 295 VAL A CB   1 
ATOM 682  C CG1  . VAL A 1 49 ? -0.884  -0.095  -5.788  1.00 1.04 ? 295 VAL A CG1  1 
ATOM 683  C CG2  . VAL A 1 49 ? 1.537   -0.001  -5.182  1.00 1.42 ? 295 VAL A CG2  1 
ATOM 684  H H    . VAL A 1 49 ? 2.383   0.601   -8.219  1.00 0.40 ? 295 VAL A H    1 
ATOM 685  H HA   . VAL A 1 49 ? 0.890   -1.738  -7.121  1.00 0.49 ? 295 VAL A HA   1 
ATOM 686  H HB   . VAL A 1 49 ? 0.564   1.240   -6.642  1.00 1.45 ? 295 VAL A HB   1 
ATOM 687  H HG11 . VAL A 1 49 ? -1.105  -1.140  -5.947  1.00 1.55 ? 295 VAL A HG11 1 
ATOM 688  H HG12 . VAL A 1 49 ? -0.935  0.127   -4.732  1.00 1.78 ? 295 VAL A HG12 1 
ATOM 689  H HG13 . VAL A 1 49 ? -1.605  0.509   -6.319  1.00 1.63 ? 295 VAL A HG13 1 
ATOM 690  H HG21 . VAL A 1 49 ? 2.225   -0.786  -5.462  1.00 1.97 ? 295 VAL A HG21 1 
ATOM 691  H HG22 . VAL A 1 49 ? 2.086   0.913   -5.012  1.00 2.00 ? 295 VAL A HG22 1 
ATOM 692  H HG23 . VAL A 1 49 ? 1.019   -0.284  -4.277  1.00 2.00 ? 295 VAL A HG23 1 
ATOM 693  N N    . THR A 1 50 ? -1.128  -1.536  -8.614  1.00 0.28 ? 296 THR A N    1 
ATOM 694  C CA   . THR A 1 50 ? -2.206  -1.467  -9.640  1.00 0.31 ? 296 THR A CA   1 
ATOM 695  C C    . THR A 1 50 ? -3.393  -2.323  -9.191  1.00 0.45 ? 296 THR A C    1 
ATOM 696  O O    . THR A 1 50 ? -3.245  -3.254  -8.425  1.00 0.76 ? 296 THR A O    1 
ATOM 697  C CB   . THR A 1 50 ? -1.675  -1.993  -10.975 1.00 0.70 ? 296 THR A CB   1 
ATOM 698  O OG1  . THR A 1 50 ? -0.841  -3.119  -10.740 1.00 0.98 ? 296 THR A OG1  1 
ATOM 699  C CG2  . THR A 1 50 ? -0.872  -0.897  -11.675 1.00 1.09 ? 296 THR A CG2  1 
ATOM 700  H H    . THR A 1 50 ? -1.093  -2.289  -7.988  1.00 0.30 ? 296 THR A H    1 
ATOM 701  H HA   . THR A 1 50 ? -2.527  -0.443  -9.758  1.00 0.55 ? 296 THR A HA   1 
ATOM 702  H HB   . THR A 1 50 ? -2.504  -2.283  -11.603 1.00 0.74 ? 296 THR A HB   1 
ATOM 703  H HG1  . THR A 1 50 ? -1.287  -3.896  -11.085 1.00 1.43 ? 296 THR A HG1  1 
ATOM 704  H HG21 . THR A 1 50 ? -1.150  0.066   -11.272 1.00 1.50 ? 296 THR A HG21 1 
ATOM 705  H HG22 . THR A 1 50 ? 0.182   -1.063  -11.513 1.00 1.54 ? 296 THR A HG22 1 
ATOM 706  H HG23 . THR A 1 50 ? -1.081  -0.918  -12.734 1.00 1.64 ? 296 THR A HG23 1 
ATOM 707  N N    . GLY A 1 51 ? -4.569  -2.015  -9.663  1.00 0.52 ? 297 GLY A N    1 
ATOM 708  C CA   . GLY A 1 51 ? -5.765  -2.811  -9.264  1.00 0.91 ? 297 GLY A CA   1 
ATOM 709  C C    . GLY A 1 51 ? -6.974  -2.367  -10.088 1.00 0.59 ? 297 GLY A C    1 
ATOM 710  O O    . GLY A 1 51 ? -6.842  -1.662  -11.070 1.00 1.10 ? 297 GLY A O    1 
ATOM 711  H H    . GLY A 1 51 ? -4.668  -1.261  -10.281 1.00 0.49 ? 297 GLY A H    1 
ATOM 712  H HA2  . GLY A 1 51 ? -5.572  -3.860  -9.440  1.00 1.60 ? 297 GLY A HA2  1 
ATOM 713  H HA3  . GLY A 1 51 ? -5.969  -2.653  -8.217  1.00 1.47 ? 297 GLY A HA3  1 
ATOM 714  N N    . SER A 1 52 ? -8.152  -2.768  -9.696  1.00 0.74 ? 298 SER A N    1 
ATOM 715  C CA   . SER A 1 52 ? -9.366  -2.368  -10.451 1.00 1.42 ? 298 SER A CA   1 
ATOM 716  C C    . SER A 1 52 ? -10.613 -2.764  -9.659  1.00 1.52 ? 298 SER A C    1 
ATOM 717  O O    . SER A 1 52 ? -11.352 -3.647  -10.046 1.00 2.09 ? 298 SER A O    1 
ATOM 718  C CB   . SER A 1 52 ? -9.377  -3.066  -11.811 1.00 2.25 ? 298 SER A CB   1 
ATOM 719  O OG   . SER A 1 52 ? -9.300  -2.088  -12.841 1.00 2.95 ? 298 SER A OG   1 
ATOM 720  H H    . SER A 1 52 ? -8.238  -3.328  -8.903  1.00 0.89 ? 298 SER A H    1 
ATOM 721  H HA   . SER A 1 52 ? -9.354  -1.303  -10.592 1.00 1.70 ? 298 SER A HA   1 
ATOM 722  H HB2  . SER A 1 52 ? -8.532  -3.728  -11.886 1.00 2.52 ? 298 SER A HB2  1 
ATOM 723  H HB3  . SER A 1 52 ? -10.290 -3.638  -11.913 1.00 2.70 ? 298 SER A HB3  1 
ATOM 724  H HG   . SER A 1 52 ? -9.037  -2.531  -13.651 1.00 3.38 ? 298 SER A HG   1 
ATOM 725  N N    . GLY A 1 53 ? -10.854 -2.117  -8.551  1.00 1.53 ? 299 GLY A N    1 
ATOM 726  C CA   . GLY A 1 53 ? -12.054 -2.457  -7.736  1.00 1.77 ? 299 GLY A CA   1 
ATOM 727  C C    . GLY A 1 53 ? -11.817 -2.048  -6.281  1.00 1.43 ? 299 GLY A C    1 
ATOM 728  O O    . GLY A 1 53 ? -12.006 -0.908  -5.907  1.00 2.17 ? 299 GLY A O    1 
ATOM 729  H H    . GLY A 1 53 ? -10.246 -1.407  -8.256  1.00 1.77 ? 299 GLY A H    1 
ATOM 730  H HA2  . GLY A 1 53 ? -12.914 -1.928  -8.124  1.00 2.11 ? 299 GLY A HA2  1 
ATOM 731  H HA3  . GLY A 1 53 ? -12.232 -3.520  -7.783  1.00 2.12 ? 299 GLY A HA3  1 
ATOM 732  N N    . SER A 1 54 ? -11.402 -2.971  -5.456  1.00 0.93 ? 300 SER A N    1 
ATOM 733  C CA   . SER A 1 54 ? -11.152 -2.634  -4.026  1.00 0.84 ? 300 SER A CA   1 
ATOM 734  C C    . SER A 1 54 ? -9.855  -3.301  -3.564  1.00 0.82 ? 300 SER A C    1 
ATOM 735  O O    . SER A 1 54 ? -9.662  -3.559  -2.393  1.00 1.43 ? 300 SER A O    1 
ATOM 736  C CB   . SER A 1 54 ? -12.316 -3.139  -3.173  1.00 1.12 ? 300 SER A CB   1 
ATOM 737  O OG   . SER A 1 54 ? -13.236 -2.077  -2.957  1.00 1.76 ? 300 SER A OG   1 
ATOM 738  H H    . SER A 1 54 ? -11.254 -3.885  -5.778  1.00 1.37 ? 300 SER A H    1 
ATOM 739  H HA   . SER A 1 54 ? -11.065 -1.563  -3.918  1.00 1.03 ? 300 SER A HA   1 
ATOM 740  H HB2  . SER A 1 54 ? -12.818 -3.944  -3.685  1.00 1.49 ? 300 SER A HB2  1 
ATOM 741  H HB3  . SER A 1 54 ? -11.937 -3.500  -2.226  1.00 1.64 ? 300 SER A HB3  1 
ATOM 742  H HG   . SER A 1 54 ? -13.967 -2.419  -2.439  1.00 2.19 ? 300 SER A HG   1 
ATOM 743  N N    . THR A 1 55 ? -8.961  -3.576  -4.474  1.00 0.39 ? 301 THR A N    1 
ATOM 744  C CA   . THR A 1 55 ? -7.680  -4.218  -4.090  1.00 0.35 ? 301 THR A CA   1 
ATOM 745  C C    . THR A 1 55 ? -6.644  -3.997  -5.193  1.00 0.31 ? 301 THR A C    1 
ATOM 746  O O    . THR A 1 55 ? -6.964  -3.981  -6.365  1.00 0.40 ? 301 THR A O    1 
ATOM 747  C CB   . THR A 1 55 ? -7.899  -5.719  -3.882  1.00 0.42 ? 301 THR A CB   1 
ATOM 748  O OG1  . THR A 1 55 ? -8.842  -6.193  -4.833  1.00 0.57 ? 301 THR A OG1  1 
ATOM 749  C CG2  . THR A 1 55 ? -8.426  -5.970  -2.469  1.00 0.47 ? 301 THR A CG2  1 
ATOM 750  H H    . THR A 1 55 ? -9.130  -3.356  -5.407  1.00 0.67 ? 301 THR A H    1 
ATOM 751  H HA   . THR A 1 55 ? -7.330  -3.775  -3.177  1.00 0.39 ? 301 THR A HA   1 
ATOM 752  H HB   . THR A 1 55 ? -6.963  -6.240  -4.011  1.00 0.56 ? 301 THR A HB   1 
ATOM 753  H HG1  . THR A 1 55 ? -8.466  -6.964  -5.265  1.00 1.06 ? 301 THR A HG1  1 
ATOM 754  H HG21 . THR A 1 55 ? -8.030  -5.221  -1.799  1.00 1.17 ? 301 THR A HG21 1 
ATOM 755  H HG22 . THR A 1 55 ? -9.504  -5.917  -2.472  1.00 1.13 ? 301 THR A HG22 1 
ATOM 756  H HG23 . THR A 1 55 ? -8.114  -6.949  -2.138  1.00 1.11 ? 301 THR A HG23 1 
ATOM 757  N N    . ARG A 1 56 ? -5.403  -3.824  -4.828  1.00 0.36 ? 302 ARG A N    1 
ATOM 758  C CA   . ARG A 1 56 ? -4.346  -3.605  -5.853  1.00 0.35 ? 302 ARG A CA   1 
ATOM 759  C C    . ARG A 1 56 ? -3.095  -4.402  -5.475  1.00 0.34 ? 302 ARG A C    1 
ATOM 760  O O    . ARG A 1 56 ? -2.691  -4.432  -4.330  1.00 0.56 ? 302 ARG A O    1 
ATOM 761  C CB   . ARG A 1 56 ? -4.001  -2.116  -5.919  1.00 0.42 ? 302 ARG A CB   1 
ATOM 762  C CG   . ARG A 1 56 ? -5.291  -1.292  -5.938  1.00 0.58 ? 302 ARG A CG   1 
ATOM 763  C CD   . ARG A 1 56 ? -5.179  -0.192  -6.995  1.00 1.13 ? 302 ARG A CD   1 
ATOM 764  N NE   . ARG A 1 56 ? -6.393  0.671   -6.942  1.00 1.25 ? 302 ARG A NE   1 
ATOM 765  C CZ   . ARG A 1 56 ? -7.192  0.738   -7.971  1.00 1.89 ? 302 ARG A CZ   1 
ATOM 766  N NH1  . ARG A 1 56 ? -6.706  0.965   -9.161  1.00 2.61 ? 302 ARG A NH1  1 
ATOM 767  N NH2  . ARG A 1 56 ? -8.477  0.577   -7.812  1.00 2.48 ? 302 ARG A NH2  1 
ATOM 768  H H    . ARG A 1 56 ? -5.166  -3.841  -3.877  1.00 0.49 ? 302 ARG A H    1 
ATOM 769  H HA   . ARG A 1 56 ? -4.705  -3.934  -6.818  1.00 0.36 ? 302 ARG A HA   1 
ATOM 770  H HB2  . ARG A 1 56 ? -3.412  -1.844  -5.055  1.00 0.53 ? 302 ARG A HB2  1 
ATOM 771  H HB3  . ARG A 1 56 ? -3.436  -1.916  -6.817  1.00 0.50 ? 302 ARG A HB3  1 
ATOM 772  H HG2  . ARG A 1 56 ? -6.125  -1.938  -6.174  1.00 1.14 ? 302 ARG A HG2  1 
ATOM 773  H HG3  . ARG A 1 56 ? -5.446  -0.844  -4.968  1.00 1.17 ? 302 ARG A HG3  1 
ATOM 774  H HD2  . ARG A 1 56 ? -4.302  0.407   -6.800  1.00 1.83 ? 302 ARG A HD2  1 
ATOM 775  H HD3  . ARG A 1 56 ? -5.099  -0.640  -7.974  1.00 1.80 ? 302 ARG A HD3  1 
ATOM 776  H HE   . ARG A 1 56 ? -6.591  1.189   -6.133  1.00 1.48 ? 302 ARG A HE   1 
ATOM 777  H HH11 . ARG A 1 56 ? -5.721  1.088   -9.283  1.00 2.92 ? 302 ARG A HH11 1 
ATOM 778  H HH12 . ARG A 1 56 ? -7.318  1.016   -9.950  1.00 3.18 ? 302 ARG A HH12 1 
ATOM 779  H HH21 . ARG A 1 56 ? -8.850  0.403   -6.900  1.00 2.69 ? 302 ARG A HH21 1 
ATOM 780  H HH22 . ARG A 1 56 ? -9.089  0.628   -8.600  1.00 3.09 ? 302 ARG A HH22 1 
ATOM 781  N N    . THR A 1 57 ? -2.480  -5.049  -6.427  1.00 0.27 ? 303 THR A N    1 
ATOM 782  C CA   . THR A 1 57 ? -1.259  -5.843  -6.118  1.00 0.25 ? 303 THR A CA   1 
ATOM 783  C C    . THR A 1 57 ? -0.036  -4.922  -6.118  1.00 0.23 ? 303 THR A C    1 
ATOM 784  O O    . THR A 1 57 ? 0.217   -4.212  -7.070  1.00 0.24 ? 303 THR A O    1 
ATOM 785  C CB   . THR A 1 57 ? -1.076  -6.932  -7.178  1.00 0.31 ? 303 THR A CB   1 
ATOM 786  O OG1  . THR A 1 57 ? -2.203  -7.797  -7.165  1.00 0.36 ? 303 THR A OG1  1 
ATOM 787  C CG2  . THR A 1 57 ? 0.190   -7.735  -6.876  1.00 0.37 ? 303 THR A CG2  1 
ATOM 788  H H    . THR A 1 57 ? -2.823  -5.013  -7.344  1.00 0.41 ? 303 THR A H    1 
ATOM 789  H HA   . THR A 1 57 ? -1.364  -6.302  -5.146  1.00 0.25 ? 303 THR A HA   1 
ATOM 790  H HB   . THR A 1 57 ? -0.984  -6.475  -8.152  1.00 0.36 ? 303 THR A HB   1 
ATOM 791  H HG1  . THR A 1 57 ? -2.590  -7.766  -6.287  1.00 0.98 ? 303 THR A HG1  1 
ATOM 792  H HG21 . THR A 1 57 ? 0.275   -7.885  -5.810  1.00 1.13 ? 303 THR A HG21 1 
ATOM 793  H HG22 . THR A 1 57 ? 0.136   -8.693  -7.371  1.00 1.09 ? 303 THR A HG22 1 
ATOM 794  H HG23 . THR A 1 57 ? 1.053   -7.193  -7.235  1.00 1.00 ? 303 THR A HG23 1 
ATOM 795  N N    . VAL A 1 58 ? 0.723   -4.929  -5.057  1.00 0.22 ? 304 VAL A N    1 
ATOM 796  C CA   . VAL A 1 58 ? 1.927   -4.053  -4.997  1.00 0.21 ? 304 VAL A CA   1 
ATOM 797  C C    . VAL A 1 58 ? 3.173   -4.874  -5.338  1.00 0.22 ? 304 VAL A C    1 
ATOM 798  O O    . VAL A 1 58 ? 3.219   -6.068  -5.121  1.00 0.23 ? 304 VAL A O    1 
ATOM 799  C CB   . VAL A 1 58 ? 2.069   -3.476  -3.589  1.00 0.22 ? 304 VAL A CB   1 
ATOM 800  C CG1  . VAL A 1 58 ? 3.371   -2.679  -3.491  1.00 0.22 ? 304 VAL A CG1  1 
ATOM 801  C CG2  . VAL A 1 58 ? 0.883   -2.554  -3.295  1.00 0.24 ? 304 VAL A CG2  1 
ATOM 802  H H    . VAL A 1 58 ? 0.501   -5.509  -4.298  1.00 0.23 ? 304 VAL A H    1 
ATOM 803  H HA   . VAL A 1 58 ? 1.822   -3.247  -5.708  1.00 0.22 ? 304 VAL A HA   1 
ATOM 804  H HB   . VAL A 1 58 ? 2.087   -4.283  -2.869  1.00 0.23 ? 304 VAL A HB   1 
ATOM 805  H HG11 . VAL A 1 58 ? 3.619   -2.276  -4.461  1.00 0.93 ? 304 VAL A HG11 1 
ATOM 806  H HG12 . VAL A 1 58 ? 3.246   -1.870  -2.786  1.00 0.97 ? 304 VAL A HG12 1 
ATOM 807  H HG13 . VAL A 1 58 ? 4.165   -3.328  -3.155  1.00 0.95 ? 304 VAL A HG13 1 
ATOM 808  H HG21 . VAL A 1 58 ? 0.356   -2.342  -4.214  1.00 1.00 ? 304 VAL A HG21 1 
ATOM 809  H HG22 . VAL A 1 58 ? 0.214   -3.038  -2.599  1.00 0.96 ? 304 VAL A HG22 1 
ATOM 810  H HG23 . VAL A 1 58 ? 1.243   -1.631  -2.865  1.00 1.00 ? 304 VAL A HG23 1 
ATOM 811  N N    . THR A 1 59 ? 4.183   -4.242  -5.869  1.00 0.27 ? 305 THR A N    1 
ATOM 812  C CA   . THR A 1 59 ? 5.425   -4.987  -6.223  1.00 0.31 ? 305 THR A CA   1 
ATOM 813  C C    . THR A 1 59 ? 6.638   -4.074  -6.024  1.00 0.27 ? 305 THR A C    1 
ATOM 814  O O    . THR A 1 59 ? 6.555   -2.879  -6.223  1.00 0.31 ? 305 THR A O    1 
ATOM 815  C CB   . THR A 1 59 ? 5.355   -5.432  -7.685  1.00 0.37 ? 305 THR A CB   1 
ATOM 816  O OG1  . THR A 1 59 ? 4.690   -4.437  -8.451  1.00 0.60 ? 305 THR A OG1  1 
ATOM 817  C CG2  . THR A 1 59 ? 4.587   -6.751  -7.782  1.00 0.80 ? 305 THR A CG2  1 
ATOM 818  H H    . THR A 1 59 ? 4.126   -3.278  -6.035  1.00 0.31 ? 305 THR A H    1 
ATOM 819  H HA   . THR A 1 59 ? 5.517   -5.853  -5.586  1.00 0.40 ? 305 THR A HA   1 
ATOM 820  H HB   . THR A 1 59 ? 6.354   -5.574  -8.067  1.00 0.47 ? 305 THR A HB   1 
ATOM 821  H HG1  . THR A 1 59 ? 4.885   -4.596  -9.377  1.00 1.11 ? 305 THR A HG1  1 
ATOM 822  H HG21 . THR A 1 59 ? 4.373   -7.117  -6.789  1.00 1.16 ? 305 THR A HG21 1 
ATOM 823  H HG22 . THR A 1 59 ? 3.660   -6.590  -8.314  1.00 1.46 ? 305 THR A HG22 1 
ATOM 824  H HG23 . THR A 1 59 ? 5.184   -7.478  -8.312  1.00 1.46 ? 305 THR A HG23 1 
ATOM 825  N N    . PRO A 1 60 ? 7.733   -4.673  -5.637  1.00 0.33 ? 306 PRO A N    1 
ATOM 826  C CA   . PRO A 1 60 ? 8.994   -3.951  -5.397  1.00 0.35 ? 306 PRO A CA   1 
ATOM 827  C C    . PRO A 1 60 ? 9.689   -3.634  -6.725  1.00 0.29 ? 306 PRO A C    1 
ATOM 828  O O    . PRO A 1 60 ? 9.654   -4.414  -7.655  1.00 0.33 ? 306 PRO A O    1 
ATOM 829  C CB   . PRO A 1 60 ? 9.821   -4.940  -4.570  1.00 0.51 ? 306 PRO A CB   1 
ATOM 830  C CG   . PRO A 1 60 ? 9.240   -6.344  -4.862  1.00 0.59 ? 306 PRO A CG   1 
ATOM 831  C CD   . PRO A 1 60 ? 7.813   -6.128  -5.400  1.00 0.49 ? 306 PRO A CD   1 
ATOM 832  H HA   . PRO A 1 60 ? 8.819   -3.052  -4.830  1.00 0.43 ? 306 PRO A HA   1 
ATOM 833  H HB2  . PRO A 1 60 ? 10.859  -4.894  -4.869  1.00 0.50 ? 306 PRO A HB2  1 
ATOM 834  H HB3  . PRO A 1 60 ? 9.725   -4.718  -3.519  1.00 0.63 ? 306 PRO A HB3  1 
ATOM 835  H HG2  . PRO A 1 60 ? 9.847   -6.848  -5.603  1.00 0.61 ? 306 PRO A HG2  1 
ATOM 836  H HG3  . PRO A 1 60 ? 9.203   -6.926  -3.954  1.00 0.74 ? 306 PRO A HG3  1 
ATOM 837  H HD2  . PRO A 1 60 ? 7.671   -6.674  -6.322  1.00 0.51 ? 306 PRO A HD2  1 
ATOM 838  H HD3  . PRO A 1 60 ? 7.082   -6.428  -4.665  1.00 0.58 ? 306 PRO A HD3  1 
ATOM 839  N N    . ASN A 1 61 ? 10.321  -2.497  -6.817  1.00 0.37 ? 307 ASN A N    1 
ATOM 840  C CA   . ASN A 1 61 ? 11.017  -2.132  -8.083  1.00 0.48 ? 307 ASN A CA   1 
ATOM 841  C C    . ASN A 1 61 ? 12.459  -2.639  -8.036  1.00 0.57 ? 307 ASN A C    1 
ATOM 842  O O    . ASN A 1 61 ? 13.069  -2.900  -9.054  1.00 0.71 ? 307 ASN A O    1 
ATOM 843  C CB   . ASN A 1 61 ? 11.016  -0.611  -8.247  1.00 0.67 ? 307 ASN A CB   1 
ATOM 844  C CG   . ASN A 1 61 ? 11.490  0.043   -6.949  1.00 1.06 ? 307 ASN A CG   1 
ATOM 845  O OD1  . ASN A 1 61 ? 12.664  0.306   -6.781  1.00 1.91 ? 307 ASN A OD1  1 
ATOM 846  N ND2  . ASN A 1 61 ? 10.621  0.319   -6.015  1.00 1.45 ? 307 ASN A ND2  1 
ATOM 847  H H    . ASN A 1 61 ? 10.338  -1.882  -6.054  1.00 0.45 ? 307 ASN A H    1 
ATOM 848  H HA   . ASN A 1 61 ? 10.504  -2.585  -8.919  1.00 0.51 ? 307 ASN A HA   1 
ATOM 849  H HB2  . ASN A 1 61 ? 11.680  -0.336  -9.054  1.00 1.41 ? 307 ASN A HB2  1 
ATOM 850  H HB3  . ASN A 1 61 ? 10.015  -0.274  -8.472  1.00 1.24 ? 307 ASN A HB3  1 
ATOM 851  H HD21 . ASN A 1 61 ? 9.673   0.107   -6.150  1.00 1.48 ? 307 ASN A HD21 1 
ATOM 852  H HD22 . ASN A 1 61 ? 10.914  0.738   -5.180  1.00 2.14 ? 307 ASN A HD22 1 
ATOM 853  N N    . GLY A 1 62 ? 13.011  -2.781  -6.861  1.00 0.58 ? 308 GLY A N    1 
ATOM 854  C CA   . GLY A 1 62 ? 14.414  -3.272  -6.752  1.00 0.76 ? 308 GLY A CA   1 
ATOM 855  C C    . GLY A 1 62 ? 15.170  -2.430  -5.722  1.00 0.95 ? 308 GLY A C    1 
ATOM 856  O O    . GLY A 1 62 ? 16.273  -2.756  -5.330  1.00 1.33 ? 308 GLY A O    1 
ATOM 857  H H    . GLY A 1 62 ? 12.502  -2.565  -6.052  1.00 0.52 ? 308 GLY A H    1 
ATOM 858  H HA2  . GLY A 1 62 ? 14.409  -4.307  -6.440  1.00 0.99 ? 308 GLY A HA2  1 
ATOM 859  H HA3  . GLY A 1 62 ? 14.901  -3.186  -7.710  1.00 0.76 ? 308 GLY A HA3  1 
ATOM 860  N N    . SER A 1 63 ? 14.586  -1.351  -5.280  1.00 0.94 ? 309 SER A N    1 
ATOM 861  C CA   . SER A 1 63 ? 15.272  -0.490  -4.277  1.00 1.29 ? 309 SER A CA   1 
ATOM 862  C C    . SER A 1 63 ? 14.229  0.312   -3.495  1.00 0.86 ? 309 SER A C    1 
ATOM 863  O O    . SER A 1 63 ? 14.522  1.351   -2.937  1.00 1.04 ? 309 SER A O    1 
ATOM 864  C CB   . SER A 1 63 ? 16.221  0.471   -4.993  1.00 1.85 ? 309 SER A CB   1 
ATOM 865  O OG   . SER A 1 63 ? 17.370  0.686   -4.185  1.00 2.53 ? 309 SER A OG   1 
ATOM 866  H H    . SER A 1 63 ? 13.696  -1.105  -5.609  1.00 0.88 ? 309 SER A H    1 
ATOM 867  H HA   . SER A 1 63 ? 15.834  -1.110  -3.595  1.00 1.74 ? 309 SER A HA   1 
ATOM 868  H HB2  . SER A 1 63 ? 16.525  0.046   -5.935  1.00 2.18 ? 309 SER A HB2  1 
ATOM 869  H HB3  . SER A 1 63 ? 15.713  1.410   -5.173  1.00 2.08 ? 309 SER A HB3  1 
ATOM 870  H HG   . SER A 1 63 ? 18.137  0.717   -4.761  1.00 2.87 ? 309 SER A HG   1 
ATOM 871  N N    . GLY A 1 64 ? 13.014  -0.162  -3.450  1.00 0.59 ? 310 GLY A N    1 
ATOM 872  C CA   . GLY A 1 64 ? 11.955  0.574   -2.703  1.00 0.82 ? 310 GLY A CA   1 
ATOM 873  C C    . GLY A 1 64 ? 11.095  -0.418  -1.920  1.00 0.69 ? 310 GLY A C    1 
ATOM 874  O O    . GLY A 1 64 ? 9.915   -0.567  -2.173  1.00 1.06 ? 310 GLY A O    1 
ATOM 875  H H    . GLY A 1 64 ? 12.798  -1.002  -3.906  1.00 0.64 ? 310 GLY A H    1 
ATOM 876  H HA2  . GLY A 1 64 ? 12.417  1.270   -2.017  1.00 0.99 ? 310 GLY A HA2  1 
ATOM 877  H HA3  . GLY A 1 64 ? 11.333  1.115   -3.399  1.00 1.23 ? 310 GLY A HA3  1 
ATOM 878  N N    . ASN A 1 65 ? 11.675  -1.100  -0.972  1.00 0.33 ? 311 ASN A N    1 
ATOM 879  C CA   . ASN A 1 65 ? 10.891  -2.083  -0.173  1.00 0.22 ? 311 ASN A CA   1 
ATOM 880  C C    . ASN A 1 65 ? 9.658   -1.394  0.416   1.00 0.20 ? 311 ASN A C    1 
ATOM 881  O O    . ASN A 1 65 ? 8.592   -1.972  0.497   1.00 0.26 ? 311 ASN A O    1 
ATOM 882  C CB   . ASN A 1 65 ? 11.762  -2.629  0.960   1.00 0.28 ? 311 ASN A CB   1 
ATOM 883  C CG   . ASN A 1 65 ? 12.696  -3.710  0.414   1.00 0.46 ? 311 ASN A CG   1 
ATOM 884  O OD1  . ASN A 1 65 ? 12.926  -3.784  -0.777  1.00 1.18 ? 311 ASN A OD1  1 
ATOM 885  N ND2  . ASN A 1 65 ? 13.245  -4.559  1.238   1.00 1.11 ? 311 ASN A ND2  1 
ATOM 886  H H    . ASN A 1 65 ? 12.628  -0.966  -0.785  1.00 0.49 ? 311 ASN A H    1 
ATOM 887  H HA   . ASN A 1 65 ? 10.579  -2.898  -0.811  1.00 0.29 ? 311 ASN A HA   1 
ATOM 888  H HB2  . ASN A 1 65 ? 12.348  -1.825  1.382   1.00 0.42 ? 311 ASN A HB2  1 
ATOM 889  H HB3  . ASN A 1 65 ? 11.131  -3.054  1.726   1.00 0.41 ? 311 ASN A HB3  1 
ATOM 890  H HD21 . ASN A 1 65 ? 13.059  -4.500  2.199   1.00 1.81 ? 311 ASN A HD21 1 
ATOM 891  H HD22 . ASN A 1 65 ? 13.844  -5.256  0.898   1.00 1.20 ? 311 ASN A HD22 1 
ATOM 892  N N    . THR A 1 66 ? 9.795   -0.164  0.826   1.00 0.20 ? 312 THR A N    1 
ATOM 893  C CA   . THR A 1 66 ? 8.630   0.562   1.408   1.00 0.18 ? 312 THR A CA   1 
ATOM 894  C C    . THR A 1 66 ? 7.950   1.391   0.316   1.00 0.20 ? 312 THR A C    1 
ATOM 895  O O    . THR A 1 66 ? 8.578   2.189   -0.349  1.00 0.24 ? 312 THR A O    1 
ATOM 896  C CB   . THR A 1 66 ? 9.115   1.491   2.524   1.00 0.21 ? 312 THR A CB   1 
ATOM 897  O OG1  . THR A 1 66 ? 9.782   0.725   3.519   1.00 0.22 ? 312 THR A OG1  1 
ATOM 898  C CG2  . THR A 1 66 ? 7.918   2.210   3.148   1.00 0.21 ? 312 THR A CG2  1 
ATOM 899  H H    . THR A 1 66 ? 10.663  0.284   0.752   1.00 0.26 ? 312 THR A H    1 
ATOM 900  H HA   . THR A 1 66 ? 7.927   -0.151  1.812   1.00 0.16 ? 312 THR A HA   1 
ATOM 901  H HB   . THR A 1 66 ? 9.796   2.221   2.116   1.00 0.28 ? 312 THR A HB   1 
ATOM 902  H HG1  . THR A 1 66 ? 10.720  0.921   3.465   1.00 0.74 ? 312 THR A HG1  1 
ATOM 903  H HG21 . THR A 1 66 ? 7.067   2.131   2.488   1.00 1.01 ? 312 THR A HG21 1 
ATOM 904  H HG22 . THR A 1 66 ? 7.680   1.758   4.099   1.00 1.04 ? 312 THR A HG22 1 
ATOM 905  H HG23 . THR A 1 66 ? 8.163   3.252   3.297   1.00 1.05 ? 312 THR A HG23 1 
ATOM 906  N N    . PHE A 1 67 ? 6.672   1.207   0.127   1.00 0.21 ? 313 PHE A N    1 
ATOM 907  C CA   . PHE A 1 67 ? 5.958   1.987   -0.923  1.00 0.24 ? 313 PHE A CA   1 
ATOM 908  C C    . PHE A 1 67 ? 4.998   2.978   -0.262  1.00 0.18 ? 313 PHE A C    1 
ATOM 909  O O    . PHE A 1 67 ? 4.723   2.899   0.918   1.00 0.16 ? 313 PHE A O    1 
ATOM 910  C CB   . PHE A 1 67 ? 5.171   1.034   -1.828  1.00 0.29 ? 313 PHE A CB   1 
ATOM 911  C CG   . PHE A 1 67 ? 3.952   0.515   -1.098  1.00 0.26 ? 313 PHE A CG   1 
ATOM 912  C CD1  . PHE A 1 67 ? 2.872   1.369   -0.835  1.00 1.19 ? 313 PHE A CD1  1 
ATOM 913  C CD2  . PHE A 1 67 ? 3.901   -0.823  -0.689  1.00 1.23 ? 313 PHE A CD2  1 
ATOM 914  C CE1  . PHE A 1 67 ? 1.744   0.885   -0.162  1.00 1.20 ? 313 PHE A CE1  1 
ATOM 915  C CE2  . PHE A 1 67 ? 2.772   -1.307  -0.017  1.00 1.25 ? 313 PHE A CE2  1 
ATOM 916  C CZ   . PHE A 1 67 ? 1.694   -0.452  0.248   1.00 0.34 ? 313 PHE A CZ   1 
ATOM 917  H H    . PHE A 1 67 ? 6.182   0.558   0.674   1.00 0.22 ? 313 PHE A H    1 
ATOM 918  H HA   . PHE A 1 67 ? 6.680   2.531   -1.516  1.00 0.31 ? 313 PHE A HA   1 
ATOM 919  H HB2  . PHE A 1 67 ? 4.859   1.560   -2.718  1.00 0.34 ? 313 PHE A HB2  1 
ATOM 920  H HB3  . PHE A 1 67 ? 5.802   0.202   -2.106  1.00 0.35 ? 313 PHE A HB3  1 
ATOM 921  H HD1  . PHE A 1 67 ? 2.911   2.400   -1.151  1.00 2.10 ? 313 PHE A HD1  1 
ATOM 922  H HD2  . PHE A 1 67 ? 4.732   -1.482  -0.890  1.00 2.13 ? 313 PHE A HD2  1 
ATOM 923  H HE1  . PHE A 1 67 ? 0.913   1.544   0.045   1.00 2.10 ? 313 PHE A HE1  1 
ATOM 924  H HE2  . PHE A 1 67 ? 2.733   -2.338  0.299   1.00 2.15 ? 313 PHE A HE2  1 
ATOM 925  H HZ   . PHE A 1 67 ? 0.823   -0.827  0.766   1.00 0.41 ? 313 PHE A HZ   1 
ATOM 926  N N    . GLY A 1 68 ? 4.483   3.907   -1.018  1.00 0.20 ? 314 GLY A N    1 
ATOM 927  C CA   . GLY A 1 68 ? 3.536   4.900   -0.438  1.00 0.19 ? 314 GLY A CA   1 
ATOM 928  C C    . GLY A 1 68 ? 2.475   5.257   -1.481  1.00 0.19 ? 314 GLY A C    1 
ATOM 929  O O    . GLY A 1 68 ? 2.782   5.504   -2.630  1.00 0.25 ? 314 GLY A O    1 
ATOM 930  H H    . GLY A 1 68 ? 4.716   3.950   -1.969  1.00 0.25 ? 314 GLY A H    1 
ATOM 931  H HA2  . GLY A 1 68 ? 3.059   4.473   0.433   1.00 0.19 ? 314 GLY A HA2  1 
ATOM 932  H HA3  . GLY A 1 68 ? 4.074   5.791   -0.156  1.00 0.24 ? 314 GLY A HA3  1 
ATOM 933  N N    . VAL A 1 69 ? 1.230   5.282   -1.094  1.00 0.16 ? 315 VAL A N    1 
ATOM 934  C CA   . VAL A 1 69 ? 0.157   5.618   -2.071  1.00 0.18 ? 315 VAL A CA   1 
ATOM 935  C C    . VAL A 1 69 ? -0.909  6.478   -1.389  1.00 0.19 ? 315 VAL A C    1 
ATOM 936  O O    . VAL A 1 69 ? -1.127  6.385   -0.198  1.00 0.35 ? 315 VAL A O    1 
ATOM 937  C CB   . VAL A 1 69 ? -0.485  4.328   -2.586  1.00 0.20 ? 315 VAL A CB   1 
ATOM 938  C CG1  . VAL A 1 69 ? 0.608   3.366   -3.054  1.00 0.21 ? 315 VAL A CG1  1 
ATOM 939  C CG2  . VAL A 1 69 ? -1.288  3.675   -1.459  1.00 0.23 ? 315 VAL A CG2  1 
ATOM 940  H H    . VAL A 1 69 ? 0.999   5.077   -0.162  1.00 0.18 ? 315 VAL A H    1 
ATOM 941  H HA   . VAL A 1 69 ? 0.583   6.164   -2.900  1.00 0.19 ? 315 VAL A HA   1 
ATOM 942  H HB   . VAL A 1 69 ? -1.140  4.558   -3.413  1.00 0.24 ? 315 VAL A HB   1 
ATOM 943  H HG11 . VAL A 1 69 ? 1.497   3.925   -3.308  1.00 1.01 ? 315 VAL A HG11 1 
ATOM 944  H HG12 . VAL A 1 69 ? 0.836   2.667   -2.264  1.00 1.05 ? 315 VAL A HG12 1 
ATOM 945  H HG13 . VAL A 1 69 ? 0.264   2.827   -3.925  1.00 1.05 ? 315 VAL A HG13 1 
ATOM 946  H HG21 . VAL A 1 69 ? -0.633  3.456   -0.629  1.00 1.03 ? 315 VAL A HG21 1 
ATOM 947  H HG22 . VAL A 1 69 ? -2.066  4.349   -1.135  1.00 1.05 ? 315 VAL A HG22 1 
ATOM 948  H HG23 . VAL A 1 69 ? -1.732  2.759   -1.819  1.00 1.05 ? 315 VAL A HG23 1 
ATOM 949  N N    . THR A 1 70 ? -1.578  7.311   -2.138  1.00 0.19 ? 316 THR A N    1 
ATOM 950  C CA   . THR A 1 70 ? -2.633  8.173   -1.535  1.00 0.20 ? 316 THR A CA   1 
ATOM 951  C C    . THR A 1 70 ? -3.913  7.353   -1.359  1.00 0.22 ? 316 THR A C    1 
ATOM 952  O O    . THR A 1 70 ? -4.291  6.583   -2.219  1.00 0.49 ? 316 THR A O    1 
ATOM 953  C CB   . THR A 1 70 ? -2.908  9.364   -2.459  1.00 0.24 ? 316 THR A CB   1 
ATOM 954  O OG1  . THR A 1 70 ? -1.834  10.289  -2.366  1.00 0.26 ? 316 THR A OG1  1 
ATOM 955  C CG2  . THR A 1 70 ? -4.211  10.047  -2.043  1.00 0.29 ? 316 THR A CG2  1 
ATOM 956  H H    . THR A 1 70 ? -1.389  7.368   -3.099  1.00 0.30 ? 316 THR A H    1 
ATOM 957  H HA   . THR A 1 70 ? -2.300  8.533   -0.573  1.00 0.19 ? 316 THR A HA   1 
ATOM 958  H HB   . THR A 1 70 ? -2.996  9.016   -3.477  1.00 0.25 ? 316 THR A HB   1 
ATOM 959  H HG1  . THR A 1 70 ? -1.340  10.255  -3.188  1.00 0.86 ? 316 THR A HG1  1 
ATOM 960  H HG21 . THR A 1 70 ? -4.393  9.868   -0.994  1.00 1.07 ? 316 THR A HG21 1 
ATOM 961  H HG22 . THR A 1 70 ? -4.131  11.110  -2.219  1.00 1.03 ? 316 THR A HG22 1 
ATOM 962  H HG23 . THR A 1 70 ? -5.029  9.647   -2.624  1.00 1.07 ? 316 THR A HG23 1 
ATOM 963  N N    . VAL A 1 71 ? -4.584  7.512   -0.252  1.00 0.24 ? 317 VAL A N    1 
ATOM 964  C CA   . VAL A 1 71 ? -5.836  6.740   -0.022  1.00 0.23 ? 317 VAL A CA   1 
ATOM 965  C C    . VAL A 1 71 ? -7.039  7.677   -0.114  1.00 0.23 ? 317 VAL A C    1 
ATOM 966  O O    . VAL A 1 71 ? -7.273  8.483   0.765   1.00 0.44 ? 317 VAL A O    1 
ATOM 967  C CB   . VAL A 1 71 ? -5.803  6.106   1.369   1.00 0.23 ? 317 VAL A CB   1 
ATOM 968  C CG1  . VAL A 1 71 ? -7.150  5.443   1.657   1.00 0.35 ? 317 VAL A CG1  1 
ATOM 969  C CG2  . VAL A 1 71 ? -4.695  5.054   1.432   1.00 0.27 ? 317 VAL A CG2  1 
ATOM 970  H H    . VAL A 1 71 ? -4.262  8.138   0.431   1.00 0.46 ? 317 VAL A H    1 
ATOM 971  H HA   . VAL A 1 71 ? -5.924  5.964   -0.769  1.00 0.24 ? 317 VAL A HA   1 
ATOM 972  H HB   . VAL A 1 71 ? -5.615  6.874   2.107   1.00 0.27 ? 317 VAL A HB   1 
ATOM 973  H HG11 . VAL A 1 71 ? -7.612  5.150   0.726   1.00 1.05 ? 317 VAL A HG11 1 
ATOM 974  H HG12 . VAL A 1 71 ? -6.996  4.569   2.274   1.00 1.01 ? 317 VAL A HG12 1 
ATOM 975  H HG13 . VAL A 1 71 ? -7.792  6.141   2.174   1.00 1.16 ? 317 VAL A HG13 1 
ATOM 976  H HG21 . VAL A 1 71 ? -4.773  4.397   0.579   1.00 1.03 ? 317 VAL A HG21 1 
ATOM 977  H HG22 . VAL A 1 71 ? -3.732  5.543   1.425   1.00 1.04 ? 317 VAL A HG22 1 
ATOM 978  H HG23 . VAL A 1 71 ? -4.800  4.479   2.341   1.00 1.07 ? 317 VAL A HG23 1 
ATOM 979  N N    . MET A 1 72 ? -7.812  7.576   -1.159  1.00 0.25 ? 318 MET A N    1 
ATOM 980  C CA   . MET A 1 72 ? -9.002  8.460   -1.285  1.00 0.27 ? 318 MET A CA   1 
ATOM 981  C C    . MET A 1 72 ? -9.949  8.184   -0.118  1.00 0.26 ? 318 MET A C    1 
ATOM 982  O O    . MET A 1 72 ? -10.834 7.356   -0.206  1.00 0.35 ? 318 MET A O    1 
ATOM 983  C CB   . MET A 1 72 ? -9.716  8.178   -2.607  1.00 0.30 ? 318 MET A CB   1 
ATOM 984  C CG   . MET A 1 72 ? -9.144  9.084   -3.699  1.00 0.35 ? 318 MET A CG   1 
ATOM 985  S SD   . MET A 1 72 ? -10.136 10.594  -3.812  1.00 1.43 ? 318 MET A SD   1 
ATOM 986  C CE   . MET A 1 72 ? -8.880  11.737  -3.188  1.00 1.11 ? 318 MET A CE   1 
ATOM 987  H H    . MET A 1 72 ? -7.613  6.915   -1.855  1.00 0.41 ? 318 MET A H    1 
ATOM 988  H HA   . MET A 1 72 ? -8.687  9.494   -1.256  1.00 0.28 ? 318 MET A HA   1 
ATOM 989  H HB2  . MET A 1 72 ? -9.570  7.144   -2.883  1.00 0.31 ? 318 MET A HB2  1 
ATOM 990  H HB3  . MET A 1 72 ? -10.772 8.374   -2.496  1.00 0.32 ? 318 MET A HB3  1 
ATOM 991  H HG2  . MET A 1 72 ? -8.124  9.342   -3.454  1.00 0.85 ? 318 MET A HG2  1 
ATOM 992  H HG3  . MET A 1 72 ? -9.168  8.566   -4.647  1.00 0.94 ? 318 MET A HG3  1 
ATOM 993  H HE1  . MET A 1 72 ? -7.954  11.202  -3.030  1.00 1.53 ? 318 MET A HE1  1 
ATOM 994  H HE2  . MET A 1 72 ? -8.719  12.525  -3.907  1.00 1.46 ? 318 MET A HE2  1 
ATOM 995  H HE3  . MET A 1 72 ? -9.217  12.167  -2.255  1.00 1.43 ? 318 MET A HE3  1 
ATOM 996  N N    . LYS A 1 73 ? -9.761  8.865   0.978   1.00 0.30 ? 319 LYS A N    1 
ATOM 997  C CA   . LYS A 1 73 ? -10.639 8.640   2.159   1.00 0.34 ? 319 LYS A CA   1 
ATOM 998  C C    . LYS A 1 73 ? -12.092 8.493   1.705   1.00 0.33 ? 319 LYS A C    1 
ATOM 999  O O    . LYS A 1 73 ? -12.815 7.640   2.181   1.00 0.38 ? 319 LYS A O    1 
ATOM 1000 C CB   . LYS A 1 73 ? -10.519 9.830   3.114   1.00 0.46 ? 319 LYS A CB   1 
ATOM 1001 C CG   . LYS A 1 73 ? -9.177  9.767   3.843   1.00 0.46 ? 319 LYS A CG   1 
ATOM 1002 C CD   . LYS A 1 73 ? -9.132  10.848  4.925   1.00 0.71 ? 319 LYS A CD   1 
ATOM 1003 C CE   . LYS A 1 73 ? -7.734  10.899  5.540   1.00 0.66 ? 319 LYS A CE   1 
ATOM 1004 N NZ   . LYS A 1 73 ? -7.795  11.598  6.855   1.00 0.70 ? 319 LYS A NZ   1 
ATOM 1005 H H    . LYS A 1 73 ? -9.038  9.522   1.026   1.00 0.39 ? 319 LYS A H    1 
ATOM 1006 H HA   . LYS A 1 73 ? -10.330 7.740   2.668   1.00 0.38 ? 319 LYS A HA   1 
ATOM 1007 H HB2  . LYS A 1 73 ? -10.581 10.750  2.551   1.00 0.83 ? 319 LYS A HB2  1 
ATOM 1008 H HB3  . LYS A 1 73 ? -11.320 9.795   3.836   1.00 0.82 ? 319 LYS A HB3  1 
ATOM 1009 H HG2  . LYS A 1 73 ? -9.060  8.795   4.298   1.00 0.96 ? 319 LYS A HG2  1 
ATOM 1010 H HG3  . LYS A 1 73 ? -8.377  9.933   3.139   1.00 0.96 ? 319 LYS A HG3  1 
ATOM 1011 H HD2  . LYS A 1 73 ? -9.367  11.807  4.483   1.00 1.14 ? 319 LYS A HD2  1 
ATOM 1012 H HD3  . LYS A 1 73 ? -9.855  10.618  5.693   1.00 1.17 ? 319 LYS A HD3  1 
ATOM 1013 H HE2  . LYS A 1 73 ? -7.367  9.892   5.685   1.00 0.85 ? 319 LYS A HE2  1 
ATOM 1014 H HE3  . LYS A 1 73 ? -7.068  11.434  4.879   1.00 0.79 ? 319 LYS A HE3  1 
ATOM 1015 H HZ1  . LYS A 1 73 ? -8.787  11.694  7.151   1.00 1.32 ? 319 LYS A HZ1  1 
ATOM 1016 H HZ2  . LYS A 1 73 ? -7.276  11.045  7.567   1.00 1.24 ? 319 LYS A HZ2  1 
ATOM 1017 H HZ3  . LYS A 1 73 ? -7.365  12.541  6.766   1.00 1.09 ? 319 LYS A HZ3  1 
ATOM 1018 N N    . ASN A 1 74 ? -12.524 9.317   0.789   1.00 0.38 ? 320 ASN A N    1 
ATOM 1019 C CA   . ASN A 1 74 ? -13.933 9.225   0.307   1.00 0.47 ? 320 ASN A CA   1 
ATOM 1020 C C    . ASN A 1 74 ? -14.856 8.909   1.483   1.00 0.48 ? 320 ASN A C    1 
ATOM 1021 O O    . ASN A 1 74 ? -15.718 8.057   1.400   1.00 0.56 ? 320 ASN A O    1 
ATOM 1022 C CB   . ASN A 1 74 ? -14.043 8.117   -0.743  1.00 0.55 ? 320 ASN A CB   1 
ATOM 1023 C CG   . ASN A 1 74 ? -13.504 8.625   -2.082  1.00 0.64 ? 320 ASN A CG   1 
ATOM 1024 O OD1  . ASN A 1 74 ? -13.357 9.815   -2.278  1.00 0.97 ? 320 ASN A OD1  1 
ATOM 1025 N ND2  . ASN A 1 74 ? -13.201 7.767   -3.018  1.00 0.63 ? 320 ASN A ND2  1 
ATOM 1026 H H    . ASN A 1 74 ? -11.923 9.996   0.419   1.00 0.41 ? 320 ASN A H    1 
ATOM 1027 H HA   . ASN A 1 74 ? -14.222 10.168  -0.132  1.00 0.55 ? 320 ASN A HA   1 
ATOM 1028 H HB2  . ASN A 1 74 ? -13.467 7.261   -0.424  1.00 0.55 ? 320 ASN A HB2  1 
ATOM 1029 H HB3  . ASN A 1 74 ? -15.078 7.833   -0.858  1.00 0.65 ? 320 ASN A HB3  1 
ATOM 1030 H HD21 . ASN A 1 74 ? -13.319 6.808   -2.859  1.00 0.77 ? 320 ASN A HD21 1 
ATOM 1031 H HD22 . ASN A 1 74 ? -12.855 8.083   -3.878  1.00 0.70 ? 320 ASN A HD22 1 
ATOM 1032 N N    . GLY A 1 75 ? -14.680 9.592   2.580   1.00 0.48 ? 321 GLY A N    1 
ATOM 1033 C CA   . GLY A 1 75 ? -15.546 9.335   3.767   1.00 0.55 ? 321 GLY A CA   1 
ATOM 1034 C C    . GLY A 1 75 ? -14.894 8.279   4.662   1.00 0.66 ? 321 GLY A C    1 
ATOM 1035 O O    . GLY A 1 75 ? -15.560 7.591   5.410   1.00 1.17 ? 321 GLY A O    1 
ATOM 1036 H H    . GLY A 1 75 ? -13.979 10.275  2.623   1.00 0.50 ? 321 GLY A H    1 
ATOM 1037 H HA2  . GLY A 1 75 ? -15.673 10.253  4.323   1.00 0.60 ? 321 GLY A HA2  1 
ATOM 1038 H HA3  . GLY A 1 75 ? -16.510 8.978   3.438   1.00 0.65 ? 321 GLY A HA3  1 
ATOM 1039 N N    . SER A 1 76 ? -13.597 8.145   4.596   1.00 0.51 ? 322 SER A N    1 
ATOM 1040 C CA   . SER A 1 76 ? -12.908 7.132   5.446   1.00 0.59 ? 322 SER A CA   1 
ATOM 1041 C C    . SER A 1 76 ? -11.438 7.520   5.615   1.00 0.39 ? 322 SER A C    1 
ATOM 1042 O O    . SER A 1 76 ? -10.672 7.509   4.673   1.00 0.51 ? 322 SER A O    1 
ATOM 1043 C CB   . SER A 1 76 ? -13.000 5.760   4.778   1.00 0.95 ? 322 SER A CB   1 
ATOM 1044 O OG   . SER A 1 76 ? -14.208 5.124   5.175   1.00 1.49 ? 322 SER A OG   1 
ATOM 1045 H H    . SER A 1 76 ? -13.077 8.709   3.987   1.00 0.76 ? 322 SER A H    1 
ATOM 1046 H HA   . SER A 1 76 ? -13.384 7.093   6.415   1.00 0.74 ? 322 SER A HA   1 
ATOM 1047 H HB2  . SER A 1 76 ? -12.997 5.879   3.707   1.00 1.42 ? 322 SER A HB2  1 
ATOM 1048 H HB3  . SER A 1 76 ? -12.150 5.159   5.074   1.00 1.34 ? 322 SER A HB3  1 
ATOM 1049 H HG   . SER A 1 76 ? -13.980 4.379   5.736   1.00 1.79 ? 322 SER A HG   1 
ATOM 1050 N N    . SER A 1 77 ? -11.036 7.863   6.809   1.00 0.45 ? 323 SER A N    1 
ATOM 1051 C CA   . SER A 1 77 ? -9.614  8.251   7.033   1.00 0.48 ? 323 SER A CA   1 
ATOM 1052 C C    . SER A 1 77 ? -8.862  7.086   7.682   1.00 0.47 ? 323 SER A C    1 
ATOM 1053 O O    . SER A 1 77 ? -7.864  7.275   8.348   1.00 0.70 ? 323 SER A O    1 
ATOM 1054 C CB   . SER A 1 77 ? -9.559  9.469   7.958   1.00 0.73 ? 323 SER A CB   1 
ATOM 1055 O OG   . SER A 1 77 ? -10.158 9.141   9.205   1.00 1.46 ? 323 SER A OG   1 
ATOM 1056 H H    . SER A 1 77 ? -11.670 7.866   7.556   1.00 0.66 ? 323 SER A H    1 
ATOM 1057 H HA   . SER A 1 77 ? -9.153  8.495   6.089   1.00 0.49 ? 323 SER A HA   1 
ATOM 1058 H HB2  . SER A 1 77 ? -8.534  9.753   8.120   1.00 1.31 ? 323 SER A HB2  1 
ATOM 1059 H HB3  . SER A 1 77 ? -10.089 10.292  7.498   1.00 1.28 ? 323 SER A HB3  1 
ATOM 1060 H HG   . SER A 1 77 ? -10.097 8.190   9.323   1.00 1.82 ? 323 SER A HG   1 
ATOM 1061 N N    . THR A 1 78 ? -9.334  5.884   7.496   1.00 0.37 ? 324 THR A N    1 
ATOM 1062 C CA   . THR A 1 78 ? -8.647  4.713   8.106   1.00 0.39 ? 324 THR A CA   1 
ATOM 1063 C C    . THR A 1 78 ? -7.603  4.160   7.132   1.00 0.33 ? 324 THR A C    1 
ATOM 1064 O O    . THR A 1 78 ? -7.769  4.212   5.929   1.00 0.35 ? 324 THR A O    1 
ATOM 1065 C CB   . THR A 1 78 ? -9.690  3.636   8.435   1.00 0.52 ? 324 THR A CB   1 
ATOM 1066 O OG1  . THR A 1 78 ? -9.850  3.551   9.844   1.00 1.07 ? 324 THR A OG1  1 
ATOM 1067 C CG2  . THR A 1 78 ? -9.238  2.279   7.891   1.00 0.69 ? 324 THR A CG2  1 
ATOM 1068 H H    . THR A 1 78 ? -10.142 5.751   6.958   1.00 0.44 ? 324 THR A H    1 
ATOM 1069 H HA   . THR A 1 78 ? -8.155  5.023   9.015   1.00 0.44 ? 324 THR A HA   1 
ATOM 1070 H HB   . THR A 1 78 ? -10.633 3.902   7.983   1.00 0.67 ? 324 THR A HB   1 
ATOM 1071 H HG1  . THR A 1 78 ? -10.771 3.354   10.027  1.00 1.42 ? 324 THR A HG1  1 
ATOM 1072 H HG21 . THR A 1 78 ? -9.065  2.360   6.829   1.00 1.22 ? 324 THR A HG21 1 
ATOM 1073 H HG22 . THR A 1 78 ? -8.326  1.979   8.384   1.00 1.28 ? 324 THR A HG22 1 
ATOM 1074 H HG23 . THR A 1 78 ? -10.007 1.544   8.074   1.00 1.30 ? 324 THR A HG23 1 
ATOM 1075 N N    . THR A 1 79 ? -6.531  3.622   7.646   1.00 0.32 ? 325 THR A N    1 
ATOM 1076 C CA   . THR A 1 79 ? -5.475  3.055   6.760   1.00 0.29 ? 325 THR A CA   1 
ATOM 1077 C C    . THR A 1 79 ? -5.984  1.747   6.152   1.00 0.24 ? 325 THR A C    1 
ATOM 1078 O O    . THR A 1 79 ? -6.746  1.033   6.773   1.00 0.25 ? 325 THR A O    1 
ATOM 1079 C CB   . THR A 1 79 ? -4.214  2.781   7.591   1.00 0.33 ? 325 THR A CB   1 
ATOM 1080 O OG1  . THR A 1 79 ? -3.583  4.014   7.906   1.00 0.64 ? 325 THR A OG1  1 
ATOM 1081 C CG2  . THR A 1 79 ? -3.236  1.895   6.806   1.00 0.32 ? 325 THR A CG2  1 
ATOM 1082 H H    . THR A 1 79 ? -6.422  3.586   8.620   1.00 0.38 ? 325 THR A H    1 
ATOM 1083 H HA   . THR A 1 79 ? -5.246  3.757   5.973   1.00 0.32 ? 325 THR A HA   1 
ATOM 1084 H HB   . THR A 1 79 ? -4.491  2.278   8.505   1.00 0.49 ? 325 THR A HB   1 
ATOM 1085 H HG1  . THR A 1 79 ? -3.676  4.596   7.148   1.00 1.04 ? 325 THR A HG1  1 
ATOM 1086 H HG21 . THR A 1 79 ? -3.784  1.231   6.155   1.00 1.04 ? 325 THR A HG21 1 
ATOM 1087 H HG22 . THR A 1 79 ? -2.582  2.519   6.214   1.00 1.08 ? 325 THR A HG22 1 
ATOM 1088 H HG23 . THR A 1 79 ? -2.645  1.313   7.498   1.00 1.11 ? 325 THR A HG23 1 
ATOM 1089 N N    . PRO A 1 80 ? -5.539  1.471   4.957   1.00 0.21 ? 326 PRO A N    1 
ATOM 1090 C CA   . PRO A 1 80 ? -5.921  0.249   4.237   1.00 0.20 ? 326 PRO A CA   1 
ATOM 1091 C C    . PRO A 1 80 ? -5.206  -0.969  4.820   1.00 0.17 ? 326 PRO A C    1 
ATOM 1092 O O    . PRO A 1 80 ? -4.340  -0.851  5.663   1.00 0.19 ? 326 PRO A O    1 
ATOM 1093 C CB   . PRO A 1 80 ? -5.478  0.524   2.797   1.00 0.21 ? 326 PRO A CB   1 
ATOM 1094 C CG   . PRO A 1 80 ? -4.417  1.644   2.863   1.00 0.21 ? 326 PRO A CG   1 
ATOM 1095 C CD   . PRO A 1 80 ? -4.607  2.347   4.219   1.00 0.22 ? 326 PRO A CD   1 
ATOM 1096 H HA   . PRO A 1 80 ? -6.989  0.112   4.270   1.00 0.24 ? 326 PRO A HA   1 
ATOM 1097 H HB2  . PRO A 1 80 ? -5.036  -0.370  2.378   1.00 0.20 ? 326 PRO A HB2  1 
ATOM 1098 H HB3  . PRO A 1 80 ? -6.316  0.847   2.201   1.00 0.26 ? 326 PRO A HB3  1 
ATOM 1099 H HG2  . PRO A 1 80 ? -3.426  1.222   2.792   1.00 0.18 ? 326 PRO A HG2  1 
ATOM 1100 H HG3  . PRO A 1 80 ? -4.576  2.350   2.063   1.00 0.25 ? 326 PRO A HG3  1 
ATOM 1101 H HD2  . PRO A 1 80 ? -3.663  2.421   4.734   1.00 0.22 ? 326 PRO A HD2  1 
ATOM 1102 H HD3  . PRO A 1 80 ? -5.043  3.324   4.081   1.00 0.26 ? 326 PRO A HD3  1 
ATOM 1103 N N    . ALA A 1 81 ? -5.570  -2.139  4.379   1.00 0.18 ? 327 ALA A N    1 
ATOM 1104 C CA   . ALA A 1 81 ? -4.918  -3.367  4.906   1.00 0.18 ? 327 ALA A CA   1 
ATOM 1105 C C    . ALA A 1 81 ? -3.854  -3.829  3.913   1.00 0.17 ? 327 ALA A C    1 
ATOM 1106 O O    . ALA A 1 81 ? -3.976  -3.627  2.721   1.00 0.25 ? 327 ALA A O    1 
ATOM 1107 C CB   . ALA A 1 81 ? -5.963  -4.469  5.083   1.00 0.25 ? 327 ALA A CB   1 
ATOM 1108 H H    . ALA A 1 81 ? -6.273  -2.208  3.702   1.00 0.21 ? 327 ALA A H    1 
ATOM 1109 H HA   . ALA A 1 81 ? -4.454  -3.151  5.857   1.00 0.19 ? 327 ALA A HA   1 
ATOM 1110 H HB1  . ALA A 1 81 ? -6.644  -4.196  5.876   1.00 1.00 ? 327 ALA A HB1  1 
ATOM 1111 H HB2  . ALA A 1 81 ? -6.515  -4.595  4.163   1.00 1.09 ? 327 ALA A HB2  1 
ATOM 1112 H HB3  . ALA A 1 81 ? -5.469  -5.396  5.336   1.00 1.06 ? 327 ALA A HB3  1 
ATOM 1113 N N    . ALA A 1 82 ? -2.810  -4.443  4.389   1.00 0.18 ? 328 ALA A N    1 
ATOM 1114 C CA   . ALA A 1 82 ? -1.746  -4.907  3.462   1.00 0.19 ? 328 ALA A CA   1 
ATOM 1115 C C    . ALA A 1 82 ? -1.231  -6.273  3.912   1.00 0.21 ? 328 ALA A C    1 
ATOM 1116 O O    . ALA A 1 82 ? -0.949  -6.494  5.074   1.00 0.24 ? 328 ALA A O    1 
ATOM 1117 C CB   . ALA A 1 82 ? -0.595  -3.901  3.462   1.00 0.26 ? 328 ALA A CB   1 
ATOM 1118 H H    . ALA A 1 82 ? -2.726  -4.596  5.353   1.00 0.24 ? 328 ALA A H    1 
ATOM 1119 H HA   . ALA A 1 82 ? -2.150  -4.989  2.464   1.00 0.21 ? 328 ALA A HA   1 
ATOM 1120 H HB1  . ALA A 1 82 ? -0.994  -2.899  3.391   1.00 1.02 ? 328 ALA A HB1  1 
ATOM 1121 H HB2  . ALA A 1 82 ? 0.049   -4.095  2.617   1.00 1.06 ? 328 ALA A HB2  1 
ATOM 1122 H HB3  . ALA A 1 82 ? -0.030  -4.000  4.376   1.00 1.08 ? 328 ALA A HB3  1 
ATOM 1123 N N    . THR A 1 83 ? -1.103  -7.191  2.996   1.00 0.22 ? 329 THR A N    1 
ATOM 1124 C CA   . THR A 1 83 ? -0.603  -8.546  3.357   1.00 0.26 ? 329 THR A CA   1 
ATOM 1125 C C    . THR A 1 83 ? 0.572   -8.904  2.449   1.00 0.23 ? 329 THR A C    1 
ATOM 1126 O O    . THR A 1 83 ? 0.719   -8.366  1.371   1.00 0.24 ? 329 THR A O    1 
ATOM 1127 C CB   . THR A 1 83 ? -1.722  -9.573  3.175   1.00 0.34 ? 329 THR A CB   1 
ATOM 1128 O OG1  . THR A 1 83 ? -2.599  -9.140  2.144   1.00 0.36 ? 329 THR A OG1  1 
ATOM 1129 C CG2  . THR A 1 83 ? -2.498  -9.721  4.483   1.00 0.42 ? 329 THR A CG2  1 
ATOM 1130 H H    . THR A 1 83 ? -1.334  -6.985  2.066   1.00 0.23 ? 329 THR A H    1 
ATOM 1131 H HA   . THR A 1 83 ? -0.276  -8.547  4.386   1.00 0.30 ? 329 THR A HA   1 
ATOM 1132 H HB   . THR A 1 83 ? -1.295  -10.526 2.907   1.00 0.36 ? 329 THR A HB   1 
ATOM 1133 H HG1  . THR A 1 83 ? -3.001  -9.918  1.751   1.00 0.92 ? 329 THR A HG1  1 
ATOM 1134 H HG21 . THR A 1 83 ? -1.818  -10.004 5.273   1.00 0.99 ? 329 THR A HG21 1 
ATOM 1135 H HG22 . THR A 1 83 ? -2.966  -8.780  4.732   1.00 1.07 ? 329 THR A HG22 1 
ATOM 1136 H HG23 . THR A 1 83 ? -3.256  -10.482 4.370   1.00 1.10 ? 329 THR A HG23 1 
ATOM 1137 N N    . CYS A 1 84 ? 1.413   -9.803  2.875   1.00 0.26 ? 330 CYS A N    1 
ATOM 1138 C CA   . CYS A 1 84 ? 2.578   -10.180 2.029   1.00 0.27 ? 330 CYS A CA   1 
ATOM 1139 C C    . CYS A 1 84 ? 2.812   -11.689 2.105   1.00 0.26 ? 330 CYS A C    1 
ATOM 1140 O O    . CYS A 1 84 ? 2.279   -12.371 2.957   1.00 0.32 ? 330 CYS A O    1 
ATOM 1141 C CB   . CYS A 1 84 ? 3.820   -9.445  2.528   1.00 0.33 ? 330 CYS A CB   1 
ATOM 1142 S SG   . CYS A 1 84 ? 5.045   -9.362  1.199   1.00 0.48 ? 330 CYS A SG   1 
ATOM 1143 H H    . CYS A 1 84 ? 1.282   -10.224 3.750   1.00 0.30 ? 330 CYS A H    1 
ATOM 1144 H HA   . CYS A 1 84 ? 2.383   -9.899  1.005   1.00 0.35 ? 330 CYS A HA   1 
ATOM 1145 H HB2  . CYS A 1 84 ? 3.548   -8.445  2.828   1.00 0.41 ? 330 CYS A HB2  1 
ATOM 1146 H HB3  . CYS A 1 84 ? 4.238   -9.974  3.371   1.00 0.29 ? 330 CYS A HB3  1 
ATOM 1147 N N    . ALA A 1 85 ? 3.612   -12.213 1.217   1.00 0.34 ? 331 ALA A N    1 
ATOM 1148 C CA   . ALA A 1 85 ? 3.890   -13.676 1.229   1.00 0.45 ? 331 ALA A CA   1 
ATOM 1149 C C    . ALA A 1 85 ? 5.230   -13.939 0.542   1.00 0.53 ? 331 ALA A C    1 
ATOM 1150 O O    . ALA A 1 85 ? 5.637   -13.214 -0.345  1.00 0.48 ? 331 ALA A O    1 
ATOM 1151 C CB   . ALA A 1 85 ? 2.779   -14.412 0.476   1.00 0.53 ? 331 ALA A CB   1 
ATOM 1152 H H    . ALA A 1 85 ? 4.030   -11.641 0.540   1.00 0.39 ? 331 ALA A H    1 
ATOM 1153 H HA   . ALA A 1 85 ? 3.930   -14.028 2.248   1.00 0.51 ? 331 ALA A HA   1 
ATOM 1154 H HB1  . ALA A 1 85 ? 3.087   -15.430 0.288   1.00 1.09 ? 331 ALA A HB1  1 
ATOM 1155 H HB2  . ALA A 1 85 ? 1.879   -14.412 1.072   1.00 1.25 ? 331 ALA A HB2  1 
ATOM 1156 H HB3  . ALA A 1 85 ? 2.590   -13.914 -0.463  1.00 1.15 ? 331 ALA A HB3  1 
ATOM 1157 N N    . GLY A 1 86 ? 5.923   -14.968 0.942   1.00 0.75 ? 332 GLY A N    1 
ATOM 1158 C CA   . GLY A 1 86 ? 7.238   -15.271 0.309   1.00 0.92 ? 332 GLY A CA   1 
ATOM 1159 C C    . GLY A 1 86 ? 7.016   -16.076 -0.972  1.00 0.97 ? 332 GLY A C    1 
ATOM 1160 O O    . GLY A 1 86 ? 6.343   -17.087 -0.973  1.00 1.35 ? 332 GLY A O    1 
ATOM 1161 H H    . GLY A 1 86 ? 5.580   -15.541 1.660   1.00 0.84 ? 332 GLY A H    1 
ATOM 1162 H HA2  . GLY A 1 86 ? 7.743   -14.346 0.072   1.00 1.34 ? 332 GLY A HA2  1 
ATOM 1163 H HA3  . GLY A 1 86 ? 7.843   -15.848 0.992   1.00 1.48 ? 332 GLY A HA3  1 
ATOM 1164 N N    . SER A 1 87 ? 7.576   -15.633 -2.066  1.00 1.26 ? 333 SER A N    1 
ATOM 1165 C CA   . SER A 1 87 ? 7.396   -16.373 -3.347  1.00 2.21 ? 333 SER A CA   1 
ATOM 1166 C C    . SER A 1 87 ? 8.763   -16.625 -3.987  1.00 2.77 ? 333 SER A C    1 
ATOM 1167 O O    . SER A 1 87 ? 8.795   -17.199 -5.063  1.00 3.20 ? 333 SER A O    1 
ATOM 1168 C CB   . SER A 1 87 ? 6.533   -15.543 -4.297  1.00 2.85 ? 333 SER A CB   1 
ATOM 1169 O OG   . SER A 1 87 ? 5.905   -16.406 -5.236  1.00 3.25 ? 333 SER A OG   1 
ATOM 1170 O OXT  . SER A 1 87 ? 9.754   -16.239 -3.389  1.00 3.30 ? 333 SER A OXT  1 
ATOM 1171 H H    . SER A 1 87 ? 8.115   -14.815 -2.043  1.00 0.99 ? 333 SER A H    1 
ATOM 1172 H HA   . SER A 1 87 ? 6.910   -17.318 -3.152  1.00 2.44 ? 333 SER A HA   1 
ATOM 1173 H HB2  . SER A 1 87 ? 5.777   -15.020 -3.736  1.00 3.26 ? 333 SER A HB2  1 
ATOM 1174 H HB3  . SER A 1 87 ? 7.157   -14.826 -4.813  1.00 3.22 ? 333 SER A HB3  1 
ATOM 1175 H HG   . SER A 1 87 ? 5.353   -15.869 -5.810  1.00 3.51 ? 333 SER A HG   1 
# 
